data_7KTX
#
_entry.id   7KTX
#
_cell.length_a   1.00
_cell.length_b   1.00
_cell.length_c   1.00
_cell.angle_alpha   90.00
_cell.angle_beta   90.00
_cell.angle_gamma   90.00
#
_symmetry.space_group_name_H-M   'P 1'
#
loop_
_entity.id
_entity.type
_entity.pdbx_description
1 polymer 'ER membrane protein complex subunit 1'
2 polymer 'ER membrane protein complex subunit 2'
3 polymer 'ER membrane protein complex subunit 3'
4 polymer 'ER membrane protein complex subunit 4'
5 polymer 'ER membrane protein complex subunit 5'
6 polymer 'ER membrane protein complex subunit 6'
7 polymer 'Protein SOP4'
8 polymer 'Endoplasmic reticulum membrane protein complex subunit 10'
9 polymer 'Fab DH4 heavy chain'
10 polymer 'Fab DH4 light chain'
11 polymer 'Unassigned helix'
12 non-polymer 2-acetamido-2-deoxy-beta-D-glucopyranose
#
loop_
_entity_poly.entity_id
_entity_poly.type
_entity_poly.pdbx_seq_one_letter_code
_entity_poly.pdbx_strand_id
1 'polypeptide(L)'
;MKITCTDLVYVFILLFLNTSCVQAVFSDDAFITDWQLANLGPWEKVIPDSRDRNRVLILSNPTETSCLVSSFNVSSGQIL
FRNVLPFTIDEIQLDSNDHNAMVCVNSSSNHWQKYDLHDWFLLEEGVDNAPSTTILPQSSYLNDQVSIKNNELHILDEQS
KLAEWKLELPQGFNKVEYFHREDPLALVLNVNDTQYMGFSANGTELIPVWQRDEWLTNVVDYAVLDVFDSRDVELNKDMK
AELDSNSLWNAYWLRLTTNWNRLINLLKENQFSPGRVFTKLLALDAKDTTVSDLKFGFAKILIVLTHDGFIGGLDMVNKG
QLIWKLDLEIDQGVKMFWTDKNHDELVVFSHDGHYLTIEVTKDQPIIKSRSPLSERKTVDSVIRLNEHDHQYLIKFEDKD
HLLFKLNPGKNTDVPIVANNHSSSHIFVTEHDTNGIYGYIIENDTVKQTWKKAVNSKEKMVAYSKRETTNLNTLGITLGD
KSVLYKYLYPNLAAYLIANEEHHTITFNLIDTITGEILITQEHKDSPDFRFPMDIVFGEYWVVYSYFSSEPVPEQKLVVV
ELYESLTPDERLSNSSDNFSYDPLTGHINKPQFQTKQFIFPEIIKTMSISKTTDDITTKAIVMELENGQITYIPKLLLNA
RGKPAEEMAKDKKKEFMATPYTPVIPINDNFIITHFRNLLPGSDSQLISIPTNLESTSIICDLGLDVFCTRITPSGQFDL
MSPTFEKGKLLITIFVLLVITYFIRPSVSNKKLKSQWLIK
;
A
2 'polypeptide(L)'
;MLKDLVREKLLTIMNTKAYTQFNPEQLLQLENEMKIYMKSGDSALTEGNYFFLMEMLFYVLVYRNQDVDAQVVYNTLRDR
LGENSYKMVIMKATLLQINGNDKGAIEYLENLLNDDLEYETDFVTYVSIAKKLIAIKTTSKNLSQESVLKEVVALTDKFP
LDAELWWYASEIYFEMGQFEKACYCLEQVLCITPFNYACFGRLSETLYYEALRSKKQTKTELLEKALKNALRSVELSELY
LKGWALVNIISRELGRNKQNDLIKLSASKLKEISAKSNNKDKITAELILNKI
;
B
3 'polypeptide(L)'
;MLLDDQLKYWVLLPISIVMVLTGVLKQYIMTLITGSSANEAQPRVKLTEWQYLQWAQLLIGNGGNLSSDAFAAKKEFLVK
DLTEERHLAKAKQQDGSQAGEVPNPFNDPSMSNAMMNMAKGNMASFIPQTIIMWWVNHFFAGFILMQLPFPLTAKFKEML
QTGIICQDLDVRWVSSISWYFISVLGLNPVYNLIGLNDQDMGIQAGIGGPQGPQGPPQSQVDKAMHAMANDLTIIQHETC
LDNVEQRVLKQYM
;
C
4 'polypeptide(L)'
;MSEQEPYEWAKHLLDTKYIEKYNIQNSNTLPSPPGFEGNSSKGNVTRKQQDATSQTTSLAQKNQITVLQVQKAWQIALQP
AKSIPMNIFMSYMSGTSLQIIPIMTALMLLSGPIKAIFSTRSAFKPVLGNKATQSQVQTAMFMYIVFQGVLMYIGYRKLN
SMGLIPNAKGDWLPWERIAHYNNGLQWFSD
;
D
5 'polypeptide(L)'
;MSFVSKLLYTVSALVLFHSGFSSYEFHHLLKLNSLNNAQGAISKLPKDIMYETYAGLILFVLAVFTSFEKLQYLPIESND
GKIISQGNYLKEIALNKATNVDNLIGSNPNGEIIFTPSFVDVHMKRKICREWASNTVKKEKGGSGSGENLYFQSGSGSDY
KDDDDKDYKDDDDKDYKDDDDK
;
E
6 'polypeptide(L)'
;MSSNEEVFTQINATANVVDNKKRLLFVQDSSALVLGLVAGFLQIESVHGFIWFLILYNLINVIYIVWICQLQPGKFYQSP
LHDIFFESFFREITGFVMAWTFGYALIG
;
F
7 'polypeptide(L)'
;MFSQIVLLLSAFIYVASATARRGTIKGRLDLAASNITGFVSTRTSFKLYQIGNFSTEYPYTSTTMFQDDEGNFEFANLPL
NDGVNETTYYVMYPASMDFNLKPNRILIEFKNLENGTLQLNAFKNFFGREYFPSKDITYPEKLQSMKVHPYITVELLHKA
PIRSYLQARNVSIFSTGIVGNILNSRWKLAGVITLIALVVFPIIVEKLDPETARAIREEAKRKQREKYAAVASK
;
G
8 'polypeptide(L)'
;MLVRLLRVILLASMVFCADILQLSYSDDAKDAIPLGTFEIDSTSDGNVTVTTVNIQDVEVSGEYCLNAQIEGKLDMPCFS
YMKLRTPLKYDLIVDVDEDNEVKQVSLSYDETNDAITATVRYPEAGPTAPVTKLKKKTKTYADKKASKNKDGSTAQFEED
EEVKEVSWFQKNWKMLLLGLLIYNFVAGSAKKQQQGGAGADQKTE
;
H
9 'polypeptide(L)'
;MAQVQLQQWGAGLLKPSETLSLTCAVYGGSFSGYYWSWIRQPPGKGLEWIGEINHSGSTNYNPSLKSRVTISVDTSKNQF
SLKLSSVTAADTAVYYCARGLAGRGYYGSGSYLRWGQGTLVTVSSASTKGPSVFPLAPSSKSTSGGTAALGCLVKDYFPE
PVTVSWNSGALTSGVHTFPAVLQSSGLYSLSSVVTVPSSSLGTQTYICNVNHKPSNTKVDKKVEPKSCAAAHHHHHHGAA
EQKLISEEDLNGAA
;
I
10 'polypeptide(L)'
;LFAIPLVVPFYSHSALDVVMTQSPLSLPVTPGEPASISCRSSQTLMNRNGNNFLDWYLQKPGQSPQLLIYLGSNRAPGVP
DRFSGSGSGTDFTLRISRVEPEDVGVYYCMQALQTPSFGGGTKVEIRRTVAAPSVFIFPPSDEQLKSGTASVVCLLNNFY
PREAKVQWKVDNALQSGNSQESVTEQDSKDSTYSLSSTLTLSKADYEKHKVYACEVTHQGLSSPVTKSFNRGEC
;
J
11 'polypeptide(L)'
;(UNK)(UNK)(UNK)(UNK)(UNK)(UNK)(UNK)(UNK)(UNK)(UNK)(UNK)(UNK)(UNK)(UNK)(UNK)(UNK)
(UNK)(UNK)(UNK)(UNK)(UNK)(UNK)(UNK)(UNK)
;
M,N
#
loop_
_chem_comp.id
_chem_comp.type
_chem_comp.name
_chem_comp.formula
NAG D-saccharide, beta linking 2-acetamido-2-deoxy-beta-D-glucopyranose 'C8 H15 N O6'
#
# COMPACT_ATOMS: atom_id res chain seq x y z
N VAL A 25 17.08 0.73 -8.03
CA VAL A 25 15.68 0.36 -8.12
C VAL A 25 15.55 -0.94 -8.92
N PHE A 26 16.23 -0.98 -10.07
CA PHE A 26 16.22 -2.15 -10.96
C PHE A 26 17.48 -3.00 -10.83
N SER A 27 18.64 -2.38 -10.65
CA SER A 27 19.89 -3.13 -10.63
C SER A 27 19.93 -4.11 -9.47
N ASP A 28 19.31 -3.76 -8.34
CA ASP A 28 19.37 -4.63 -7.17
C ASP A 28 18.58 -5.92 -7.41
N ASP A 29 17.37 -5.80 -7.95
CA ASP A 29 16.44 -6.91 -8.11
C ASP A 29 16.14 -7.15 -9.58
N ALA A 30 17.14 -7.00 -10.44
CA ALA A 30 16.89 -6.99 -11.89
C ALA A 30 16.29 -8.31 -12.35
N PHE A 31 17.04 -9.40 -12.20
CA PHE A 31 16.53 -10.73 -12.55
C PHE A 31 15.92 -11.46 -11.37
N ILE A 32 16.05 -10.94 -10.16
CA ILE A 32 15.53 -11.63 -8.99
C ILE A 32 14.01 -11.60 -9.00
N THR A 33 13.42 -10.44 -9.28
CA THR A 33 11.97 -10.29 -9.17
C THR A 33 11.26 -10.63 -10.47
N ASP A 34 11.86 -10.29 -11.61
CA ASP A 34 11.27 -10.63 -12.89
C ASP A 34 11.36 -12.14 -13.11
N TRP A 35 10.30 -12.71 -13.67
CA TRP A 35 10.11 -14.17 -13.67
C TRP A 35 9.52 -14.58 -15.02
N GLN A 36 10.39 -15.07 -15.90
CA GLN A 36 10.07 -15.43 -17.27
C GLN A 36 10.13 -16.94 -17.49
N LEU A 37 9.13 -17.47 -18.18
CA LEU A 37 9.19 -18.79 -18.79
C LEU A 37 9.10 -18.68 -20.30
N ALA A 38 9.90 -19.48 -21.00
CA ALA A 38 9.85 -19.61 -22.45
C ALA A 38 9.31 -20.98 -22.81
N ASN A 39 8.30 -21.00 -23.66
CA ASN A 39 7.68 -22.24 -24.13
C ASN A 39 7.82 -22.33 -25.63
N LEU A 40 8.02 -23.55 -26.12
CA LEU A 40 8.06 -23.82 -27.55
C LEU A 40 6.89 -24.65 -28.03
N GLY A 41 6.22 -25.39 -27.16
CA GLY A 41 5.14 -26.24 -27.60
C GLY A 41 5.67 -27.52 -28.17
N PRO A 42 4.77 -28.44 -28.54
CA PRO A 42 5.22 -29.75 -29.02
C PRO A 42 5.95 -29.61 -30.35
N TRP A 43 7.16 -30.18 -30.40
CA TRP A 43 8.03 -30.07 -31.56
C TRP A 43 7.32 -30.60 -32.80
N GLU A 44 7.67 -30.03 -33.95
CA GLU A 44 7.26 -30.60 -35.22
C GLU A 44 8.43 -30.89 -36.13
N LYS A 45 9.45 -30.03 -36.14
CA LYS A 45 10.65 -30.27 -36.93
C LYS A 45 11.85 -29.82 -36.11
N VAL A 46 12.94 -30.55 -36.26
CA VAL A 46 14.21 -30.23 -35.63
C VAL A 46 15.31 -30.53 -36.64
N ILE A 47 16.21 -29.57 -36.83
CA ILE A 47 17.22 -29.63 -37.88
C ILE A 47 18.59 -29.34 -37.28
N PRO A 48 19.63 -30.13 -37.53
CA PRO A 48 20.94 -29.80 -36.98
C PRO A 48 21.53 -28.58 -37.66
N ASP A 49 22.51 -27.99 -36.98
CA ASP A 49 23.07 -26.70 -37.34
C ASP A 49 24.35 -26.88 -38.15
N SER A 50 24.62 -25.93 -39.03
CA SER A 50 25.78 -26.01 -39.90
C SER A 50 27.07 -25.84 -39.12
N ARG A 51 27.06 -24.97 -38.10
CA ARG A 51 28.17 -24.79 -37.19
C ARG A 51 27.66 -24.84 -35.76
N ASP A 52 28.58 -24.92 -34.81
CA ASP A 52 28.25 -25.11 -33.41
C ASP A 52 27.42 -26.38 -33.25
N ARG A 53 28.06 -27.50 -33.60
CA ARG A 53 27.33 -28.73 -33.90
C ARG A 53 26.53 -29.26 -32.72
N ASN A 54 26.80 -28.80 -31.49
CA ASN A 54 25.89 -29.04 -30.38
C ASN A 54 24.79 -27.98 -30.36
N ARG A 55 24.10 -27.82 -31.48
CA ARG A 55 23.07 -26.81 -31.65
C ARG A 55 22.16 -27.22 -32.79
N VAL A 56 20.87 -26.91 -32.66
CA VAL A 56 19.89 -27.20 -33.71
C VAL A 56 18.95 -26.01 -33.85
N LEU A 57 18.04 -26.17 -34.81
CA LEU A 57 16.89 -25.31 -35.00
C LEU A 57 15.63 -26.06 -34.61
N ILE A 58 14.81 -25.42 -33.78
CA ILE A 58 13.60 -26.00 -33.20
C ILE A 58 12.41 -25.33 -33.86
N LEU A 59 11.59 -26.13 -34.53
CA LEU A 59 10.36 -25.69 -35.15
C LEU A 59 9.18 -26.23 -34.35
N SER A 60 8.23 -25.35 -34.04
CA SER A 60 7.16 -25.75 -33.15
C SER A 60 5.92 -24.89 -33.32
N ASN A 61 4.80 -25.44 -32.80
CA ASN A 61 3.52 -24.79 -32.58
C ASN A 61 3.03 -24.19 -33.90
N PRO A 62 2.68 -24.99 -34.89
CA PRO A 62 2.23 -24.42 -36.15
C PRO A 62 0.92 -23.67 -35.96
N THR A 63 0.74 -22.66 -36.81
CA THR A 63 -0.52 -21.94 -36.89
C THR A 63 -0.71 -21.50 -38.34
N GLU A 64 -1.96 -21.17 -38.66
CA GLU A 64 -2.33 -21.08 -40.07
C GLU A 64 -1.71 -19.88 -40.77
N THR A 65 -1.14 -18.94 -40.01
CA THR A 65 -0.48 -17.77 -40.58
C THR A 65 1.02 -17.75 -40.30
N SER A 66 1.53 -18.58 -39.40
CA SER A 66 2.90 -18.43 -38.93
C SER A 66 3.32 -19.69 -38.20
N CYS A 67 4.55 -19.69 -37.68
CA CYS A 67 5.05 -20.77 -36.84
C CYS A 67 6.27 -20.30 -36.09
N LEU A 68 6.69 -21.08 -35.07
CA LEU A 68 7.75 -20.69 -34.16
C LEU A 68 9.04 -21.37 -34.58
N VAL A 69 10.05 -20.57 -34.91
CA VAL A 69 11.35 -21.04 -35.33
C VAL A 69 12.40 -20.48 -34.37
N SER A 70 13.29 -21.34 -33.88
CA SER A 70 14.23 -20.92 -32.86
C SER A 70 15.55 -21.67 -33.02
N SER A 71 16.58 -21.15 -32.36
CA SER A 71 17.92 -21.73 -32.35
C SER A 71 18.32 -22.01 -30.92
N PHE A 72 19.00 -23.14 -30.71
CA PHE A 72 19.04 -23.79 -29.41
C PHE A 72 20.29 -24.65 -29.27
N ASN A 73 21.10 -24.41 -28.23
CA ASN A 73 22.19 -25.33 -27.88
C ASN A 73 21.59 -26.60 -27.28
N VAL A 74 21.93 -27.74 -27.88
CA VAL A 74 21.26 -28.99 -27.54
C VAL A 74 21.61 -29.45 -26.13
N SER A 75 22.77 -29.06 -25.61
CA SER A 75 23.29 -29.58 -24.36
C SER A 75 22.74 -28.87 -23.13
N SER A 76 21.64 -28.14 -23.26
CA SER A 76 21.05 -27.42 -22.14
C SER A 76 19.59 -27.17 -22.47
N GLY A 77 18.95 -26.31 -21.69
CA GLY A 77 17.71 -25.68 -22.08
C GLY A 77 17.91 -24.30 -22.65
N GLN A 78 19.15 -23.97 -23.02
CA GLN A 78 19.53 -22.60 -23.36
C GLN A 78 19.07 -22.30 -24.77
N ILE A 79 17.94 -21.60 -24.89
CA ILE A 79 17.48 -21.12 -26.18
C ILE A 79 18.34 -19.94 -26.60
N LEU A 80 18.85 -20.00 -27.84
CA LEU A 80 19.68 -18.90 -28.33
C LEU A 80 18.84 -17.79 -28.92
N PHE A 81 17.83 -18.11 -29.73
CA PHE A 81 16.91 -17.07 -30.16
C PHE A 81 15.63 -17.68 -30.69
N ARG A 82 14.60 -16.84 -30.78
CA ARG A 82 13.28 -17.25 -31.25
C ARG A 82 12.71 -16.21 -32.19
N ASN A 83 11.85 -16.66 -33.11
CA ASN A 83 11.17 -15.80 -34.06
C ASN A 83 9.85 -16.43 -34.45
N VAL A 84 8.83 -15.59 -34.66
CA VAL A 84 7.57 -16.00 -35.24
C VAL A 84 7.62 -15.59 -36.71
N LEU A 85 7.64 -16.59 -37.63
CA LEU A 85 7.67 -16.24 -39.05
C LEU A 85 6.34 -16.55 -39.71
N PRO A 86 5.90 -15.75 -40.73
CA PRO A 86 4.54 -15.81 -41.23
C PRO A 86 4.33 -16.84 -42.34
N PHE A 87 4.72 -18.08 -42.07
CA PHE A 87 4.63 -19.16 -43.04
C PHE A 87 4.11 -20.41 -42.34
N THR A 88 3.24 -21.14 -43.01
CA THR A 88 2.96 -22.49 -42.55
C THR A 88 4.22 -23.32 -42.66
N ILE A 89 4.32 -24.32 -41.81
CA ILE A 89 5.58 -25.04 -41.59
C ILE A 89 6.12 -25.63 -42.88
N ASP A 90 5.22 -26.08 -43.76
CA ASP A 90 5.63 -26.85 -44.92
C ASP A 90 6.56 -26.08 -45.86
N GLU A 91 6.52 -24.75 -45.82
CA GLU A 91 7.40 -23.99 -46.69
C GLU A 91 8.86 -24.07 -46.28
N ILE A 92 9.16 -24.55 -45.08
CA ILE A 92 10.46 -24.33 -44.45
C ILE A 92 11.31 -25.54 -44.75
N GLN A 93 12.36 -25.33 -45.54
CA GLN A 93 13.11 -26.42 -46.14
C GLN A 93 14.57 -26.02 -46.24
N LEU A 94 15.42 -27.01 -46.48
CA LEU A 94 16.84 -26.76 -46.64
C LEU A 94 17.12 -26.32 -48.08
N ASP A 95 18.38 -26.00 -48.35
CA ASP A 95 18.81 -25.47 -49.64
C ASP A 95 19.36 -26.57 -50.51
N SER A 96 19.83 -26.17 -51.69
CA SER A 96 20.59 -27.04 -52.59
C SER A 96 21.19 -26.22 -53.72
N ASN A 100 23.99 -25.75 -45.00
CA ASN A 100 22.75 -25.49 -45.71
C ASN A 100 22.15 -24.17 -45.23
N ALA A 101 21.09 -23.70 -45.89
CA ALA A 101 20.67 -22.31 -45.78
C ALA A 101 19.17 -22.10 -45.55
N MET A 102 18.42 -23.15 -45.20
CA MET A 102 17.07 -23.04 -44.64
C MET A 102 16.14 -22.15 -45.49
N VAL A 103 15.89 -22.59 -46.71
CA VAL A 103 15.12 -21.81 -47.66
C VAL A 103 13.64 -21.91 -47.31
N CYS A 104 12.90 -20.81 -47.50
CA CYS A 104 11.46 -20.80 -47.32
C CYS A 104 10.81 -20.08 -48.48
N VAL A 105 9.67 -20.58 -48.96
CA VAL A 105 9.02 -20.05 -50.16
C VAL A 105 7.53 -19.92 -49.89
N ASN A 106 7.00 -18.70 -49.95
CA ASN A 106 5.56 -18.52 -50.00
C ASN A 106 4.99 -19.20 -51.25
N SER A 107 3.81 -19.79 -51.10
CA SER A 107 3.17 -20.59 -52.13
C SER A 107 2.07 -19.84 -52.85
N SER A 108 1.31 -19.01 -52.12
CA SER A 108 0.34 -18.14 -52.77
C SER A 108 1.00 -17.23 -53.78
N SER A 109 1.92 -16.39 -53.30
CA SER A 109 2.78 -15.62 -54.19
C SER A 109 4.05 -16.43 -54.47
N ASN A 110 5.02 -15.80 -55.13
CA ASN A 110 6.33 -16.37 -55.37
C ASN A 110 7.37 -15.84 -54.41
N HIS A 111 6.95 -15.37 -53.24
CA HIS A 111 7.85 -14.71 -52.32
C HIS A 111 8.63 -15.75 -51.52
N TRP A 112 9.95 -15.58 -51.45
CA TRP A 112 10.79 -16.53 -50.75
C TRP A 112 11.85 -15.80 -49.96
N GLN A 113 12.16 -16.35 -48.79
CA GLN A 113 13.15 -15.83 -47.86
C GLN A 113 14.23 -16.88 -47.60
N LYS A 114 15.49 -16.49 -47.78
CA LYS A 114 16.65 -17.31 -47.48
C LYS A 114 17.27 -16.78 -46.19
N TYR A 115 17.20 -17.58 -45.13
CA TYR A 115 17.68 -17.23 -43.79
C TYR A 115 18.87 -18.08 -43.35
N ASP A 116 19.87 -17.42 -42.77
CA ASP A 116 21.08 -18.12 -42.37
C ASP A 116 20.81 -18.87 -41.06
N LEU A 117 21.23 -20.13 -41.01
CA LEU A 117 20.88 -20.98 -39.87
C LEU A 117 21.51 -20.50 -38.58
N HIS A 118 22.80 -20.18 -38.60
CA HIS A 118 23.53 -19.92 -37.37
C HIS A 118 23.02 -18.65 -36.67
N ASP A 119 22.71 -17.57 -37.43
CA ASP A 119 22.37 -16.28 -36.83
C ASP A 119 21.11 -15.66 -37.40
N TRP A 120 20.24 -16.44 -38.04
CA TRP A 120 18.97 -15.97 -38.59
C TRP A 120 19.08 -14.65 -39.34
N PHE A 121 20.05 -14.58 -40.25
CA PHE A 121 20.15 -13.43 -41.14
C PHE A 121 19.40 -13.77 -42.40
N LEU A 122 18.66 -12.81 -42.93
CA LEU A 122 17.83 -13.05 -44.11
C LEU A 122 18.75 -12.91 -45.30
N LEU A 123 19.51 -13.98 -45.54
CA LEU A 123 20.50 -14.06 -46.62
C LEU A 123 20.01 -13.36 -47.88
N GLU A 124 18.78 -13.65 -48.29
CA GLU A 124 18.28 -13.03 -49.52
C GLU A 124 16.78 -13.23 -49.64
N GLU A 125 16.17 -12.36 -50.45
CA GLU A 125 14.74 -12.35 -50.72
C GLU A 125 14.50 -12.35 -52.21
N GLY A 126 13.36 -12.91 -52.61
CA GLY A 126 12.95 -12.68 -53.98
C GLY A 126 11.49 -12.98 -54.18
N VAL A 127 11.00 -12.56 -55.34
CA VAL A 127 9.67 -12.92 -55.83
C VAL A 127 9.78 -13.51 -57.23
N ASP A 128 10.95 -13.36 -57.87
CA ASP A 128 11.12 -13.91 -59.21
C ASP A 128 11.09 -15.43 -59.20
N ASN A 129 11.87 -16.05 -58.33
CA ASN A 129 11.93 -17.50 -58.26
C ASN A 129 12.57 -17.92 -56.96
N ALA A 130 12.12 -19.05 -56.44
CA ALA A 130 12.81 -19.65 -55.31
C ALA A 130 14.18 -20.13 -55.76
N PRO A 131 15.22 -20.01 -54.92
CA PRO A 131 16.53 -20.55 -55.34
C PRO A 131 16.51 -22.05 -55.54
N SER A 132 16.02 -22.80 -54.55
CA SER A 132 15.89 -24.24 -54.62
C SER A 132 15.13 -24.68 -53.39
N THR A 133 14.83 -25.97 -53.32
CA THR A 133 14.21 -26.54 -52.15
C THR A 133 14.68 -27.98 -51.98
N THR A 134 14.63 -28.45 -50.73
CA THR A 134 14.79 -29.87 -50.42
C THR A 134 13.86 -30.18 -49.26
N ILE A 135 12.83 -30.98 -49.52
CA ILE A 135 11.91 -31.35 -48.45
C ILE A 135 12.68 -32.12 -47.39
N LEU A 136 12.37 -31.84 -46.14
CA LEU A 136 13.24 -32.27 -45.05
C LEU A 136 13.12 -33.77 -44.84
N PRO A 137 14.22 -34.46 -44.59
CA PRO A 137 14.18 -35.93 -44.56
C PRO A 137 13.56 -36.46 -43.28
N GLN A 138 13.02 -37.67 -43.38
CA GLN A 138 12.43 -38.33 -42.23
C GLN A 138 13.52 -38.97 -41.38
N SER A 139 13.14 -39.37 -40.16
CA SER A 139 14.11 -39.77 -39.14
C SER A 139 14.96 -40.95 -39.59
N SER A 140 14.32 -42.08 -39.84
CA SER A 140 15.03 -43.32 -40.16
C SER A 140 15.97 -43.73 -39.03
N TYR A 141 15.60 -43.40 -37.79
CA TYR A 141 16.47 -43.69 -36.66
C TYR A 141 16.53 -45.18 -36.38
N LEU A 142 15.41 -45.88 -36.57
CA LEU A 142 15.44 -47.33 -36.42
C LEU A 142 16.21 -47.96 -37.58
N ASN A 143 16.75 -49.14 -37.31
CA ASN A 143 17.61 -49.93 -38.18
C ASN A 143 19.02 -49.36 -38.28
N ASP A 144 19.30 -48.21 -37.67
CA ASP A 144 20.62 -47.59 -37.70
C ASP A 144 21.26 -47.48 -36.33
N GLN A 145 20.55 -46.90 -35.35
CA GLN A 145 21.13 -46.51 -34.08
C GLN A 145 20.29 -46.95 -32.88
N VAL A 146 19.20 -47.68 -33.09
CA VAL A 146 18.14 -47.79 -32.11
C VAL A 146 17.74 -49.24 -31.95
N SER A 147 17.63 -49.69 -30.71
CA SER A 147 17.01 -50.98 -30.39
C SER A 147 16.58 -50.92 -28.94
N ILE A 148 15.35 -51.34 -28.67
CA ILE A 148 14.78 -51.30 -27.32
C ILE A 148 14.16 -52.67 -27.10
N LYS A 149 14.90 -53.57 -26.44
CA LYS A 149 14.57 -54.99 -26.50
C LYS A 149 14.09 -55.57 -25.16
N ASN A 150 14.86 -55.40 -24.09
CA ASN A 150 14.39 -55.81 -22.76
C ASN A 150 13.70 -54.67 -22.03
N ASN A 151 12.71 -54.06 -22.68
CA ASN A 151 12.04 -52.86 -22.16
C ASN A 151 13.08 -51.80 -21.78
N GLU A 152 14.12 -51.73 -22.59
CA GLU A 152 15.33 -50.97 -22.26
C GLU A 152 16.04 -50.69 -23.57
N LEU A 153 16.53 -49.46 -23.71
CA LEU A 153 17.10 -49.04 -24.98
C LEU A 153 18.57 -49.38 -25.03
N HIS A 154 19.02 -49.71 -26.24
CA HIS A 154 20.42 -49.95 -26.54
C HIS A 154 20.75 -49.23 -27.83
N ILE A 155 21.80 -48.43 -27.80
CA ILE A 155 22.29 -47.76 -29.01
C ILE A 155 23.21 -48.75 -29.71
N LEU A 156 22.89 -49.06 -30.96
CA LEU A 156 23.67 -50.02 -31.74
C LEU A 156 24.54 -49.26 -32.72
N ASP A 157 25.82 -49.63 -32.78
CA ASP A 157 26.63 -49.24 -33.92
C ASP A 157 26.10 -49.95 -35.15
N GLU A 158 26.25 -49.30 -36.31
CA GLU A 158 25.65 -49.85 -37.52
C GLU A 158 26.28 -51.18 -37.90
N GLN A 159 27.60 -51.26 -37.77
CA GLN A 159 28.36 -52.50 -37.78
C GLN A 159 28.86 -52.77 -36.36
N SER A 160 29.10 -54.05 -36.05
CA SER A 160 29.57 -54.41 -34.72
C SER A 160 28.57 -53.97 -33.64
N LYS A 161 27.38 -54.55 -33.72
CA LYS A 161 26.22 -54.09 -32.97
C LYS A 161 26.37 -54.49 -31.52
N LEU A 162 27.31 -53.83 -30.85
CA LEU A 162 27.71 -54.21 -29.50
C LEU A 162 26.77 -53.70 -28.41
N ALA A 163 25.75 -52.91 -28.78
CA ALA A 163 24.77 -52.41 -27.81
C ALA A 163 25.45 -51.54 -26.75
N GLU A 164 26.21 -50.55 -27.23
CA GLU A 164 26.80 -49.56 -26.33
C GLU A 164 25.72 -48.58 -25.88
N TRP A 165 25.99 -47.94 -24.74
CA TRP A 165 25.18 -46.86 -24.20
C TRP A 165 23.70 -47.24 -24.10
N LYS A 166 23.45 -48.30 -23.33
CA LYS A 166 22.09 -48.76 -23.12
C LYS A 166 21.43 -47.99 -21.99
N LEU A 167 20.11 -47.81 -22.10
CA LEU A 167 19.37 -47.01 -21.14
C LEU A 167 17.96 -47.55 -20.98
N GLU A 168 17.51 -47.59 -19.73
CA GLU A 168 16.14 -47.97 -19.39
C GLU A 168 15.13 -47.11 -20.13
N LEU A 169 14.04 -47.75 -20.52
CA LEU A 169 12.86 -46.99 -20.91
C LEU A 169 12.22 -46.40 -19.65
N PRO A 170 11.92 -45.10 -19.61
CA PRO A 170 11.16 -44.58 -18.47
C PRO A 170 9.73 -45.06 -18.48
N GLN A 171 8.94 -44.64 -17.50
CA GLN A 171 7.53 -44.99 -17.47
C GLN A 171 6.85 -44.59 -18.78
N GLY A 172 7.16 -43.39 -19.27
CA GLY A 172 6.77 -42.98 -20.60
C GLY A 172 7.87 -43.22 -21.63
N PHE A 173 7.44 -43.34 -22.88
CA PHE A 173 8.30 -43.08 -24.02
C PHE A 173 7.40 -42.94 -25.23
N ASN A 174 7.55 -41.83 -25.95
CA ASN A 174 6.91 -41.62 -27.24
C ASN A 174 7.91 -41.64 -28.38
N LYS A 175 8.99 -40.87 -28.28
CA LYS A 175 9.92 -40.82 -29.41
C LYS A 175 11.29 -40.37 -28.98
N VAL A 176 12.26 -40.64 -29.84
CA VAL A 176 13.53 -39.93 -29.83
C VAL A 176 13.39 -38.77 -30.81
N GLU A 177 13.54 -37.55 -30.31
CA GLU A 177 13.46 -36.40 -31.21
C GLU A 177 14.70 -36.33 -32.08
N TYR A 178 15.86 -36.47 -31.46
CA TYR A 178 17.13 -36.13 -32.09
C TYR A 178 18.22 -36.93 -31.42
N PHE A 179 19.25 -37.25 -32.20
CA PHE A 179 20.44 -37.89 -31.66
C PHE A 179 21.63 -37.49 -32.49
N HIS A 180 22.72 -37.15 -31.80
CA HIS A 180 23.96 -36.73 -32.42
C HIS A 180 25.05 -37.68 -31.96
N ARG A 181 25.67 -38.38 -32.90
CA ARG A 181 26.71 -39.37 -32.61
C ARG A 181 28.11 -38.77 -32.56
N GLU A 182 28.27 -37.49 -32.87
CA GLU A 182 29.59 -36.90 -33.01
C GLU A 182 30.20 -36.69 -31.62
N ASP A 183 31.35 -36.01 -31.57
CA ASP A 183 32.07 -35.84 -30.31
C ASP A 183 31.23 -35.14 -29.24
N PRO A 184 30.48 -34.06 -29.53
CA PRO A 184 29.59 -33.49 -28.50
C PRO A 184 28.25 -34.19 -28.54
N LEU A 185 28.28 -35.42 -28.01
CA LEU A 185 27.15 -36.34 -28.06
C LEU A 185 25.93 -35.72 -27.38
N ALA A 186 24.75 -35.99 -27.95
CA ALA A 186 23.50 -35.53 -27.37
C ALA A 186 22.36 -36.41 -27.87
N LEU A 187 21.40 -36.67 -26.98
CA LEU A 187 20.23 -37.47 -27.29
C LEU A 187 19.02 -36.81 -26.66
N VAL A 188 17.88 -36.84 -27.34
CA VAL A 188 16.69 -36.11 -26.90
C VAL A 188 15.49 -37.03 -26.98
N LEU A 189 14.71 -37.09 -25.90
CA LEU A 189 13.58 -38.00 -25.82
C LEU A 189 12.28 -37.27 -25.50
N ASN A 190 11.24 -37.62 -26.25
CA ASN A 190 9.84 -37.32 -25.96
C ASN A 190 9.35 -38.44 -25.07
N VAL A 191 9.70 -38.34 -23.78
CA VAL A 191 9.45 -39.44 -22.87
C VAL A 191 7.95 -39.56 -22.59
N ASN A 192 7.34 -38.50 -22.06
CA ASN A 192 5.91 -38.39 -21.87
C ASN A 192 5.40 -37.36 -22.87
N ASP A 193 4.07 -37.16 -22.88
CA ASP A 193 3.46 -36.22 -23.81
C ASP A 193 4.02 -34.81 -23.67
N THR A 194 4.43 -34.45 -22.44
CA THR A 194 4.83 -33.09 -22.12
C THR A 194 6.19 -32.99 -21.46
N GLN A 195 6.78 -34.10 -21.05
CA GLN A 195 8.11 -34.13 -20.46
C GLN A 195 9.11 -34.56 -21.51
N TYR A 196 10.29 -33.93 -21.49
CA TYR A 196 11.29 -34.06 -22.54
C TYR A 196 12.66 -34.11 -21.88
N MET A 197 13.45 -35.13 -22.21
CA MET A 197 14.71 -35.35 -21.51
C MET A 197 15.89 -35.31 -22.46
N GLY A 198 16.91 -34.53 -22.11
CA GLY A 198 18.17 -34.50 -22.83
C GLY A 198 19.17 -35.39 -22.11
N PHE A 199 19.98 -36.10 -22.89
CA PHE A 199 20.98 -37.04 -22.39
C PHE A 199 22.30 -36.86 -23.10
N SER A 200 23.36 -37.29 -22.42
CA SER A 200 24.68 -37.46 -23.02
C SER A 200 25.38 -38.60 -22.28
N ALA A 201 26.46 -39.10 -22.89
CA ALA A 201 27.23 -40.19 -22.29
C ALA A 201 27.91 -39.73 -21.00
N LEU A 206 22.51 -44.66 -18.86
CA LEU A 206 22.84 -43.29 -19.24
C LEU A 206 22.38 -42.30 -18.18
N ILE A 207 22.78 -41.05 -18.35
CA ILE A 207 22.63 -40.01 -17.34
C ILE A 207 21.55 -39.05 -17.83
N PRO A 208 20.49 -38.79 -17.05
CA PRO A 208 19.60 -37.67 -17.43
C PRO A 208 20.35 -36.36 -17.28
N VAL A 209 20.53 -35.66 -18.40
CA VAL A 209 21.39 -34.49 -18.45
C VAL A 209 20.60 -33.20 -18.27
N TRP A 210 19.44 -33.08 -18.92
CA TRP A 210 18.55 -31.97 -18.58
C TRP A 210 17.11 -32.38 -18.83
N GLN A 211 16.21 -31.55 -18.31
CA GLN A 211 14.79 -31.81 -18.26
C GLN A 211 14.01 -30.59 -18.70
N ARG A 212 12.93 -30.83 -19.46
CA ARG A 212 12.10 -29.75 -19.98
C ARG A 212 10.65 -30.17 -19.93
N ASP A 213 9.78 -29.16 -19.91
CA ASP A 213 8.35 -29.34 -19.82
C ASP A 213 7.68 -28.28 -20.69
N GLU A 214 6.86 -28.72 -21.64
CA GLU A 214 6.18 -27.82 -22.58
C GLU A 214 4.70 -28.11 -22.62
N TRP A 215 4.11 -28.40 -21.47
CA TRP A 215 2.66 -28.37 -21.34
C TRP A 215 2.11 -26.96 -21.28
N LEU A 216 2.97 -25.96 -21.08
CA LEU A 216 2.56 -24.61 -20.72
C LEU A 216 2.56 -23.67 -21.93
N THR A 217 2.43 -24.21 -23.13
CA THR A 217 2.77 -23.46 -24.33
C THR A 217 1.71 -22.47 -24.74
N ASN A 218 0.46 -22.66 -24.34
CA ASN A 218 -0.60 -21.73 -24.70
C ASN A 218 -1.68 -21.82 -23.66
N VAL A 219 -1.93 -20.72 -22.96
CA VAL A 219 -2.98 -20.65 -21.95
C VAL A 219 -4.04 -19.68 -22.41
N VAL A 220 -5.29 -20.07 -22.22
CA VAL A 220 -6.43 -19.29 -22.69
C VAL A 220 -7.04 -18.46 -21.58
N ASP A 221 -7.23 -19.06 -20.41
CA ASP A 221 -7.99 -18.46 -19.34
C ASP A 221 -7.31 -18.83 -18.02
N TYR A 222 -7.56 -18.03 -17.00
CA TYR A 222 -6.72 -18.04 -15.80
C TYR A 222 -7.57 -17.80 -14.57
N ALA A 223 -7.06 -18.23 -13.43
CA ALA A 223 -7.73 -18.04 -12.16
C ALA A 223 -6.68 -17.98 -11.05
N VAL A 224 -7.10 -17.47 -9.91
CA VAL A 224 -6.20 -17.09 -8.83
C VAL A 224 -6.57 -17.87 -7.58
N LEU A 225 -5.56 -18.47 -6.94
CA LEU A 225 -5.68 -19.07 -5.63
C LEU A 225 -4.54 -18.58 -4.76
N ASP A 226 -4.87 -18.13 -3.56
CA ASP A 226 -3.88 -17.61 -2.61
C ASP A 226 -3.63 -18.61 -1.49
N VAL A 227 -2.48 -18.44 -0.86
CA VAL A 227 -2.07 -19.24 0.29
C VAL A 227 -1.99 -18.32 1.50
N PHE A 228 -2.11 -18.93 2.68
CA PHE A 228 -2.15 -18.17 3.92
C PHE A 228 -1.55 -19.01 5.04
N ASP A 229 -1.22 -18.33 6.14
CA ASP A 229 -0.59 -18.99 7.26
C ASP A 229 -1.55 -19.98 7.92
N SER A 230 -1.00 -21.11 8.38
CA SER A 230 -1.78 -22.12 9.09
C SER A 230 -2.88 -22.69 8.19
N SER A 247 -15.63 -14.37 34.01
CA SER A 247 -15.61 -13.87 32.64
C SER A 247 -14.42 -12.94 32.44
N LEU A 248 -14.53 -11.72 32.98
CA LEU A 248 -13.46 -10.76 32.84
C LEU A 248 -12.30 -11.10 33.75
N TRP A 249 -12.60 -11.50 35.00
CA TRP A 249 -11.54 -11.76 35.97
C TRP A 249 -10.65 -12.90 35.52
N ASN A 250 -11.25 -13.99 35.02
CA ASN A 250 -10.46 -15.06 34.43
C ASN A 250 -9.71 -14.57 33.20
N ALA A 251 -10.29 -13.62 32.46
CA ALA A 251 -9.60 -13.11 31.28
C ALA A 251 -8.30 -12.42 31.66
N TYR A 252 -8.32 -11.68 32.76
CA TYR A 252 -7.11 -11.00 33.25
C TYR A 252 -5.98 -11.98 33.45
N TRP A 253 -6.25 -13.07 34.19
CA TRP A 253 -5.17 -13.98 34.53
C TRP A 253 -4.75 -14.84 33.35
N LEU A 254 -5.69 -15.33 32.53
CA LEU A 254 -5.27 -16.17 31.41
C LEU A 254 -4.48 -15.35 30.38
N ARG A 255 -4.85 -14.08 30.20
CA ARG A 255 -4.02 -13.18 29.40
C ARG A 255 -2.65 -12.98 30.05
N LEU A 256 -2.63 -12.82 31.38
CA LEU A 256 -1.36 -12.65 32.06
C LEU A 256 -0.47 -13.87 31.87
N THR A 257 -1.04 -15.06 32.01
CA THR A 257 -0.22 -16.27 31.96
C THR A 257 0.33 -16.48 30.56
N THR A 258 -0.54 -16.40 29.55
CA THR A 258 -0.08 -16.68 28.20
C THR A 258 0.90 -15.62 27.72
N ASN A 259 0.66 -14.35 28.07
CA ASN A 259 1.56 -13.32 27.58
C ASN A 259 2.84 -13.27 28.38
N TRP A 260 2.81 -13.55 29.69
CA TRP A 260 4.05 -13.63 30.45
C TRP A 260 4.91 -14.78 29.94
N ASN A 261 4.27 -15.88 29.52
CA ASN A 261 5.02 -16.95 28.87
C ASN A 261 5.61 -16.47 27.55
N ARG A 262 4.89 -15.61 26.84
CA ARG A 262 5.48 -14.97 25.66
C ARG A 262 6.67 -14.09 26.02
N LEU A 263 6.54 -13.29 27.08
CA LEU A 263 7.55 -12.32 27.44
C LEU A 263 8.87 -12.97 27.83
N ILE A 264 8.82 -14.06 28.58
CA ILE A 264 10.04 -14.78 28.94
C ILE A 264 10.58 -15.48 27.71
N LEU A 284 19.13 -8.58 15.95
CA LEU A 284 17.80 -8.65 16.54
C LEU A 284 16.72 -8.63 15.45
N ASP A 285 17.00 -7.93 14.36
CA ASP A 285 15.98 -7.76 13.32
C ASP A 285 15.90 -8.97 12.40
N ALA A 286 16.99 -9.30 11.73
CA ALA A 286 17.22 -10.54 10.98
C ALA A 286 16.48 -10.62 9.64
N LYS A 287 15.63 -9.64 9.32
CA LYS A 287 15.16 -9.29 7.97
C LYS A 287 14.86 -10.51 7.09
N ASP A 288 14.09 -11.44 7.63
CA ASP A 288 13.76 -12.66 6.88
C ASP A 288 12.69 -12.38 5.84
N THR A 289 12.88 -12.97 4.66
CA THR A 289 12.06 -12.64 3.50
C THR A 289 10.77 -13.45 3.37
N THR A 290 10.74 -14.69 3.88
CA THR A 290 9.65 -15.58 3.50
C THR A 290 8.31 -15.16 4.13
N VAL A 291 8.31 -14.70 5.38
CA VAL A 291 7.06 -14.28 5.99
C VAL A 291 6.54 -13.00 5.34
N SER A 292 7.45 -12.12 4.92
CA SER A 292 7.06 -10.89 4.25
C SER A 292 6.25 -11.20 3.01
N ASP A 293 6.64 -12.25 2.28
CA ASP A 293 5.98 -12.55 1.02
C ASP A 293 4.52 -12.94 1.27
N LEU A 294 4.29 -13.83 2.22
CA LEU A 294 2.94 -14.34 2.42
C LEU A 294 2.04 -13.29 3.07
N LYS A 295 2.61 -12.42 3.91
CA LYS A 295 1.75 -11.45 4.58
C LYS A 295 1.15 -10.45 3.58
N PHE A 296 1.94 -10.07 2.57
CA PHE A 296 1.51 -9.13 1.55
C PHE A 296 0.80 -9.80 0.36
N GLY A 297 0.56 -11.10 0.42
CA GLY A 297 -0.14 -11.78 -0.65
C GLY A 297 0.70 -12.17 -1.84
N PHE A 298 2.03 -11.96 -1.78
CA PHE A 298 2.89 -12.31 -2.90
C PHE A 298 2.89 -13.81 -3.14
N ALA A 299 2.91 -14.60 -2.07
CA ALA A 299 2.82 -16.04 -2.23
C ALA A 299 1.43 -16.38 -2.71
N LYS A 300 1.34 -16.91 -3.93
CA LYS A 300 0.06 -17.24 -4.52
C LYS A 300 0.24 -18.43 -5.45
N ILE A 301 -0.87 -19.11 -5.69
CA ILE A 301 -0.94 -20.18 -6.68
C ILE A 301 -1.69 -19.60 -7.86
N LEU A 302 -1.07 -19.64 -9.03
CA LEU A 302 -1.73 -19.33 -10.28
C LEU A 302 -2.16 -20.64 -10.90
N ILE A 303 -3.45 -20.82 -11.09
CA ILE A 303 -3.97 -21.95 -11.86
C ILE A 303 -4.13 -21.47 -13.29
N VAL A 304 -3.41 -22.11 -14.21
CA VAL A 304 -3.47 -21.76 -15.63
C VAL A 304 -4.11 -22.90 -16.40
N LEU A 305 -5.02 -22.55 -17.29
CA LEU A 305 -5.64 -23.47 -18.22
C LEU A 305 -5.02 -23.34 -19.60
N THR A 306 -4.51 -24.46 -20.11
CA THR A 306 -3.85 -24.42 -21.40
C THR A 306 -4.87 -24.34 -22.52
N HIS A 307 -4.40 -24.04 -23.74
CA HIS A 307 -5.30 -24.12 -24.89
C HIS A 307 -5.61 -25.58 -25.19
N ASP A 308 -4.67 -26.47 -24.88
CA ASP A 308 -4.91 -27.90 -24.86
C ASP A 308 -5.67 -28.23 -23.57
N GLY A 309 -5.90 -29.51 -23.31
CA GLY A 309 -6.48 -29.89 -22.03
C GLY A 309 -5.46 -30.19 -20.96
N PHE A 310 -5.20 -29.22 -20.10
CA PHE A 310 -4.31 -29.30 -18.96
C PHE A 310 -4.59 -28.13 -18.03
N ILE A 311 -4.71 -28.42 -16.74
CA ILE A 311 -4.69 -27.40 -15.70
C ILE A 311 -3.45 -27.60 -14.87
N GLY A 312 -2.92 -26.52 -14.33
CA GLY A 312 -1.84 -26.68 -13.39
C GLY A 312 -1.56 -25.45 -12.55
N GLY A 313 -1.04 -25.70 -11.36
CA GLY A 313 -0.74 -24.67 -10.39
C GLY A 313 0.73 -24.32 -10.51
N LEU A 314 0.97 -23.03 -10.73
CA LEU A 314 2.26 -22.39 -10.88
C LEU A 314 2.49 -21.46 -9.70
N ASP A 315 3.67 -21.52 -9.10
CA ASP A 315 3.91 -20.68 -7.92
C ASP A 315 4.25 -19.27 -8.35
N MET A 316 3.62 -18.30 -7.71
CA MET A 316 3.97 -16.91 -7.98
C MET A 316 5.33 -16.53 -7.39
N VAL A 317 5.85 -17.32 -6.45
CA VAL A 317 7.19 -17.13 -5.93
C VAL A 317 8.03 -18.33 -6.34
N ASN A 318 9.32 -18.27 -6.06
CA ASN A 318 10.24 -19.37 -6.33
C ASN A 318 10.37 -19.62 -7.85
N LYS A 319 10.24 -18.56 -8.63
CA LYS A 319 10.46 -18.60 -10.07
C LYS A 319 9.54 -19.58 -10.78
N GLY A 320 8.32 -19.73 -10.28
CA GLY A 320 7.35 -20.53 -10.99
C GLY A 320 7.71 -21.99 -11.14
N GLN A 321 8.23 -22.59 -10.08
CA GLN A 321 8.27 -24.03 -10.06
C GLN A 321 6.85 -24.55 -10.17
N LEU A 322 6.68 -25.64 -10.90
CA LEU A 322 5.35 -26.20 -11.12
C LEU A 322 4.83 -26.77 -9.81
N ILE A 323 3.76 -26.18 -9.27
CA ILE A 323 3.23 -26.67 -8.00
C ILE A 323 2.53 -27.99 -8.22
N TRP A 324 1.68 -28.06 -9.24
CA TRP A 324 1.11 -29.35 -9.59
C TRP A 324 0.50 -29.27 -10.98
N LYS A 325 0.46 -30.42 -11.67
CA LYS A 325 -0.09 -30.47 -13.02
C LYS A 325 -1.10 -31.59 -13.12
N LEU A 326 -2.28 -31.27 -13.67
CA LEU A 326 -3.34 -32.22 -13.90
C LEU A 326 -3.66 -32.25 -15.38
N ASP A 327 -3.88 -33.46 -15.90
CA ASP A 327 -4.33 -33.66 -17.27
C ASP A 327 -5.83 -33.90 -17.32
N LEU A 328 -6.46 -33.24 -18.27
CA LEU A 328 -7.86 -33.41 -18.57
C LEU A 328 -8.03 -34.49 -19.65
N GLU A 329 -9.24 -34.59 -20.19
CA GLU A 329 -9.50 -35.31 -21.44
C GLU A 329 -10.43 -34.49 -22.31
N ILE A 330 -10.34 -33.16 -22.23
CA ILE A 330 -11.28 -32.27 -22.91
C ILE A 330 -10.78 -31.88 -24.29
N ASP A 331 -9.49 -31.97 -24.54
CA ASP A 331 -8.80 -31.89 -25.82
C ASP A 331 -8.68 -30.45 -26.32
N GLN A 332 -9.28 -29.46 -25.65
CA GLN A 332 -8.90 -28.06 -25.72
C GLN A 332 -9.65 -27.35 -24.62
N GLY A 333 -9.00 -26.39 -23.99
CA GLY A 333 -9.59 -25.64 -22.90
C GLY A 333 -10.04 -24.27 -23.35
N VAL A 334 -11.15 -23.79 -22.76
CA VAL A 334 -11.73 -22.51 -23.10
C VAL A 334 -11.77 -21.54 -21.91
N LYS A 335 -12.16 -22.01 -20.72
CA LYS A 335 -12.42 -21.09 -19.61
C LYS A 335 -12.23 -21.79 -18.27
N MET A 336 -12.09 -20.97 -17.23
CA MET A 336 -11.89 -21.42 -15.86
C MET A 336 -12.84 -20.65 -14.96
N PHE A 337 -13.40 -21.30 -13.95
CA PHE A 337 -14.24 -20.60 -12.98
C PHE A 337 -14.13 -21.30 -11.63
N TRP A 338 -14.02 -20.51 -10.57
CA TRP A 338 -14.24 -21.05 -9.24
C TRP A 338 -15.74 -21.24 -9.04
N THR A 339 -16.12 -22.45 -8.63
CA THR A 339 -17.55 -22.75 -8.50
C THR A 339 -18.20 -21.90 -7.43
N ASP A 340 -17.45 -21.53 -6.40
CA ASP A 340 -17.91 -20.62 -5.37
C ASP A 340 -16.74 -19.75 -4.94
N LYS A 341 -17.04 -18.77 -4.08
CA LYS A 341 -16.01 -17.85 -3.59
C LYS A 341 -14.98 -18.54 -2.71
N ASN A 342 -15.25 -19.76 -2.25
CA ASN A 342 -14.34 -20.46 -1.35
C ASN A 342 -12.98 -20.73 -1.98
N HIS A 343 -12.89 -20.73 -3.31
CA HIS A 343 -11.63 -20.99 -4.02
C HIS A 343 -11.10 -22.37 -3.68
N ASP A 344 -12.00 -23.36 -3.74
CA ASP A 344 -11.70 -24.76 -3.47
C ASP A 344 -12.04 -25.69 -4.63
N GLU A 345 -13.05 -25.37 -5.44
CA GLU A 345 -13.53 -26.25 -6.49
C GLU A 345 -13.68 -25.45 -7.77
N LEU A 346 -13.03 -25.91 -8.83
CA LEU A 346 -13.12 -25.27 -10.14
C LEU A 346 -14.13 -26.01 -10.99
N VAL A 347 -14.72 -25.28 -11.92
CA VAL A 347 -15.36 -25.85 -13.10
C VAL A 347 -14.61 -25.35 -14.32
N VAL A 348 -14.33 -26.27 -15.23
CA VAL A 348 -13.51 -26.02 -16.41
C VAL A 348 -14.25 -26.56 -17.61
N PHE A 349 -14.27 -25.77 -18.68
CA PHE A 349 -15.12 -26.05 -19.83
C PHE A 349 -14.30 -26.59 -20.99
N SER A 350 -14.85 -27.60 -21.65
CA SER A 350 -14.25 -28.17 -22.84
C SER A 350 -14.58 -27.32 -24.05
N HIS A 351 -13.71 -27.40 -25.06
CA HIS A 351 -14.12 -26.94 -26.37
C HIS A 351 -15.25 -27.80 -26.91
N ASP A 352 -15.25 -29.09 -26.59
CA ASP A 352 -16.17 -30.03 -27.22
C ASP A 352 -17.56 -30.01 -26.60
N GLY A 353 -17.73 -29.46 -25.41
CA GLY A 353 -19.02 -29.40 -24.76
C GLY A 353 -19.16 -30.23 -23.50
N HIS A 354 -18.08 -30.83 -23.02
CA HIS A 354 -18.07 -31.37 -21.66
C HIS A 354 -17.75 -30.25 -20.67
N TYR A 355 -17.97 -30.54 -19.39
CA TYR A 355 -17.35 -29.76 -18.34
C TYR A 355 -16.89 -30.67 -17.22
N LEU A 356 -15.77 -30.29 -16.62
CA LEU A 356 -15.14 -30.99 -15.52
C LEU A 356 -15.25 -30.14 -14.25
N THR A 357 -15.38 -30.81 -13.12
CA THR A 357 -15.30 -30.18 -11.81
C THR A 357 -14.13 -30.78 -11.07
N ILE A 358 -13.20 -29.93 -10.65
CA ILE A 358 -11.90 -30.33 -10.13
C ILE A 358 -11.72 -29.79 -8.72
N GLU A 359 -11.22 -30.64 -7.83
CA GLU A 359 -10.98 -30.30 -6.43
C GLU A 359 -9.53 -29.85 -6.26
N VAL A 360 -9.34 -28.56 -6.00
CA VAL A 360 -8.01 -28.01 -5.73
C VAL A 360 -7.71 -28.21 -4.25
N THR A 361 -6.61 -28.90 -3.96
CA THR A 361 -6.17 -29.16 -2.59
C THR A 361 -4.67 -28.94 -2.54
N LYS A 362 -4.11 -28.88 -1.33
CA LYS A 362 -2.66 -28.83 -1.21
C LYS A 362 -2.03 -30.10 -1.75
N ASP A 363 -2.72 -31.23 -1.65
CA ASP A 363 -2.34 -32.42 -2.38
C ASP A 363 -2.63 -32.23 -3.86
N GLN A 364 -2.27 -33.22 -4.66
CA GLN A 364 -2.60 -33.16 -6.07
C GLN A 364 -4.12 -33.21 -6.25
N PRO A 365 -4.65 -32.59 -7.30
CA PRO A 365 -6.11 -32.53 -7.43
C PRO A 365 -6.71 -33.89 -7.73
N ILE A 366 -8.04 -33.91 -7.75
CA ILE A 366 -8.82 -35.07 -8.16
C ILE A 366 -9.99 -34.57 -9.00
N ILE A 367 -10.31 -35.32 -10.06
CA ILE A 367 -11.39 -34.94 -10.94
C ILE A 367 -12.70 -35.39 -10.31
N LYS A 368 -13.32 -34.51 -9.53
CA LYS A 368 -14.51 -34.92 -8.79
C LYS A 368 -15.74 -35.02 -9.67
N SER A 369 -15.69 -34.53 -10.90
CA SER A 369 -16.79 -34.84 -11.80
C SER A 369 -16.36 -34.56 -13.22
N ARG A 370 -16.94 -35.33 -14.14
CA ARG A 370 -16.97 -35.05 -15.56
C ARG A 370 -18.40 -35.26 -16.03
N SER A 371 -18.88 -34.41 -16.93
CA SER A 371 -20.21 -34.65 -17.46
C SER A 371 -20.40 -33.84 -18.73
N PRO A 372 -21.41 -34.18 -19.54
CA PRO A 372 -21.75 -33.34 -20.69
C PRO A 372 -22.48 -32.07 -20.24
N LEU A 373 -22.58 -31.13 -21.19
CA LEU A 373 -23.59 -30.10 -21.13
C LEU A 373 -24.92 -30.63 -21.65
N SER A 374 -25.94 -29.76 -21.61
CA SER A 374 -27.30 -30.18 -21.95
C SER A 374 -27.36 -30.64 -23.41
N GLU A 375 -26.71 -29.87 -24.30
CA GLU A 375 -26.59 -30.20 -25.71
C GLU A 375 -25.11 -30.34 -26.02
N ARG A 376 -24.74 -31.47 -26.63
CA ARG A 376 -23.36 -31.70 -27.03
C ARG A 376 -23.10 -30.89 -28.29
N LYS A 377 -22.80 -29.61 -28.10
CA LYS A 377 -22.46 -28.70 -29.19
C LYS A 377 -21.13 -28.05 -28.88
N THR A 378 -20.47 -27.60 -29.95
CA THR A 378 -19.22 -26.88 -29.79
C THR A 378 -19.49 -25.52 -29.16
N VAL A 379 -18.61 -25.10 -28.26
CA VAL A 379 -18.77 -23.87 -27.50
C VAL A 379 -17.75 -22.84 -27.98
N ASP A 380 -18.22 -21.61 -28.17
CA ASP A 380 -17.34 -20.49 -28.47
C ASP A 380 -16.77 -19.86 -27.21
N SER A 381 -17.61 -19.61 -26.21
CA SER A 381 -17.12 -18.93 -25.01
C SER A 381 -18.11 -19.12 -23.87
N VAL A 382 -17.68 -18.68 -22.69
CA VAL A 382 -18.52 -18.66 -21.49
C VAL A 382 -18.38 -17.32 -20.81
N ILE A 383 -19.50 -16.79 -20.33
CA ILE A 383 -19.57 -15.52 -19.61
C ILE A 383 -20.04 -15.79 -18.19
N ARG A 384 -19.30 -15.28 -17.22
CA ARG A 384 -19.57 -15.55 -15.81
C ARG A 384 -20.80 -14.77 -15.38
N LEU A 385 -21.83 -15.49 -14.96
CA LEU A 385 -22.99 -14.93 -14.28
C LEU A 385 -22.75 -14.99 -12.77
N ASN A 386 -23.80 -14.72 -11.99
CA ASN A 386 -23.66 -14.39 -10.58
C ASN A 386 -22.97 -15.47 -9.75
N GLU A 387 -22.19 -14.99 -8.79
CA GLU A 387 -21.53 -15.87 -7.82
C GLU A 387 -22.56 -16.57 -6.95
N HIS A 388 -23.52 -15.82 -6.41
CA HIS A 388 -24.45 -16.38 -5.45
C HIS A 388 -25.47 -17.28 -6.14
N ASP A 389 -25.98 -16.85 -7.29
CA ASP A 389 -26.99 -17.63 -7.99
C ASP A 389 -26.40 -18.80 -8.76
N HIS A 390 -25.07 -18.84 -8.93
CA HIS A 390 -24.39 -20.00 -9.53
C HIS A 390 -24.90 -20.28 -10.93
N GLN A 391 -25.04 -19.22 -11.71
CA GLN A 391 -25.43 -19.30 -13.11
C GLN A 391 -24.24 -18.96 -14.00
N TYR A 392 -24.25 -19.49 -15.22
CA TYR A 392 -23.28 -19.12 -16.24
C TYR A 392 -23.97 -19.07 -17.59
N LEU A 393 -23.46 -18.25 -18.49
CA LEU A 393 -23.99 -18.15 -19.85
C LEU A 393 -22.97 -18.71 -20.81
N ILE A 394 -23.41 -19.61 -21.69
CA ILE A 394 -22.52 -20.23 -22.67
C ILE A 394 -22.96 -19.77 -24.04
N LYS A 395 -22.03 -19.16 -24.79
CA LYS A 395 -22.24 -18.83 -26.19
C LYS A 395 -21.62 -19.92 -27.04
N PHE A 396 -22.46 -20.70 -27.71
CA PHE A 396 -22.02 -21.67 -28.69
C PHE A 396 -21.81 -20.97 -30.03
N GLU A 397 -20.78 -21.40 -30.75
CA GLU A 397 -20.74 -21.17 -32.17
C GLU A 397 -22.00 -21.78 -32.78
N ASP A 398 -22.44 -21.20 -33.89
CA ASP A 398 -23.82 -21.20 -34.39
C ASP A 398 -24.61 -20.16 -33.57
N LYS A 399 -23.97 -19.41 -32.67
CA LYS A 399 -24.57 -18.25 -32.03
C LYS A 399 -25.78 -18.66 -31.19
N ASP A 400 -25.62 -19.73 -30.42
CA ASP A 400 -26.70 -20.28 -29.59
C ASP A 400 -26.32 -20.09 -28.12
N HIS A 401 -27.25 -19.54 -27.34
CA HIS A 401 -26.97 -19.17 -25.96
C HIS A 401 -27.69 -20.12 -25.02
N LEU A 402 -26.98 -20.59 -24.01
CA LEU A 402 -27.48 -21.56 -23.06
C LEU A 402 -27.28 -21.03 -21.65
N LEU A 403 -28.36 -21.02 -20.88
CA LEU A 403 -28.29 -20.77 -19.45
C LEU A 403 -27.77 -22.02 -18.76
N PHE A 404 -26.93 -21.81 -17.75
CA PHE A 404 -26.16 -22.89 -17.13
C PHE A 404 -26.34 -22.88 -15.63
N LYS A 405 -27.06 -23.86 -15.11
CA LYS A 405 -27.28 -24.09 -13.69
C LYS A 405 -26.44 -25.31 -13.35
N LEU A 406 -25.25 -25.07 -12.79
CA LEU A 406 -24.24 -26.12 -12.73
C LEU A 406 -24.46 -27.07 -11.56
N ASN A 407 -24.52 -26.55 -10.34
CA ASN A 407 -24.70 -27.41 -9.18
C ASN A 407 -25.01 -26.57 -7.96
N PRO A 408 -25.38 -27.18 -6.82
CA PRO A 408 -25.45 -26.41 -5.57
C PRO A 408 -24.09 -25.96 -5.07
N GLY A 409 -23.00 -26.51 -5.56
CA GLY A 409 -21.69 -26.04 -5.16
C GLY A 409 -21.18 -26.61 -3.86
N LYS A 410 -21.77 -27.70 -3.38
CA LYS A 410 -21.42 -28.29 -2.09
C LYS A 410 -19.93 -28.60 -1.96
N SER A 423 -38.52 -5.41 -11.37
CA SER A 423 -38.20 -6.80 -11.04
C SER A 423 -36.69 -7.00 -11.01
N SER A 424 -36.27 -8.19 -10.59
CA SER A 424 -34.84 -8.51 -10.42
C SER A 424 -34.31 -9.01 -11.75
N HIS A 425 -33.94 -8.06 -12.62
CA HIS A 425 -33.42 -8.38 -13.94
C HIS A 425 -31.91 -8.55 -13.89
N ILE A 426 -31.41 -9.39 -14.79
CA ILE A 426 -29.98 -9.53 -15.02
C ILE A 426 -29.70 -9.26 -16.49
N PHE A 427 -28.65 -8.50 -16.74
CA PHE A 427 -28.28 -8.06 -18.07
C PHE A 427 -26.88 -8.57 -18.37
N VAL A 428 -26.69 -9.10 -19.57
CA VAL A 428 -25.40 -9.62 -19.98
C VAL A 428 -25.23 -9.28 -21.44
N THR A 429 -23.99 -9.03 -21.84
CA THR A 429 -23.71 -8.31 -23.07
C THR A 429 -22.46 -8.88 -23.70
N GLU A 430 -22.54 -9.15 -25.00
CA GLU A 430 -21.52 -9.88 -25.73
C GLU A 430 -21.29 -9.21 -27.07
N HIS A 431 -20.07 -9.38 -27.60
CA HIS A 431 -19.62 -8.70 -28.79
C HIS A 431 -19.14 -9.68 -29.86
N ASP A 432 -19.39 -9.31 -31.12
CA ASP A 432 -18.81 -9.94 -32.31
C ASP A 432 -18.32 -8.85 -33.24
N THR A 433 -17.58 -9.25 -34.28
CA THR A 433 -17.23 -8.28 -35.33
C THR A 433 -18.44 -7.86 -36.15
N ASN A 434 -19.53 -8.63 -36.11
CA ASN A 434 -20.73 -8.22 -36.80
C ASN A 434 -21.48 -7.14 -36.05
N GLY A 435 -21.35 -7.07 -34.72
CA GLY A 435 -22.06 -6.06 -33.99
C GLY A 435 -21.89 -6.21 -32.49
N ILE A 436 -22.61 -5.36 -31.77
CA ILE A 436 -22.74 -5.41 -30.33
C ILE A 436 -24.21 -5.57 -30.05
N TYR A 437 -24.55 -6.54 -29.21
CA TYR A 437 -25.92 -7.05 -29.17
C TYR A 437 -26.66 -6.79 -27.87
N GLY A 438 -26.09 -7.18 -26.74
CA GLY A 438 -26.82 -7.04 -25.50
C GLY A 438 -27.82 -8.16 -25.36
N TYR A 439 -28.04 -8.63 -24.14
CA TYR A 439 -28.92 -9.77 -23.86
C TYR A 439 -29.45 -9.60 -22.44
N ILE A 440 -30.65 -10.11 -22.19
CA ILE A 440 -31.29 -10.02 -20.87
C ILE A 440 -31.80 -11.39 -20.47
N ILE A 441 -31.62 -11.76 -19.20
CA ILE A 441 -32.09 -13.04 -18.68
C ILE A 441 -33.27 -12.78 -17.77
N GLU A 442 -34.35 -13.52 -17.99
CA GLU A 442 -35.49 -13.52 -17.09
C GLU A 442 -36.16 -14.88 -17.15
N ASN A 443 -36.64 -15.33 -16.00
CA ASN A 443 -37.53 -16.50 -15.94
C ASN A 443 -36.85 -17.75 -16.50
N ASP A 444 -35.56 -17.92 -16.18
CA ASP A 444 -34.78 -19.05 -16.66
C ASP A 444 -34.73 -19.09 -18.18
N THR A 445 -34.69 -17.91 -18.82
CA THR A 445 -34.54 -17.84 -20.26
C THR A 445 -33.75 -16.60 -20.63
N VAL A 446 -33.10 -16.66 -21.79
CA VAL A 446 -32.39 -15.53 -22.38
C VAL A 446 -33.24 -14.96 -23.50
N LYS A 447 -33.32 -13.64 -23.56
CA LYS A 447 -33.94 -12.94 -24.68
C LYS A 447 -33.03 -11.83 -25.18
N GLN A 448 -32.99 -11.68 -26.49
CA GLN A 448 -32.36 -10.52 -27.08
C GLN A 448 -33.06 -9.27 -26.58
N THR A 449 -32.28 -8.26 -26.19
CA THR A 449 -32.82 -7.00 -25.72
C THR A 449 -32.70 -5.88 -26.73
N TRP A 450 -31.66 -5.90 -27.55
CA TRP A 450 -31.60 -5.07 -28.74
C TRP A 450 -30.46 -5.63 -29.59
N LYS A 451 -30.13 -4.93 -30.67
CA LYS A 451 -29.03 -5.30 -31.52
C LYS A 451 -28.40 -4.03 -32.03
N LYS A 452 -27.10 -4.10 -32.32
CA LYS A 452 -26.46 -3.03 -33.05
C LYS A 452 -25.35 -3.66 -33.87
N ALA A 453 -25.63 -3.91 -35.15
CA ALA A 453 -24.65 -4.37 -36.10
C ALA A 453 -24.16 -3.19 -36.94
N VAL A 454 -22.86 -3.21 -37.25
CA VAL A 454 -22.36 -2.27 -38.21
C VAL A 454 -22.84 -2.70 -39.58
N ASN A 455 -22.78 -1.77 -40.54
CA ASN A 455 -23.23 -2.13 -41.87
C ASN A 455 -22.18 -2.99 -42.57
N SER A 456 -22.52 -3.43 -43.78
CA SER A 456 -21.69 -4.35 -44.55
C SER A 456 -20.24 -3.92 -44.61
N LYS A 457 -19.98 -2.75 -45.20
CA LYS A 457 -18.60 -2.31 -45.41
C LYS A 457 -17.87 -2.19 -44.08
N GLU A 458 -18.59 -1.79 -43.03
CA GLU A 458 -18.03 -1.60 -41.69
C GLU A 458 -17.70 -2.92 -41.02
N LYS A 459 -16.93 -2.83 -39.94
CA LYS A 459 -16.57 -3.98 -39.12
C LYS A 459 -16.17 -3.45 -37.75
N MET A 460 -16.86 -3.94 -36.70
CA MET A 460 -16.48 -3.60 -35.31
C MET A 460 -15.07 -4.14 -35.12
N VAL A 461 -14.21 -3.42 -34.41
CA VAL A 461 -12.81 -3.81 -34.33
C VAL A 461 -12.42 -4.10 -32.88
N ALA A 462 -12.59 -3.11 -32.00
CA ALA A 462 -12.06 -3.16 -30.64
C ALA A 462 -13.16 -2.80 -29.66
N TYR A 463 -13.18 -3.51 -28.52
CA TYR A 463 -14.24 -3.38 -27.53
C TYR A 463 -13.68 -3.51 -26.12
N SER A 464 -14.29 -2.77 -25.18
CA SER A 464 -14.05 -3.03 -23.76
C SER A 464 -15.27 -2.63 -22.95
N LYS A 465 -15.44 -3.28 -21.79
CA LYS A 465 -16.50 -2.96 -20.85
C LYS A 465 -15.93 -2.13 -19.70
N ARG A 466 -16.80 -1.76 -18.75
CA ARG A 466 -16.37 -1.12 -17.51
C ARG A 466 -16.11 -2.17 -16.43
N GLU A 467 -14.83 -2.35 -16.10
CA GLU A 467 -14.45 -3.06 -14.89
C GLU A 467 -14.99 -2.33 -13.66
N THR A 468 -15.57 -3.11 -12.73
CA THR A 468 -16.09 -2.54 -11.50
C THR A 468 -14.97 -1.91 -10.67
N THR A 469 -15.34 -0.89 -9.89
CA THR A 469 -14.36 -0.09 -9.16
C THR A 469 -14.86 0.27 -7.77
N ASN A 470 -14.02 0.06 -6.77
CA ASN A 470 -14.25 0.59 -5.43
C ASN A 470 -13.90 2.08 -5.40
N LEU A 471 -14.76 2.86 -4.75
CA LEU A 471 -14.83 4.30 -4.96
C LEU A 471 -14.05 5.07 -3.90
N ASN A 472 -13.20 5.99 -4.36
CA ASN A 472 -12.41 6.85 -3.49
C ASN A 472 -12.86 8.31 -3.56
N THR A 473 -12.92 8.87 -4.76
CA THR A 473 -13.15 10.31 -4.94
C THR A 473 -14.22 10.49 -6.00
N LEU A 474 -15.26 11.26 -5.66
CA LEU A 474 -16.35 11.56 -6.55
C LEU A 474 -16.06 12.73 -7.48
N GLY A 475 -14.96 13.45 -7.27
CA GLY A 475 -14.65 14.59 -8.10
C GLY A 475 -13.19 14.97 -8.13
N ILE A 476 -12.74 15.39 -9.32
CA ILE A 476 -11.38 15.89 -9.50
C ILE A 476 -11.35 17.37 -9.15
N THR A 477 -10.39 17.76 -8.31
CA THR A 477 -10.36 19.08 -7.71
C THR A 477 -9.51 20.04 -8.56
N LEU A 478 -9.57 21.32 -8.18
CA LEU A 478 -8.82 22.40 -8.79
C LEU A 478 -7.98 23.09 -7.72
N GLY A 479 -7.02 23.90 -8.19
CA GLY A 479 -6.18 24.69 -7.30
C GLY A 479 -6.96 25.43 -6.21
N ASP A 480 -7.99 26.17 -6.59
CA ASP A 480 -8.78 26.92 -5.62
C ASP A 480 -9.91 26.10 -5.00
N LYS A 481 -9.55 24.92 -4.49
CA LYS A 481 -10.43 23.95 -3.85
C LYS A 481 -11.77 23.82 -4.57
N SER A 482 -11.73 23.82 -5.90
CA SER A 482 -12.91 23.70 -6.74
C SER A 482 -12.88 22.38 -7.49
N VAL A 483 -14.06 21.88 -7.78
CA VAL A 483 -14.30 20.48 -8.05
C VAL A 483 -15.12 20.29 -9.32
N LEU A 484 -14.70 19.32 -10.15
CA LEU A 484 -15.28 19.09 -11.45
C LEU A 484 -16.14 17.82 -11.52
N TYR A 485 -16.17 16.97 -10.49
CA TYR A 485 -17.15 15.89 -10.42
C TYR A 485 -17.06 14.93 -11.60
N LYS A 486 -15.93 14.22 -11.66
CA LYS A 486 -15.74 13.17 -12.65
C LYS A 486 -16.95 12.24 -12.73
N TYR A 487 -17.22 11.76 -13.94
CA TYR A 487 -18.49 11.16 -14.30
C TYR A 487 -18.46 9.68 -13.95
N LEU A 488 -19.31 9.26 -13.00
CA LEU A 488 -19.37 7.87 -12.55
C LEU A 488 -20.73 7.29 -12.91
N TYR A 489 -20.82 6.70 -14.09
CA TYR A 489 -21.97 5.88 -14.46
C TYR A 489 -21.48 4.46 -14.66
N PRO A 490 -22.03 3.43 -13.98
CA PRO A 490 -21.41 2.11 -14.07
C PRO A 490 -21.74 1.33 -15.34
N ASN A 491 -22.83 1.64 -16.02
CA ASN A 491 -23.30 0.81 -17.14
C ASN A 491 -22.80 1.39 -18.46
N LEU A 492 -21.51 1.22 -18.71
CA LEU A 492 -20.85 1.74 -19.90
C LEU A 492 -19.94 0.72 -20.54
N ALA A 493 -19.91 0.71 -21.87
CA ALA A 493 -18.82 0.07 -22.61
C ALA A 493 -18.45 1.00 -23.74
N ALA A 494 -17.26 0.80 -24.28
CA ALA A 494 -16.77 1.64 -25.37
C ALA A 494 -16.24 0.77 -26.48
N TYR A 495 -16.32 1.27 -27.71
CA TYR A 495 -15.92 0.45 -28.83
C TYR A 495 -15.57 1.28 -30.04
N LEU A 496 -14.97 0.59 -31.01
CA LEU A 496 -14.41 1.16 -32.22
C LEU A 496 -15.20 0.69 -33.42
N ILE A 497 -15.24 1.51 -34.46
CA ILE A 497 -15.65 1.09 -35.79
C ILE A 497 -14.65 1.62 -36.79
N ALA A 498 -14.19 0.75 -37.68
CA ALA A 498 -13.32 1.16 -38.78
C ALA A 498 -14.05 0.82 -40.07
N ASN A 499 -14.08 1.77 -41.01
CA ASN A 499 -14.79 1.60 -42.26
C ASN A 499 -13.83 1.87 -43.40
N GLU A 500 -13.78 0.96 -44.37
CA GLU A 500 -12.88 1.21 -45.47
C GLU A 500 -13.45 2.30 -46.38
N GLU A 501 -12.51 2.99 -47.03
CA GLU A 501 -12.60 4.10 -47.98
C GLU A 501 -13.00 5.39 -47.28
N HIS A 502 -13.78 5.31 -46.21
CA HIS A 502 -14.03 6.47 -45.38
C HIS A 502 -12.75 6.86 -44.68
N HIS A 503 -11.97 5.86 -44.30
CA HIS A 503 -10.76 6.01 -43.52
C HIS A 503 -11.09 6.77 -42.24
N THR A 504 -12.15 6.30 -41.58
CA THR A 504 -12.74 6.95 -40.41
C THR A 504 -12.75 6.04 -39.19
N ILE A 505 -11.71 6.11 -38.35
CA ILE A 505 -11.81 5.44 -37.06
C ILE A 505 -12.87 6.20 -36.25
N THR A 506 -14.02 5.57 -36.05
CA THR A 506 -15.10 6.13 -35.24
C THR A 506 -15.04 5.50 -33.86
N PHE A 507 -15.09 6.34 -32.83
CA PHE A 507 -15.17 5.91 -31.44
C PHE A 507 -16.54 6.22 -30.89
N ASN A 508 -17.15 5.22 -30.24
CA ASN A 508 -18.40 5.40 -29.53
C ASN A 508 -18.21 4.99 -28.08
N LEU A 509 -18.92 5.69 -27.20
CA LEU A 509 -18.94 5.43 -25.77
C LEU A 509 -20.39 5.12 -25.38
N ILE A 510 -20.77 3.85 -25.48
CA ILE A 510 -22.17 3.45 -25.51
C ILE A 510 -22.64 3.02 -24.13
N ASP A 511 -23.88 3.36 -23.80
CA ASP A 511 -24.53 2.74 -22.66
C ASP A 511 -24.74 1.29 -23.03
N THR A 512 -24.15 0.39 -22.26
CA THR A 512 -24.21 -1.00 -22.66
C THR A 512 -25.57 -1.61 -22.40
N ILE A 513 -26.39 -0.99 -21.53
CA ILE A 513 -27.75 -1.45 -21.33
C ILE A 513 -28.64 -1.09 -22.50
N THR A 514 -28.75 0.20 -22.79
CA THR A 514 -29.86 0.73 -23.58
C THR A 514 -29.55 0.79 -25.06
N GLY A 515 -28.35 1.28 -25.40
CA GLY A 515 -27.92 1.43 -26.77
C GLY A 515 -27.72 2.86 -27.19
N GLU A 516 -27.98 3.83 -26.33
CA GLU A 516 -27.75 5.21 -26.71
C GLU A 516 -26.26 5.47 -26.79
N ILE A 517 -25.89 6.39 -27.68
CA ILE A 517 -24.50 6.50 -28.08
C ILE A 517 -23.75 7.48 -27.19
N LEU A 518 -24.32 8.65 -26.96
CA LEU A 518 -23.86 9.70 -26.06
C LEU A 518 -22.66 10.48 -26.58
N ILE A 519 -21.90 9.90 -27.49
CA ILE A 519 -20.63 10.47 -27.96
C ILE A 519 -20.38 9.89 -29.34
N THR A 520 -19.90 10.73 -30.24
CA THR A 520 -19.26 10.28 -31.46
C THR A 520 -17.92 10.98 -31.59
N GLN A 521 -16.90 10.25 -32.02
CA GLN A 521 -15.65 10.92 -32.33
C GLN A 521 -15.00 10.15 -33.47
N GLU A 522 -14.93 10.78 -34.64
CA GLU A 522 -14.25 10.18 -35.78
C GLU A 522 -12.88 10.80 -35.96
N HIS A 523 -12.07 10.14 -36.78
CA HIS A 523 -10.73 10.64 -37.11
C HIS A 523 -10.47 10.28 -38.57
N LYS A 524 -10.59 11.27 -39.44
CA LYS A 524 -10.21 11.08 -40.86
C LYS A 524 -8.74 11.39 -41.05
N ASP A 525 -7.91 10.66 -40.29
CA ASP A 525 -6.48 10.94 -40.19
C ASP A 525 -5.65 9.88 -40.91
N SER A 526 -6.23 9.28 -41.93
CA SER A 526 -5.65 8.15 -42.64
C SER A 526 -5.23 7.05 -41.69
N PRO A 527 -6.16 6.36 -41.04
CA PRO A 527 -5.80 5.15 -40.29
C PRO A 527 -5.31 4.09 -41.25
N ASP A 528 -4.79 3.01 -40.66
CA ASP A 528 -4.18 1.93 -41.43
C ASP A 528 -5.10 0.72 -41.54
N PHE A 529 -5.65 0.26 -40.42
CA PHE A 529 -6.55 -0.90 -40.30
C PHE A 529 -5.73 -2.18 -40.38
N ARG A 530 -4.40 -2.09 -40.53
CA ARG A 530 -3.51 -3.23 -40.61
C ARG A 530 -2.67 -3.39 -39.36
N PHE A 531 -2.46 -2.32 -38.63
CA PHE A 531 -1.74 -2.35 -37.37
C PHE A 531 -2.74 -2.55 -36.25
N PRO A 532 -2.31 -3.07 -35.11
CA PRO A 532 -3.27 -3.30 -34.03
C PRO A 532 -3.80 -2.00 -33.48
N MET A 533 -5.04 -2.06 -33.02
CA MET A 533 -5.70 -0.99 -32.27
C MET A 533 -6.40 -1.60 -31.08
N ASP A 534 -6.47 -0.87 -29.97
CA ASP A 534 -7.05 -1.47 -28.77
C ASP A 534 -7.62 -0.39 -27.86
N ILE A 535 -8.50 -0.82 -26.95
CA ILE A 535 -9.29 0.06 -26.10
C ILE A 535 -9.30 -0.50 -24.69
N VAL A 536 -9.15 0.38 -23.71
CA VAL A 536 -9.23 0.05 -22.30
C VAL A 536 -10.08 1.10 -21.62
N PHE A 537 -10.86 0.66 -20.64
CA PHE A 537 -11.85 1.50 -20.01
C PHE A 537 -11.38 1.71 -18.58
N GLY A 538 -11.20 2.95 -18.17
CA GLY A 538 -10.61 3.29 -16.90
C GLY A 538 -11.65 3.54 -15.82
N GLU A 539 -11.26 4.33 -14.83
CA GLU A 539 -12.15 4.63 -13.71
C GLU A 539 -13.26 5.57 -14.16
N TYR A 540 -12.89 6.74 -14.65
CA TYR A 540 -13.80 7.71 -15.23
C TYR A 540 -13.40 8.08 -16.65
N TRP A 541 -12.43 7.38 -17.22
CA TRP A 541 -11.79 7.79 -18.46
C TRP A 541 -11.58 6.57 -19.33
N VAL A 542 -11.37 6.81 -20.61
CA VAL A 542 -11.22 5.75 -21.60
C VAL A 542 -9.97 6.08 -22.40
N VAL A 543 -9.21 5.06 -22.77
CA VAL A 543 -8.09 5.23 -23.67
C VAL A 543 -8.19 4.19 -24.76
N TYR A 544 -8.12 4.63 -26.01
CA TYR A 544 -7.97 3.72 -27.14
C TYR A 544 -6.89 4.23 -28.07
N SER A 545 -6.22 3.30 -28.76
CA SER A 545 -5.06 3.63 -29.54
C SER A 545 -5.10 2.95 -30.89
N TYR A 546 -4.52 3.65 -31.86
CA TYR A 546 -4.56 3.27 -33.26
C TYR A 546 -3.31 3.84 -33.94
N PHE A 547 -3.03 3.36 -35.13
CA PHE A 547 -1.97 3.90 -35.97
C PHE A 547 -2.55 4.63 -37.17
N SER A 548 -1.93 5.75 -37.53
CA SER A 548 -2.38 6.56 -38.64
C SER A 548 -1.27 7.53 -39.04
N SER A 549 -1.54 8.29 -40.10
CA SER A 549 -0.53 9.01 -40.86
C SER A 549 -0.70 10.51 -40.91
N GLU A 550 -1.93 11.02 -40.99
CA GLU A 550 -2.11 12.40 -41.39
C GLU A 550 -1.49 13.42 -40.44
N PRO A 551 -1.60 13.29 -39.13
CA PRO A 551 -0.69 14.08 -38.29
C PRO A 551 0.75 13.73 -38.62
N VAL A 552 1.08 12.44 -38.50
CA VAL A 552 2.35 11.80 -38.84
C VAL A 552 2.11 10.29 -38.84
N PRO A 553 2.90 9.49 -39.55
CA PRO A 553 2.80 8.03 -39.42
C PRO A 553 3.39 7.63 -38.08
N GLU A 554 2.55 7.60 -37.06
CA GLU A 554 3.02 7.25 -35.71
C GLU A 554 1.87 6.68 -34.91
N GLN A 555 2.22 5.89 -33.91
CA GLN A 555 1.21 5.35 -33.02
C GLN A 555 0.57 6.48 -32.24
N LYS A 556 -0.70 6.32 -31.95
CA LYS A 556 -1.54 7.37 -31.39
C LYS A 556 -2.33 6.79 -30.24
N LEU A 557 -2.20 7.41 -29.08
CA LEU A 557 -3.06 7.16 -27.94
C LEU A 557 -4.06 8.30 -27.85
N VAL A 558 -5.33 7.96 -27.69
CA VAL A 558 -6.41 8.92 -27.54
C VAL A 558 -7.01 8.67 -26.17
N VAL A 559 -7.10 9.73 -25.38
CA VAL A 559 -7.72 9.70 -24.06
C VAL A 559 -8.95 10.58 -24.12
N VAL A 560 -10.06 10.06 -23.60
CA VAL A 560 -11.26 10.86 -23.36
C VAL A 560 -11.61 10.73 -21.90
N GLU A 561 -11.95 11.86 -21.27
CA GLU A 561 -12.23 11.92 -19.85
C GLU A 561 -13.61 12.52 -19.67
N LEU A 562 -14.42 11.84 -18.85
CA LEU A 562 -15.86 12.02 -18.82
C LEU A 562 -16.21 12.76 -17.53
N TYR A 563 -16.83 13.93 -17.68
CA TYR A 563 -17.15 14.77 -16.55
C TYR A 563 -18.63 15.13 -16.55
N GLU A 564 -19.16 15.23 -15.33
CA GLU A 564 -20.56 15.52 -15.13
C GLU A 564 -20.93 16.87 -15.72
N SER A 565 -20.07 17.87 -15.51
CA SER A 565 -20.25 19.20 -16.06
C SER A 565 -18.88 19.78 -16.35
N LEU A 566 -18.70 20.31 -17.55
CA LEU A 566 -17.43 20.97 -17.83
C LEU A 566 -17.30 22.28 -17.08
N THR A 567 -18.38 22.80 -16.51
CA THR A 567 -18.31 23.99 -15.68
C THR A 567 -17.48 23.71 -14.43
N PRO A 568 -16.77 24.72 -13.90
CA PRO A 568 -15.78 24.43 -12.85
C PRO A 568 -16.36 23.85 -11.58
N ASP A 569 -17.62 24.10 -11.27
CA ASP A 569 -18.21 23.60 -10.03
C ASP A 569 -19.68 23.31 -10.29
N GLU A 570 -19.98 22.07 -10.60
CA GLU A 570 -21.36 21.68 -10.82
C GLU A 570 -21.52 20.17 -10.69
N ARG A 571 -22.42 19.74 -9.81
CA ARG A 571 -22.76 18.30 -9.72
C ARG A 571 -24.06 18.20 -10.51
N LEU A 572 -23.99 17.74 -11.76
CA LEU A 572 -25.21 17.78 -12.59
C LEU A 572 -26.10 16.59 -12.24
N SER A 573 -27.27 16.86 -11.64
CA SER A 573 -28.26 15.77 -11.39
C SER A 573 -27.60 14.54 -10.76
N ASN A 574 -26.87 14.70 -9.68
CA ASN A 574 -26.32 13.49 -9.03
C ASN A 574 -26.72 13.46 -7.56
N SER A 575 -27.71 14.24 -7.15
CA SER A 575 -28.13 14.14 -5.75
C SER A 575 -28.57 12.71 -5.52
N SER A 576 -28.14 12.15 -4.40
CA SER A 576 -28.34 10.72 -4.14
C SER A 576 -29.04 10.36 -2.84
N ASP A 577 -29.58 11.32 -2.09
CA ASP A 577 -30.12 11.00 -0.77
C ASP A 577 -31.20 9.92 -0.89
N ASN A 578 -32.16 10.11 -1.82
CA ASN A 578 -33.15 9.05 -2.07
C ASN A 578 -33.65 9.05 -3.52
N PHE A 579 -32.96 9.72 -4.45
CA PHE A 579 -33.51 9.86 -5.80
C PHE A 579 -33.64 8.47 -6.45
N SER A 580 -32.61 7.65 -6.30
CA SER A 580 -32.56 6.27 -6.82
C SER A 580 -32.86 6.13 -8.33
N TYR A 581 -31.98 6.74 -9.12
CA TYR A 581 -32.10 6.79 -10.57
C TYR A 581 -32.23 5.42 -11.21
N ASP A 582 -32.94 5.38 -12.33
CA ASP A 582 -33.21 4.17 -13.10
C ASP A 582 -32.43 4.15 -14.42
N PRO A 583 -31.49 3.20 -14.68
CA PRO A 583 -30.83 3.21 -16.00
C PRO A 583 -31.71 2.65 -17.10
N LEU A 584 -32.47 1.60 -16.76
CA LEU A 584 -33.36 0.94 -17.72
C LEU A 584 -34.29 1.92 -18.42
N THR A 585 -34.71 2.97 -17.73
CA THR A 585 -35.68 3.90 -18.28
C THR A 585 -35.01 4.91 -19.19
N GLY A 586 -33.83 5.37 -18.80
CA GLY A 586 -33.08 6.34 -19.58
C GLY A 586 -33.18 7.78 -19.13
N HIS A 587 -33.56 8.03 -17.87
CA HIS A 587 -33.57 9.36 -17.29
C HIS A 587 -32.26 9.69 -16.59
N ILE A 588 -31.16 9.11 -17.06
CA ILE A 588 -29.89 9.28 -16.37
C ILE A 588 -29.29 10.58 -16.89
N ASN A 589 -28.28 11.09 -16.21
CA ASN A 589 -27.54 12.22 -16.73
C ASN A 589 -26.70 11.75 -17.90
N LYS A 590 -26.27 12.68 -18.73
CA LYS A 590 -25.40 12.38 -19.84
C LYS A 590 -24.14 13.21 -19.67
N PRO A 591 -22.97 12.67 -19.98
CA PRO A 591 -21.75 13.41 -19.66
C PRO A 591 -21.43 14.44 -20.72
N GLN A 592 -20.56 15.35 -20.33
CA GLN A 592 -19.71 16.05 -21.28
C GLN A 592 -18.32 15.48 -21.15
N PHE A 593 -17.54 15.66 -22.22
CA PHE A 593 -16.29 14.95 -22.37
C PHE A 593 -15.23 15.94 -22.78
N GLN A 594 -13.99 15.60 -22.48
CA GLN A 594 -12.87 16.30 -23.07
C GLN A 594 -11.84 15.27 -23.48
N THR A 595 -11.27 15.48 -24.65
CA THR A 595 -10.42 14.48 -25.28
C THR A 595 -9.12 15.11 -25.74
N LYS A 596 -8.07 14.31 -25.68
CA LYS A 596 -6.80 14.68 -26.30
C LYS A 596 -6.16 13.42 -26.79
N GLN A 597 -5.09 13.58 -27.55
CA GLN A 597 -4.27 12.45 -27.96
C GLN A 597 -2.81 12.83 -27.90
N PHE A 598 -1.97 11.84 -28.17
CA PHE A 598 -0.54 11.94 -27.91
C PHE A 598 0.18 11.17 -29.01
N ILE A 599 1.46 11.47 -29.15
CA ILE A 599 2.30 10.91 -30.19
C ILE A 599 3.24 9.92 -29.53
N PHE A 600 3.29 8.69 -30.05
CA PHE A 600 3.94 7.58 -29.37
C PHE A 600 4.96 6.93 -30.30
N PRO A 601 6.14 6.52 -29.81
CA PRO A 601 7.15 6.04 -30.76
C PRO A 601 6.84 4.71 -31.41
N GLU A 602 6.33 3.74 -30.66
CA GLU A 602 6.30 2.35 -31.11
C GLU A 602 4.86 1.87 -31.23
N ILE A 603 4.67 0.83 -32.04
CA ILE A 603 3.34 0.35 -32.34
C ILE A 603 2.84 -0.45 -31.15
N ILE A 604 1.59 -0.21 -30.75
CA ILE A 604 1.03 -0.80 -29.55
C ILE A 604 0.13 -1.97 -29.91
N LYS A 605 0.45 -3.15 -29.40
CA LYS A 605 -0.46 -4.28 -29.56
C LYS A 605 -1.66 -4.17 -28.63
N THR A 606 -1.41 -4.04 -27.33
CA THR A 606 -2.49 -4.28 -26.38
C THR A 606 -2.24 -3.54 -25.09
N MET A 607 -3.31 -3.13 -24.43
CA MET A 607 -3.27 -2.31 -23.23
C MET A 607 -4.13 -2.92 -22.15
N SER A 608 -3.76 -2.66 -20.91
CA SER A 608 -4.65 -2.91 -19.79
C SER A 608 -4.23 -2.00 -18.64
N ILE A 609 -4.80 -2.25 -17.46
CA ILE A 609 -4.75 -1.33 -16.34
C ILE A 609 -4.23 -2.06 -15.12
N SER A 610 -3.30 -1.44 -14.40
CA SER A 610 -2.87 -1.99 -13.13
C SER A 610 -3.97 -1.82 -12.09
N LYS A 611 -3.98 -2.68 -11.09
CA LYS A 611 -4.91 -2.54 -9.98
C LYS A 611 -4.25 -2.94 -8.66
N THR A 612 -4.90 -2.53 -7.58
CA THR A 612 -4.76 -3.18 -6.28
C THR A 612 -6.16 -3.45 -5.76
N THR A 613 -6.28 -3.90 -4.51
CA THR A 613 -7.60 -4.14 -3.94
C THR A 613 -8.42 -2.86 -3.91
N ASP A 614 -7.80 -1.74 -3.56
CA ASP A 614 -8.45 -0.44 -3.54
C ASP A 614 -7.83 0.44 -4.62
N ASP A 615 -8.69 1.10 -5.39
CA ASP A 615 -8.27 1.89 -6.55
C ASP A 615 -7.66 3.22 -6.06
N ILE A 616 -6.47 3.11 -5.50
CA ILE A 616 -5.89 4.24 -4.78
C ILE A 616 -4.81 4.89 -5.64
N THR A 617 -3.80 4.12 -6.00
CA THR A 617 -2.68 4.67 -6.75
C THR A 617 -3.13 5.11 -8.14
N THR A 618 -2.22 5.80 -8.83
CA THR A 618 -2.43 6.11 -10.24
C THR A 618 -2.55 4.82 -11.02
N LYS A 619 -3.52 4.75 -11.92
CA LYS A 619 -3.94 3.46 -12.43
C LYS A 619 -2.98 2.85 -13.44
N ALA A 620 -1.94 3.58 -13.85
CA ALA A 620 -0.71 2.96 -14.37
C ALA A 620 -0.99 2.06 -15.58
N ILE A 621 -1.45 2.68 -16.66
CA ILE A 621 -1.70 1.98 -17.91
C ILE A 621 -0.50 1.14 -18.30
N VAL A 622 -0.71 -0.17 -18.49
CA VAL A 622 0.33 -1.07 -18.98
C VAL A 622 0.08 -1.33 -20.45
N MET A 623 1.16 -1.34 -21.22
CA MET A 623 1.14 -1.52 -22.66
C MET A 623 1.97 -2.75 -22.98
N GLU A 624 1.56 -3.47 -24.01
CA GLU A 624 2.34 -4.53 -24.62
C GLU A 624 2.50 -4.19 -26.09
N LEU A 625 3.74 -4.24 -26.56
CA LEU A 625 4.16 -3.67 -27.82
C LEU A 625 4.23 -4.78 -28.87
N GLU A 626 4.66 -4.41 -30.08
CA GLU A 626 4.80 -5.43 -31.13
C GLU A 626 5.99 -6.33 -30.83
N ASN A 627 7.08 -5.76 -30.33
CA ASN A 627 8.31 -6.50 -30.09
C ASN A 627 8.19 -7.51 -28.96
N GLY A 628 7.11 -7.49 -28.19
CA GLY A 628 7.00 -8.25 -26.97
C GLY A 628 7.25 -7.43 -25.72
N GLN A 629 7.86 -6.25 -25.86
CA GLN A 629 8.19 -5.45 -24.69
C GLN A 629 6.92 -5.00 -23.98
N ILE A 630 7.06 -4.81 -22.67
CA ILE A 630 6.02 -4.25 -21.83
C ILE A 630 6.50 -2.90 -21.34
N THR A 631 5.56 -1.97 -21.21
CA THR A 631 5.89 -0.69 -20.59
C THR A 631 4.67 -0.16 -19.88
N TYR A 632 4.86 0.38 -18.69
CA TYR A 632 3.82 1.11 -17.99
C TYR A 632 4.12 2.59 -18.02
N ILE A 633 3.09 3.40 -18.24
CA ILE A 633 3.17 4.85 -18.13
C ILE A 633 2.05 5.25 -17.18
N PRO A 634 2.25 6.24 -16.32
CA PRO A 634 1.21 6.57 -15.34
C PRO A 634 -0.01 7.12 -16.04
N LYS A 635 -1.11 7.19 -15.29
CA LYS A 635 -2.30 7.84 -15.82
C LYS A 635 -2.08 9.33 -15.98
N LEU A 636 -1.25 9.94 -15.13
CA LEU A 636 -1.27 11.39 -15.00
C LEU A 636 -0.67 12.10 -16.21
N LEU A 637 0.34 11.50 -16.84
CA LEU A 637 0.86 12.08 -18.07
C LEU A 637 -0.21 12.24 -19.14
N LEU A 638 -1.24 11.39 -19.13
CA LEU A 638 -2.35 11.47 -20.07
C LEU A 638 -3.50 12.28 -19.45
N ASN A 639 -3.29 13.60 -19.41
CA ASN A 639 -4.27 14.55 -18.88
C ASN A 639 -5.01 15.29 -19.99
N ALA A 640 -6.26 14.92 -20.22
CA ALA A 640 -7.12 15.84 -20.94
C ALA A 640 -7.43 17.01 -20.02
N ARG A 641 -7.82 18.13 -20.62
CA ARG A 641 -7.79 19.45 -20.00
C ARG A 641 -6.38 19.89 -19.61
N GLY A 642 -5.34 19.22 -20.09
CA GLY A 642 -4.02 19.80 -20.02
C GLY A 642 -3.92 21.00 -20.93
N LYS A 643 -2.88 21.79 -20.72
CA LYS A 643 -2.63 23.00 -21.47
C LYS A 643 -1.22 22.95 -22.03
N PRO A 644 -0.92 23.72 -23.08
CA PRO A 644 0.40 23.60 -23.72
C PRO A 644 1.52 24.29 -22.98
N ALA A 645 1.29 24.69 -21.73
CA ALA A 645 2.26 25.15 -20.73
C ALA A 645 2.75 26.59 -20.90
N GLU A 646 2.29 27.34 -21.91
CA GLU A 646 2.47 28.79 -21.86
C GLU A 646 1.40 29.45 -20.99
N GLU A 647 0.18 28.93 -21.04
CA GLU A 647 -0.95 29.50 -20.33
C GLU A 647 -1.17 28.87 -18.95
N MET A 648 -0.27 28.01 -18.48
CA MET A 648 -0.46 27.40 -17.17
C MET A 648 0.19 28.21 -16.07
N ALA A 649 1.11 29.12 -16.42
CA ALA A 649 2.07 29.64 -15.46
C ALA A 649 1.34 30.49 -14.45
N LYS A 650 1.20 29.97 -13.24
CA LYS A 650 0.33 30.56 -12.20
C LYS A 650 -1.04 30.89 -12.78
N ASP A 651 -1.57 29.95 -13.55
CA ASP A 651 -2.98 29.96 -13.95
C ASP A 651 -3.69 29.15 -12.87
N LYS A 652 -4.18 29.86 -11.85
CA LYS A 652 -4.49 29.24 -10.58
C LYS A 652 -5.60 28.21 -10.67
N LYS A 653 -6.43 28.26 -11.70
CA LYS A 653 -7.66 27.49 -11.72
C LYS A 653 -7.47 26.03 -12.14
N LYS A 654 -6.26 25.61 -12.51
CA LYS A 654 -6.19 24.39 -13.32
C LYS A 654 -6.34 23.12 -12.48
N GLU A 655 -5.43 22.87 -11.55
CA GLU A 655 -5.34 21.65 -10.73
C GLU A 655 -4.20 21.87 -9.74
N PHE A 656 -4.05 20.92 -8.82
CA PHE A 656 -2.85 20.81 -8.00
C PHE A 656 -1.75 20.12 -8.79
N MET A 657 -0.67 20.86 -9.07
CA MET A 657 0.49 20.37 -9.81
C MET A 657 0.07 19.67 -11.10
N ALA A 658 -0.69 20.39 -11.91
CA ALA A 658 -1.09 19.85 -13.20
C ALA A 658 0.14 19.65 -14.06
N THR A 659 0.47 18.41 -14.36
CA THR A 659 1.51 18.14 -15.33
C THR A 659 0.96 18.57 -16.69
N PRO A 660 1.76 19.21 -17.55
CA PRO A 660 1.13 19.84 -18.72
C PRO A 660 0.66 18.80 -19.73
N TYR A 661 0.07 19.27 -20.82
CA TYR A 661 -0.51 18.36 -21.80
C TYR A 661 0.56 17.57 -22.54
N THR A 662 1.61 18.26 -23.03
CA THR A 662 2.84 17.69 -23.58
C THR A 662 2.61 16.52 -24.56
N PRO A 663 2.08 16.77 -25.75
CA PRO A 663 1.64 15.66 -26.61
C PRO A 663 2.72 14.65 -26.95
N VAL A 664 3.98 15.07 -27.03
CA VAL A 664 5.06 14.17 -27.37
C VAL A 664 5.50 13.45 -26.10
N ILE A 665 5.16 12.17 -25.99
CA ILE A 665 5.60 11.31 -24.89
C ILE A 665 6.80 10.51 -25.37
N PRO A 666 8.03 10.92 -25.10
CA PRO A 666 9.17 10.08 -25.47
C PRO A 666 9.23 8.84 -24.59
N ILE A 667 9.80 7.78 -25.15
CA ILE A 667 9.95 6.53 -24.41
C ILE A 667 11.08 6.69 -23.41
N ASN A 668 10.84 6.22 -22.18
CA ASN A 668 11.81 6.26 -21.09
C ASN A 668 12.06 4.81 -20.69
N ASP A 669 13.28 4.33 -20.93
CA ASP A 669 13.58 2.92 -20.70
C ASP A 669 13.49 2.52 -19.24
N ASN A 670 13.54 3.48 -18.33
CA ASN A 670 13.41 3.14 -16.92
C ASN A 670 12.06 2.53 -16.62
N PHE A 671 11.02 2.93 -17.36
CA PHE A 671 9.69 2.39 -17.12
C PHE A 671 9.61 0.91 -17.45
N ILE A 672 10.40 0.46 -18.42
CA ILE A 672 10.14 -0.83 -19.07
C ILE A 672 10.35 -1.98 -18.09
N ILE A 673 9.46 -2.96 -18.16
CA ILE A 673 9.60 -4.24 -17.48
C ILE A 673 10.15 -5.20 -18.52
N THR A 674 10.69 -6.34 -18.08
CA THR A 674 11.35 -7.29 -19.00
C THR A 674 12.60 -6.65 -19.58
N HIS A 675 13.38 -6.01 -18.70
CA HIS A 675 14.48 -5.12 -19.06
C HIS A 675 15.35 -5.61 -20.23
N PHE A 676 15.83 -6.86 -20.18
CA PHE A 676 16.49 -7.47 -21.33
C PHE A 676 15.88 -8.80 -21.73
N ARG A 677 14.76 -9.20 -21.14
CA ARG A 677 14.12 -10.44 -21.52
C ARG A 677 13.45 -10.28 -22.88
N ASN A 678 13.28 -11.40 -23.57
CA ASN A 678 12.65 -11.41 -24.89
C ASN A 678 11.13 -11.48 -24.78
N LEU A 679 10.61 -12.51 -24.12
CA LEU A 679 9.17 -12.65 -23.86
C LEU A 679 8.35 -12.64 -25.14
N LEU A 680 8.57 -13.65 -25.96
CA LEU A 680 7.75 -13.81 -27.15
C LEU A 680 6.31 -14.13 -26.72
N PRO A 681 5.35 -13.22 -26.85
CA PRO A 681 4.02 -13.50 -26.31
C PRO A 681 3.09 -14.23 -27.26
N GLY A 682 3.49 -14.42 -28.50
CA GLY A 682 2.65 -15.12 -29.45
C GLY A 682 1.57 -14.21 -30.03
N SER A 683 0.83 -14.77 -30.99
CA SER A 683 -0.10 -13.97 -31.77
C SER A 683 -1.27 -13.50 -30.92
N ASP A 684 -1.76 -14.34 -30.03
CA ASP A 684 -2.86 -14.02 -29.14
C ASP A 684 -2.37 -14.13 -27.70
N SER A 685 -2.25 -13.00 -27.02
CA SER A 685 -1.84 -12.97 -25.63
C SER A 685 -2.68 -11.94 -24.90
N GLN A 686 -2.71 -12.06 -23.58
CA GLN A 686 -3.49 -11.17 -22.73
C GLN A 686 -2.62 -10.62 -21.63
N LEU A 687 -2.88 -9.37 -21.27
CA LEU A 687 -2.38 -8.77 -20.05
C LEU A 687 -3.48 -8.77 -19.01
N ILE A 688 -3.13 -9.13 -17.79
CA ILE A 688 -4.03 -9.11 -16.65
C ILE A 688 -3.32 -8.42 -15.51
N SER A 689 -4.09 -7.77 -14.64
CA SER A 689 -3.56 -7.16 -13.43
C SER A 689 -4.13 -7.90 -12.24
N ILE A 690 -3.24 -8.57 -11.50
CA ILE A 690 -3.61 -9.33 -10.32
C ILE A 690 -3.39 -8.43 -9.11
N PRO A 691 -4.41 -8.18 -8.28
CA PRO A 691 -4.18 -7.35 -7.11
C PRO A 691 -3.35 -8.11 -6.09
N THR A 692 -2.67 -7.35 -5.25
CA THR A 692 -2.03 -7.88 -4.06
C THR A 692 -2.34 -6.96 -2.90
N ASN A 693 -1.80 -7.29 -1.75
CA ASN A 693 -1.78 -6.36 -0.63
C ASN A 693 -0.60 -5.43 -0.87
N LEU A 694 -0.24 -4.62 0.12
CA LEU A 694 0.96 -3.78 0.04
C LEU A 694 0.86 -2.82 -1.14
N GLU A 695 -0.15 -1.95 -1.06
CA GLU A 695 -0.79 -1.32 -2.21
C GLU A 695 0.18 -0.59 -3.15
N SER A 696 1.38 -0.26 -2.68
CA SER A 696 2.37 0.29 -3.61
C SER A 696 2.67 -0.68 -4.74
N THR A 697 2.55 -1.97 -4.48
CA THR A 697 2.90 -3.02 -5.43
C THR A 697 1.65 -3.66 -6.01
N SER A 698 1.72 -4.04 -7.28
CA SER A 698 0.65 -4.76 -7.95
C SER A 698 1.31 -5.80 -8.85
N ILE A 699 0.61 -6.91 -9.10
CA ILE A 699 1.09 -7.91 -10.04
C ILE A 699 0.44 -7.65 -11.38
N ILE A 700 1.25 -7.65 -12.44
CA ILE A 700 0.73 -7.68 -13.80
C ILE A 700 1.36 -8.86 -14.51
N CYS A 701 0.51 -9.65 -15.16
CA CYS A 701 0.85 -10.94 -15.72
C CYS A 701 0.43 -10.99 -17.19
N ASP A 702 1.31 -11.55 -18.00
CA ASP A 702 1.17 -11.67 -19.45
C ASP A 702 1.00 -13.15 -19.75
N LEU A 703 -0.25 -13.58 -19.90
CA LEU A 703 -0.60 -14.99 -20.12
C LEU A 703 -1.03 -15.21 -21.56
N GLY A 704 -0.62 -16.34 -22.12
CA GLY A 704 -0.82 -16.60 -23.52
C GLY A 704 0.15 -17.64 -24.01
N LEU A 705 0.84 -17.35 -25.12
CA LEU A 705 1.83 -18.29 -25.63
C LEU A 705 2.96 -18.47 -24.62
N ASP A 706 3.49 -17.36 -24.12
CA ASP A 706 4.42 -17.37 -23.00
C ASP A 706 3.75 -16.76 -21.78
N VAL A 707 4.15 -17.25 -20.61
CA VAL A 707 3.69 -16.73 -19.33
C VAL A 707 4.78 -15.83 -18.74
N PHE A 708 4.37 -14.73 -18.13
CA PHE A 708 5.32 -13.84 -17.48
C PHE A 708 4.55 -12.97 -16.49
N CYS A 709 5.22 -12.54 -15.43
CA CYS A 709 4.59 -11.65 -14.46
C CYS A 709 5.64 -10.75 -13.86
N THR A 710 5.21 -9.81 -13.03
CA THR A 710 6.16 -8.95 -12.34
C THR A 710 5.44 -8.35 -11.13
N ARG A 711 6.21 -7.69 -10.28
CA ARG A 711 5.70 -6.75 -9.29
C ARG A 711 6.01 -5.35 -9.77
N ILE A 712 4.99 -4.50 -9.87
CA ILE A 712 5.09 -3.21 -10.52
C ILE A 712 4.58 -2.13 -9.59
N THR A 713 5.26 -0.99 -9.62
CA THR A 713 5.00 0.15 -8.76
C THR A 713 4.62 1.33 -9.64
N PRO A 714 3.40 1.89 -9.56
CA PRO A 714 3.07 3.03 -10.42
C PRO A 714 3.88 4.27 -10.12
N SER A 715 4.02 4.58 -8.83
CA SER A 715 4.57 5.85 -8.35
C SER A 715 5.99 5.71 -7.83
N GLY A 716 6.61 4.55 -7.96
CA GLY A 716 7.72 4.20 -7.12
C GLY A 716 7.22 3.80 -5.74
N GLN A 717 7.97 2.95 -5.06
CA GLN A 717 7.46 2.31 -3.85
C GLN A 717 7.33 3.34 -2.74
N PHE A 718 6.09 3.56 -2.28
CA PHE A 718 5.83 4.34 -1.09
C PHE A 718 5.43 3.51 0.11
N ASP A 719 4.89 2.31 -0.10
CA ASP A 719 4.44 1.49 1.02
C ASP A 719 5.58 0.75 1.68
N LEU A 720 6.41 0.07 0.88
CA LEU A 720 7.56 -0.64 1.41
C LEU A 720 8.48 0.33 2.14
N MET A 721 9.03 -0.11 3.26
CA MET A 721 9.94 0.76 4.00
C MET A 721 11.16 1.13 3.15
N SER A 722 11.97 0.15 2.76
CA SER A 722 12.90 0.23 1.65
C SER A 722 13.52 -1.15 1.52
N PRO A 723 14.22 -1.46 0.43
CA PRO A 723 15.29 -2.44 0.51
C PRO A 723 16.65 -1.83 0.83
N THR A 724 16.79 -0.50 0.77
CA THR A 724 18.09 0.15 0.67
C THR A 724 18.22 1.37 1.57
N PHE A 725 17.74 1.30 2.82
CA PHE A 725 18.06 2.36 3.76
C PHE A 725 19.54 2.38 4.12
N GLU A 726 20.03 3.57 4.46
CA GLU A 726 21.31 3.73 5.17
C GLU A 726 21.05 3.79 6.68
N LYS A 727 20.46 2.70 7.20
CA LYS A 727 20.13 2.65 8.62
C LYS A 727 21.37 2.82 9.48
N GLY A 728 22.51 2.30 9.02
CA GLY A 728 23.74 2.47 9.78
C GLY A 728 24.13 3.92 9.95
N LYS A 729 23.95 4.74 8.92
CA LYS A 729 24.20 6.18 9.06
C LYS A 729 23.23 6.82 10.05
N LEU A 730 21.96 6.43 10.02
CA LEU A 730 20.99 6.97 10.96
C LEU A 730 21.35 6.60 12.38
N LEU A 731 21.67 5.32 12.61
CA LEU A 731 22.00 4.85 13.93
C LEU A 731 23.24 5.56 14.45
N ILE A 732 24.26 5.70 13.59
CA ILE A 732 25.49 6.33 14.03
C ILE A 732 25.24 7.81 14.36
N THR A 733 24.40 8.49 13.58
CA THR A 733 24.10 9.88 13.92
C THR A 733 23.38 9.99 15.26
N ILE A 734 22.47 9.07 15.55
CA ILE A 734 21.86 9.01 16.88
C ILE A 734 22.92 8.81 17.95
N PHE A 735 23.90 7.96 17.67
CA PHE A 735 24.94 7.73 18.65
C PHE A 735 25.81 8.99 18.81
N VAL A 736 25.97 9.75 17.74
CA VAL A 736 26.69 11.03 17.83
C VAL A 736 25.94 11.95 18.79
N LEU A 737 24.61 11.93 18.72
CA LEU A 737 23.84 12.74 19.68
C LEU A 737 24.10 12.28 21.10
N LEU A 738 24.10 10.96 21.32
CA LEU A 738 24.26 10.49 22.69
C LEU A 738 25.65 10.83 23.24
N VAL A 739 26.69 10.71 22.40
CA VAL A 739 28.03 10.98 22.91
C VAL A 739 28.18 12.48 23.20
N ILE A 740 27.59 13.34 22.37
CA ILE A 740 27.75 14.76 22.66
C ILE A 740 27.00 15.11 23.95
N THR A 741 25.90 14.41 24.24
CA THR A 741 25.27 14.56 25.56
C THR A 741 26.24 14.19 26.66
N TYR A 742 26.92 13.05 26.50
CA TYR A 742 27.85 12.59 27.53
C TYR A 742 29.00 13.58 27.70
N PHE A 743 29.38 14.27 26.63
CA PHE A 743 30.43 15.26 26.73
C PHE A 743 29.98 16.48 27.51
N ILE A 744 28.84 17.06 27.12
CA ILE A 744 28.55 18.40 27.63
C ILE A 744 27.84 18.41 28.98
N ARG A 745 27.00 17.42 29.30
CA ARG A 745 26.14 17.55 30.47
C ARG A 745 26.87 17.68 31.80
N PRO A 746 27.78 16.79 32.19
CA PRO A 746 28.60 17.09 33.40
C PRO A 746 29.39 18.36 33.27
N SER A 747 29.93 18.60 32.07
CA SER A 747 30.75 19.78 31.83
C SER A 747 29.93 21.02 32.05
N VAL A 748 28.84 21.17 31.30
CA VAL A 748 28.16 22.44 31.28
C VAL A 748 27.46 22.68 32.60
N SER A 749 26.86 21.63 33.18
CA SER A 749 26.19 21.79 34.47
C SER A 749 27.15 22.28 35.57
N ASN A 750 28.27 21.58 35.76
CA ASN A 750 29.28 22.04 36.70
C ASN A 750 29.79 23.43 36.35
N LYS A 751 30.23 23.61 35.10
CA LYS A 751 30.91 24.83 34.70
C LYS A 751 30.01 26.04 34.93
N LYS A 752 28.80 26.01 34.37
CA LYS A 752 28.01 27.22 34.41
C LYS A 752 27.42 27.44 35.80
N LEU A 753 26.89 26.40 36.45
CA LEU A 753 26.27 26.65 37.75
C LEU A 753 27.29 27.14 38.76
N LYS A 754 28.47 26.53 38.80
CA LYS A 754 29.45 26.91 39.79
C LYS A 754 30.22 28.15 39.40
N SER A 755 30.31 28.47 38.11
CA SER A 755 31.08 29.65 37.71
C SER A 755 30.21 30.88 37.82
N GLN A 756 28.93 30.77 37.49
CA GLN A 756 28.05 31.93 37.60
C GLN A 756 27.65 32.18 39.05
N TRP A 757 27.62 31.14 39.90
CA TRP A 757 27.37 31.42 41.31
C TRP A 757 28.62 31.91 42.03
N LEU A 758 29.81 31.63 41.49
CA LEU A 758 31.09 31.98 42.12
C LEU A 758 31.09 31.64 43.60
N ILE A 759 30.75 30.39 43.90
CA ILE A 759 30.58 29.95 45.28
C ILE A 759 31.89 30.06 46.05
N LYS B 3 17.06 10.04 55.37
CA LYS B 3 15.79 10.74 55.46
C LYS B 3 15.95 12.12 54.83
N ASP B 4 15.20 12.35 53.75
CA ASP B 4 15.35 13.58 52.98
C ASP B 4 14.77 14.79 53.68
N LEU B 5 13.93 14.61 54.70
CA LEU B 5 13.43 15.76 55.45
C LEU B 5 14.57 16.55 56.08
N VAL B 6 15.70 15.89 56.33
CA VAL B 6 16.83 16.55 56.97
C VAL B 6 17.28 17.74 56.14
N ARG B 7 17.37 17.57 54.80
CA ARG B 7 17.96 18.63 54.00
C ARG B 7 17.15 19.91 54.06
N GLU B 8 15.86 19.84 54.44
CA GLU B 8 15.08 21.06 54.56
C GLU B 8 15.72 22.04 55.53
N LYS B 9 16.10 21.55 56.72
CA LYS B 9 16.81 22.41 57.67
C LYS B 9 18.10 22.91 57.08
N LEU B 10 18.78 22.06 56.35
CA LEU B 10 20.05 22.47 55.81
C LEU B 10 19.80 23.56 54.78
N LEU B 11 18.75 23.41 53.97
CA LEU B 11 18.41 24.47 53.03
C LEU B 11 18.17 25.78 53.77
N THR B 12 17.46 25.72 54.90
CA THR B 12 17.32 26.89 55.74
C THR B 12 18.67 27.39 56.24
N ILE B 13 19.51 26.49 56.71
CA ILE B 13 20.68 26.92 57.46
C ILE B 13 21.69 27.59 56.54
N MET B 14 21.76 27.19 55.27
CA MET B 14 22.59 27.97 54.37
C MET B 14 22.00 29.35 54.15
N ASN B 15 20.73 29.42 53.77
CA ASN B 15 20.17 30.72 53.43
C ASN B 15 19.98 31.60 54.66
N THR B 16 19.70 31.01 55.82
CA THR B 16 19.38 31.79 57.00
C THR B 16 20.59 32.07 57.89
N LYS B 17 21.66 31.29 57.79
CA LYS B 17 22.77 31.36 58.75
C LYS B 17 22.25 31.13 60.17
N ALA B 18 21.35 30.16 60.31
CA ALA B 18 20.77 29.86 61.62
C ALA B 18 21.83 29.46 62.62
N TYR B 19 22.91 28.83 62.16
CA TYR B 19 23.99 28.39 63.04
C TYR B 19 24.57 29.55 63.84
N THR B 20 24.51 30.77 63.30
CA THR B 20 25.29 31.88 63.82
C THR B 20 24.91 32.21 65.27
N GLN B 21 23.62 32.13 65.58
CA GLN B 21 23.12 32.45 66.91
C GLN B 21 22.69 31.19 67.68
N PHE B 22 23.32 30.06 67.40
CA PHE B 22 23.00 28.82 68.10
C PHE B 22 23.94 28.58 69.26
N ASN B 23 23.38 27.98 70.31
CA ASN B 23 24.14 27.60 71.48
C ASN B 23 25.19 26.57 71.07
N PRO B 24 26.42 26.63 71.58
CA PRO B 24 27.37 25.55 71.24
C PRO B 24 26.91 24.16 71.63
N GLU B 25 25.98 24.03 72.59
CA GLU B 25 25.41 22.72 72.87
C GLU B 25 24.57 22.24 71.70
N GLN B 26 23.61 23.05 71.27
CA GLN B 26 22.77 22.64 70.15
C GLN B 26 23.53 22.75 68.84
N LEU B 27 24.52 23.64 68.76
CA LEU B 27 25.37 23.66 67.58
C LEU B 27 26.18 22.36 67.45
N LEU B 28 26.72 21.88 68.57
CA LEU B 28 27.40 20.59 68.57
C LEU B 28 26.45 19.46 68.18
N GLN B 29 25.21 19.53 68.67
CA GLN B 29 24.19 18.59 68.21
C GLN B 29 23.98 18.75 66.71
N LEU B 30 23.93 19.99 66.25
CA LEU B 30 23.63 20.27 64.86
C LEU B 30 24.69 19.66 63.95
N GLU B 31 25.95 19.86 64.29
CA GLU B 31 27.03 19.30 63.49
C GLU B 31 27.03 17.78 63.50
N ASN B 32 26.74 17.18 64.67
CA ASN B 32 26.60 15.72 64.70
C ASN B 32 25.41 15.24 63.89
N GLU B 33 24.27 15.91 64.01
CA GLU B 33 23.08 15.54 63.25
C GLU B 33 23.27 15.75 61.77
N MET B 34 24.08 16.75 61.42
CA MET B 34 24.39 17.04 60.04
C MET B 34 25.23 15.93 59.43
N LYS B 35 26.37 15.60 60.04
CA LYS B 35 27.36 14.75 59.38
C LYS B 35 26.78 13.40 58.99
N ILE B 36 25.86 12.87 59.79
CA ILE B 36 25.24 11.57 59.48
C ILE B 36 24.46 11.65 58.16
N TYR B 37 23.69 12.72 57.97
CA TYR B 37 22.95 12.89 56.72
C TYR B 37 23.86 13.32 55.59
N MET B 38 24.87 14.11 55.90
CA MET B 38 25.82 14.56 54.89
C MET B 38 26.54 13.36 54.28
N LYS B 39 26.95 12.41 55.12
CA LYS B 39 27.68 11.25 54.64
C LYS B 39 26.73 10.20 54.07
N SER B 40 25.53 10.07 54.64
CA SER B 40 24.63 8.98 54.30
C SER B 40 23.65 9.36 53.18
N GLY B 41 22.88 10.41 53.41
CA GLY B 41 21.82 10.77 52.48
C GLY B 41 22.31 11.61 51.33
N ASP B 42 23.11 11.00 50.45
CA ASP B 42 23.76 11.70 49.36
C ASP B 42 22.90 11.79 48.10
N SER B 43 21.61 11.50 48.19
CA SER B 43 20.74 11.38 47.02
C SER B 43 20.01 12.69 46.70
N ALA B 44 19.77 12.90 45.41
CA ALA B 44 18.76 13.81 44.88
C ALA B 44 19.00 15.29 45.17
N LEU B 45 20.19 15.68 45.61
CA LEU B 45 20.50 17.07 45.95
C LEU B 45 21.57 17.60 45.01
N THR B 46 21.43 18.87 44.65
CA THR B 46 22.28 19.48 43.62
C THR B 46 23.72 19.59 44.08
N GLU B 47 24.63 19.71 43.10
CA GLU B 47 26.02 19.98 43.41
C GLU B 47 26.18 21.32 44.09
N GLY B 48 25.46 22.34 43.62
CA GLY B 48 25.56 23.65 44.25
C GLY B 48 25.15 23.58 45.70
N ASN B 49 24.06 22.87 45.97
CA ASN B 49 23.67 22.64 47.35
C ASN B 49 24.74 21.84 48.07
N TYR B 50 25.37 20.88 47.37
CA TYR B 50 26.43 20.08 47.98
C TYR B 50 27.55 20.95 48.53
N PHE B 51 28.05 21.87 47.73
CA PHE B 51 29.19 22.68 48.15
C PHE B 51 28.79 23.80 49.08
N PHE B 52 27.56 24.31 48.96
CA PHE B 52 27.05 25.20 50.01
C PHE B 52 26.93 24.48 51.34
N LEU B 53 26.59 23.19 51.32
CA LEU B 53 26.52 22.44 52.56
C LEU B 53 27.91 22.11 53.06
N MET B 54 28.86 22.04 52.15
CA MET B 54 30.18 21.60 52.53
C MET B 54 30.90 22.74 53.22
N GLU B 55 30.86 23.93 52.62
CA GLU B 55 31.40 25.08 53.35
C GLU B 55 30.61 25.35 54.62
N MET B 56 29.29 25.10 54.63
CA MET B 56 28.57 25.37 55.88
C MET B 56 28.98 24.37 56.95
N LEU B 57 29.53 23.23 56.52
CA LEU B 57 30.16 22.29 57.45
C LEU B 57 31.46 22.88 57.94
N PHE B 58 32.21 23.51 57.03
CA PHE B 58 33.49 24.09 57.42
C PHE B 58 33.26 25.14 58.50
N TYR B 59 32.30 26.03 58.25
CA TYR B 59 32.07 27.15 59.15
C TYR B 59 31.40 26.71 60.45
N VAL B 60 30.61 25.63 60.42
CA VAL B 60 30.17 25.03 61.68
C VAL B 60 31.37 24.48 62.43
N LEU B 61 32.29 23.81 61.74
CA LEU B 61 33.45 23.22 62.41
C LEU B 61 34.37 24.28 63.00
N VAL B 62 34.56 25.40 62.31
CA VAL B 62 35.29 26.51 62.91
C VAL B 62 34.49 27.07 64.08
N TYR B 63 33.16 27.15 63.93
CA TYR B 63 32.32 27.49 65.07
C TYR B 63 32.46 26.44 66.16
N ARG B 64 32.66 25.18 65.79
CA ARG B 64 32.90 24.19 66.81
C ARG B 64 34.24 24.46 67.49
N ASN B 65 34.43 23.81 68.62
CA ASN B 65 35.59 24.06 69.46
C ASN B 65 36.79 23.25 68.99
N GLN B 66 36.55 22.08 68.40
CA GLN B 66 37.57 21.40 67.61
C GLN B 66 37.54 21.95 66.19
N ASP B 67 38.73 22.18 65.63
CA ASP B 67 38.86 22.90 64.37
C ASP B 67 39.76 22.25 63.34
N VAL B 68 40.46 21.16 63.68
CA VAL B 68 41.32 20.50 62.68
C VAL B 68 40.49 19.96 61.52
N ASP B 69 39.27 19.51 61.79
CA ASP B 69 38.40 19.06 60.71
C ASP B 69 38.07 20.17 59.73
N ALA B 70 38.17 21.42 60.16
CA ALA B 70 37.99 22.54 59.24
C ALA B 70 38.99 22.46 58.10
N GLN B 71 40.24 22.11 58.43
CA GLN B 71 41.24 21.95 57.37
C GLN B 71 40.84 20.85 56.42
N VAL B 72 40.23 19.78 56.96
CA VAL B 72 39.80 18.66 56.12
C VAL B 72 38.78 19.15 55.11
N VAL B 73 37.78 19.87 55.60
CA VAL B 73 36.68 20.25 54.73
C VAL B 73 37.18 21.25 53.71
N TYR B 74 38.04 22.18 54.15
CA TYR B 74 38.57 23.17 53.21
C TYR B 74 39.39 22.53 52.13
N ASN B 75 40.23 21.55 52.47
CA ASN B 75 41.05 20.92 51.45
C ASN B 75 40.18 20.17 50.45
N THR B 76 39.15 19.49 50.93
CA THR B 76 38.23 18.82 50.00
C THR B 76 37.43 19.80 49.16
N LEU B 77 37.10 20.97 49.70
CA LEU B 77 36.35 21.98 48.98
C LEU B 77 37.23 22.91 48.14
N ARG B 78 38.55 22.80 48.24
CA ARG B 78 39.46 23.64 47.47
C ARG B 78 39.58 23.20 46.03
N ASP B 79 38.92 22.12 45.65
CA ASP B 79 39.08 21.55 44.32
C ASP B 79 38.54 22.46 43.22
N ARG B 80 37.46 23.19 43.49
CA ARG B 80 36.64 23.80 42.46
C ARG B 80 36.76 25.32 42.49
N LEU B 81 37.06 25.90 41.32
CA LEU B 81 37.25 27.34 41.16
C LEU B 81 38.46 27.85 41.97
N GLY B 82 39.40 26.95 42.25
CA GLY B 82 40.63 27.33 42.94
C GLY B 82 40.36 27.97 44.29
N GLU B 83 40.78 29.23 44.42
CA GLU B 83 40.56 29.98 45.65
C GLU B 83 40.07 31.41 45.38
N ASN B 84 39.78 31.77 44.14
CA ASN B 84 39.54 33.16 43.80
C ASN B 84 38.15 33.65 44.13
N SER B 85 37.18 32.76 44.34
CA SER B 85 35.85 33.22 44.66
C SER B 85 35.82 33.82 46.05
N TYR B 86 34.72 34.52 46.34
CA TYR B 86 34.62 35.25 47.60
C TYR B 86 34.75 34.31 48.79
N LYS B 87 34.22 33.10 48.67
CA LYS B 87 34.21 32.21 49.82
C LYS B 87 35.61 31.78 50.18
N MET B 88 36.41 31.33 49.21
CA MET B 88 37.74 30.86 49.56
C MET B 88 38.62 31.98 50.09
N VAL B 89 38.38 33.21 49.66
CA VAL B 89 39.00 34.35 50.32
C VAL B 89 38.58 34.41 51.78
N ILE B 90 37.31 34.13 52.06
CA ILE B 90 36.87 34.11 53.45
C ILE B 90 37.53 32.94 54.20
N MET B 91 37.53 31.75 53.60
CA MET B 91 38.04 30.60 54.33
C MET B 91 39.53 30.76 54.60
N LYS B 92 40.28 31.29 53.64
CA LYS B 92 41.71 31.38 53.83
C LYS B 92 42.02 32.46 54.84
N ALA B 93 41.25 33.56 54.82
CA ALA B 93 41.49 34.61 55.79
C ALA B 93 41.20 34.13 57.20
N THR B 94 40.04 33.50 57.42
CA THR B 94 39.74 33.02 58.77
C THR B 94 40.65 31.88 59.21
N LEU B 95 41.13 31.05 58.28
CA LEU B 95 42.15 30.07 58.61
C LEU B 95 43.45 30.74 59.04
N LEU B 96 43.97 31.64 58.21
CA LEU B 96 45.21 32.35 58.53
C LEU B 96 45.08 33.17 59.80
N GLN B 97 43.87 33.63 60.12
CA GLN B 97 43.67 34.40 61.33
C GLN B 97 43.51 33.52 62.56
N ILE B 98 42.96 32.31 62.41
CA ILE B 98 42.74 31.43 63.55
C ILE B 98 43.89 30.45 63.74
N ASN B 99 44.62 30.11 62.68
CA ASN B 99 45.60 29.03 62.77
C ASN B 99 46.74 29.37 63.72
N GLY B 100 47.10 30.65 63.80
CA GLY B 100 48.18 31.11 64.66
C GLY B 100 47.83 32.35 65.45
N ASN B 101 46.60 32.86 65.29
CA ASN B 101 46.20 34.17 65.82
C ASN B 101 47.12 35.26 65.29
N ASP B 102 47.49 35.15 64.02
CA ASP B 102 48.28 36.16 63.34
C ASP B 102 47.35 37.05 62.50
N LYS B 103 47.65 38.34 62.50
CA LYS B 103 46.85 39.31 61.77
C LYS B 103 47.06 39.22 60.25
N GLY B 104 48.04 38.46 59.79
CA GLY B 104 48.59 38.54 58.44
C GLY B 104 47.63 38.65 57.27
N ALA B 105 46.52 37.91 57.31
CA ALA B 105 45.62 37.82 56.16
C ALA B 105 45.15 39.19 55.69
N ILE B 106 44.99 40.13 56.62
CA ILE B 106 44.48 41.45 56.28
C ILE B 106 45.39 42.11 55.25
N GLU B 107 46.71 42.10 55.50
CA GLU B 107 47.57 42.79 54.55
C GLU B 107 47.63 42.00 53.25
N TYR B 108 47.60 40.67 53.33
CA TYR B 108 47.47 39.88 52.11
C TYR B 108 46.12 40.08 51.46
N LEU B 109 45.13 40.48 52.22
CA LEU B 109 43.85 40.91 51.67
C LEU B 109 43.83 42.39 51.32
N GLU B 110 44.70 43.18 51.95
CA GLU B 110 44.72 44.63 51.70
C GLU B 110 45.02 44.93 50.24
N ASN B 111 46.17 44.45 49.75
CA ASN B 111 46.51 44.63 48.35
C ASN B 111 45.46 44.01 47.44
N LEU B 112 44.73 43.00 47.93
CA LEU B 112 43.65 42.42 47.15
C LEU B 112 42.62 43.48 46.78
N LEU B 113 42.22 44.30 47.76
CA LEU B 113 41.32 45.40 47.43
C LEU B 113 42.00 46.43 46.53
N ASN B 114 43.32 46.63 46.69
CA ASN B 114 44.04 47.47 45.77
C ASN B 114 44.22 46.81 44.41
N ASP B 115 44.04 45.49 44.35
CA ASP B 115 43.90 44.81 43.07
C ASP B 115 42.45 44.76 42.59
N ASP B 116 41.49 45.00 43.49
CA ASP B 116 40.12 45.25 43.09
C ASP B 116 39.91 46.67 42.57
N LEU B 117 40.94 47.51 42.53
CA LEU B 117 40.80 48.82 41.91
C LEU B 117 40.42 48.71 40.44
N GLU B 118 40.82 47.63 39.77
CA GLU B 118 40.39 47.33 38.42
C GLU B 118 39.06 46.60 38.36
N TYR B 119 38.44 46.31 39.51
CA TYR B 119 37.23 45.49 39.58
C TYR B 119 37.51 44.10 39.01
N GLU B 120 38.59 43.49 39.49
CA GLU B 120 38.94 42.13 39.07
C GLU B 120 37.91 41.10 39.51
N THR B 121 37.08 41.43 40.49
CA THR B 121 36.00 40.56 40.96
C THR B 121 34.73 41.39 41.09
N ASP B 122 33.61 40.70 41.37
CA ASP B 122 32.31 41.35 41.34
C ASP B 122 32.16 42.27 42.56
N PHE B 123 31.13 43.12 42.51
CA PHE B 123 30.93 44.09 43.58
C PHE B 123 30.57 43.40 44.89
N VAL B 124 29.75 42.33 44.83
CA VAL B 124 29.38 41.62 46.05
C VAL B 124 30.61 41.02 46.72
N THR B 125 31.62 40.64 45.92
CA THR B 125 32.81 40.04 46.48
C THR B 125 33.50 40.99 47.44
N TYR B 126 33.95 42.14 46.93
CA TYR B 126 34.67 43.02 47.83
C TYR B 126 33.73 43.80 48.75
N VAL B 127 32.42 43.77 48.51
CA VAL B 127 31.47 44.12 49.59
C VAL B 127 31.69 43.19 50.78
N SER B 128 31.72 41.89 50.52
CA SER B 128 31.91 40.94 51.60
C SER B 128 33.32 41.03 52.18
N ILE B 129 34.30 41.32 51.33
CA ILE B 129 35.67 41.54 51.82
C ILE B 129 35.71 42.76 52.74
N ALA B 130 35.03 43.84 52.36
CA ALA B 130 34.95 45.00 53.24
C ALA B 130 34.33 44.62 54.57
N LYS B 131 33.27 43.81 54.52
CA LYS B 131 32.62 43.35 55.74
C LYS B 131 33.56 42.53 56.61
N LYS B 132 34.26 41.57 56.02
CA LYS B 132 35.07 40.68 56.84
C LYS B 132 36.39 41.31 57.25
N LEU B 133 36.93 42.24 56.44
CA LEU B 133 38.14 42.94 56.88
C LEU B 133 37.82 43.89 58.01
N ILE B 134 36.64 44.50 58.00
CA ILE B 134 36.21 45.26 59.16
C ILE B 134 36.00 44.33 60.35
N ALA B 135 35.46 43.15 60.12
CA ALA B 135 35.31 42.18 61.20
C ALA B 135 36.66 41.80 61.81
N ILE B 136 37.69 41.69 60.98
CA ILE B 136 39.07 41.57 61.49
C ILE B 136 39.46 42.82 62.27
N LYS B 137 39.16 44.00 61.73
CA LYS B 137 39.71 45.21 62.31
C LYS B 137 39.08 45.51 63.65
N THR B 138 37.82 45.16 63.85
CA THR B 138 37.20 45.30 65.15
C THR B 138 37.77 44.32 66.17
N THR B 139 38.54 43.34 65.73
CA THR B 139 39.42 42.60 66.64
C THR B 139 40.76 43.29 66.78
N SER B 140 41.24 43.92 65.72
CA SER B 140 42.46 44.71 65.83
C SER B 140 42.26 45.88 66.79
N LYS B 141 41.21 46.66 66.55
CA LYS B 141 40.70 47.66 67.48
C LYS B 141 39.48 47.04 68.14
N ASN B 142 39.66 46.58 69.39
CA ASN B 142 38.79 45.54 69.95
C ASN B 142 37.33 45.97 69.99
N LEU B 143 37.05 47.23 70.26
CA LEU B 143 35.70 47.77 70.12
C LEU B 143 35.74 49.28 70.20
N SER B 144 34.90 49.95 69.43
CA SER B 144 34.72 51.39 69.55
C SER B 144 33.54 51.81 68.69
N GLN B 145 33.06 53.03 68.95
CA GLN B 145 32.02 53.62 68.11
C GLN B 145 32.56 54.02 66.74
N GLU B 146 33.85 54.31 66.65
CA GLU B 146 34.46 54.67 65.37
C GLU B 146 34.46 53.52 64.38
N SER B 147 34.20 52.29 64.84
CA SER B 147 33.94 51.19 63.91
C SER B 147 32.86 51.59 62.91
N VAL B 148 31.79 52.21 63.40
CA VAL B 148 30.77 52.74 62.50
C VAL B 148 31.37 53.83 61.63
N LEU B 149 32.18 54.70 62.21
CA LEU B 149 32.83 55.72 61.39
C LEU B 149 33.68 55.07 60.31
N LYS B 150 34.34 53.94 60.63
CA LYS B 150 35.00 53.16 59.59
C LYS B 150 33.99 52.63 58.58
N GLU B 151 32.81 52.20 59.06
CA GLU B 151 31.80 51.72 58.13
C GLU B 151 31.44 52.83 57.17
N VAL B 152 31.42 54.08 57.63
CA VAL B 152 30.99 55.17 56.76
C VAL B 152 31.94 55.27 55.57
N VAL B 153 33.26 55.19 55.82
CA VAL B 153 34.18 55.28 54.68
C VAL B 153 34.03 54.05 53.80
N ALA B 154 33.55 52.94 54.36
CA ALA B 154 33.19 51.77 53.57
C ALA B 154 31.74 51.80 53.08
N LEU B 155 30.81 52.45 53.79
CA LEU B 155 29.39 52.29 53.50
C LEU B 155 28.85 53.40 52.62
N THR B 156 28.99 54.65 53.07
CA THR B 156 28.42 55.77 52.35
C THR B 156 29.25 56.18 51.14
N ASP B 157 30.51 55.71 51.06
CA ASP B 157 31.31 55.94 49.88
C ASP B 157 31.09 54.87 48.83
N LYS B 158 31.00 53.61 49.25
CA LYS B 158 31.02 52.53 48.23
C LYS B 158 29.72 51.77 48.00
N PHE B 159 28.92 51.45 49.02
CA PHE B 159 27.78 50.55 48.82
C PHE B 159 26.70 50.80 49.86
N PRO B 160 25.81 51.76 49.60
CA PRO B 160 24.61 51.86 50.43
C PRO B 160 23.70 50.64 50.34
N LEU B 161 23.80 49.86 49.26
CA LEU B 161 22.76 48.89 48.95
C LEU B 161 22.69 47.74 49.94
N ASP B 162 23.82 47.32 50.51
CA ASP B 162 23.78 46.22 51.46
C ASP B 162 23.02 46.64 52.70
N ALA B 163 21.86 46.02 52.92
CA ALA B 163 21.06 46.35 54.09
C ALA B 163 21.73 45.89 55.36
N GLU B 164 22.55 44.84 55.28
CA GLU B 164 23.26 44.33 56.45
C GLU B 164 24.11 45.43 57.08
N LEU B 165 24.77 46.24 56.25
CA LEU B 165 25.61 47.32 56.76
C LEU B 165 24.81 48.34 57.57
N TRP B 166 23.68 48.80 57.04
CA TRP B 166 22.85 49.72 57.80
C TRP B 166 22.23 49.04 59.01
N TRP B 167 21.91 47.76 58.91
CA TRP B 167 21.34 47.04 60.03
C TRP B 167 22.36 46.92 61.15
N TYR B 168 23.60 46.57 60.82
CA TYR B 168 24.63 46.47 61.83
C TYR B 168 24.93 47.84 62.43
N ALA B 169 24.97 48.87 61.59
CA ALA B 169 25.20 50.23 62.08
C ALA B 169 24.13 50.63 63.09
N SER B 170 22.91 50.10 62.91
CA SER B 170 21.84 50.43 63.83
C SER B 170 22.18 49.93 65.21
N GLU B 171 22.83 48.77 65.32
CA GLU B 171 23.12 48.21 66.64
C GLU B 171 24.05 49.10 67.44
N ILE B 172 25.12 49.56 66.79
CA ILE B 172 26.09 50.41 67.46
C ILE B 172 25.49 51.78 67.77
N TYR B 173 24.62 52.31 66.91
CA TYR B 173 23.88 53.50 67.31
C TYR B 173 22.95 53.21 68.49
N PHE B 174 22.23 52.09 68.44
CA PHE B 174 21.17 51.82 69.40
C PHE B 174 21.71 51.53 70.80
N GLU B 175 22.88 50.91 70.89
CA GLU B 175 23.38 50.47 72.20
C GLU B 175 23.66 51.65 73.12
N MET B 176 24.45 52.61 72.65
CA MET B 176 24.75 53.81 73.42
C MET B 176 24.65 55.10 72.61
N GLY B 177 24.58 55.02 71.29
CA GLY B 177 24.50 56.22 70.48
C GLY B 177 23.10 56.77 70.47
N GLN B 178 22.90 57.77 69.61
CA GLN B 178 21.59 58.39 69.52
C GLN B 178 20.60 57.43 68.87
N PHE B 179 19.44 57.30 69.49
CA PHE B 179 18.43 56.33 69.08
C PHE B 179 17.60 56.79 67.89
N GLU B 180 17.84 58.00 67.37
CA GLU B 180 17.08 58.50 66.23
C GLU B 180 17.69 58.12 64.89
N LYS B 181 19.02 58.05 64.80
CA LYS B 181 19.66 57.67 63.55
C LYS B 181 19.46 56.21 63.24
N ALA B 182 19.21 55.39 64.25
CA ALA B 182 18.74 54.03 63.99
C ALA B 182 17.39 54.04 63.27
N CYS B 183 16.52 55.00 63.58
CA CYS B 183 15.23 55.03 62.88
C CYS B 183 15.42 55.36 61.41
N TYR B 184 16.28 56.33 61.10
CA TYR B 184 16.63 56.62 59.71
C TYR B 184 17.24 55.41 59.03
N CYS B 185 18.20 54.75 59.69
CA CYS B 185 18.85 53.63 59.03
C CYS B 185 17.89 52.47 58.80
N LEU B 186 17.04 52.16 59.78
CA LEU B 186 16.03 51.12 59.57
C LEU B 186 15.04 51.50 58.49
N GLU B 187 14.75 52.79 58.32
CA GLU B 187 13.97 53.20 57.17
C GLU B 187 14.74 52.88 55.90
N GLN B 188 16.06 53.09 55.91
CA GLN B 188 16.82 52.78 54.72
C GLN B 188 16.81 51.29 54.44
N VAL B 189 16.75 50.47 55.50
CA VAL B 189 16.62 49.04 55.30
C VAL B 189 15.33 48.75 54.57
N LEU B 190 14.24 49.39 55.02
CA LEU B 190 12.98 49.26 54.30
C LEU B 190 13.11 49.70 52.85
N CYS B 191 13.94 50.70 52.60
CA CYS B 191 14.14 51.12 51.21
C CYS B 191 14.74 49.98 50.40
N ILE B 192 15.67 49.22 50.98
CA ILE B 192 16.36 48.21 50.19
C ILE B 192 15.43 47.05 49.88
N THR B 193 14.78 46.51 50.90
CA THR B 193 13.85 45.40 50.77
C THR B 193 12.45 45.84 51.19
N PRO B 194 11.41 45.53 50.41
CA PRO B 194 10.09 46.05 50.78
C PRO B 194 9.54 45.45 52.05
N PHE B 195 9.77 44.15 52.28
CA PHE B 195 8.95 43.36 53.19
C PHE B 195 9.75 42.76 54.34
N ASN B 196 10.81 43.43 54.77
CA ASN B 196 11.45 43.06 56.02
C ASN B 196 10.52 43.36 57.19
N TYR B 197 10.00 42.32 57.82
CA TYR B 197 9.03 42.48 58.89
C TYR B 197 9.66 42.43 60.28
N ALA B 198 10.99 42.35 60.37
CA ALA B 198 11.71 42.44 61.63
C ALA B 198 12.42 43.76 61.80
N CYS B 199 12.80 44.39 60.69
CA CYS B 199 13.09 45.82 60.71
C CYS B 199 11.86 46.60 61.11
N PHE B 200 10.67 46.07 60.84
CA PHE B 200 9.44 46.72 61.26
C PHE B 200 9.30 46.72 62.77
N GLY B 201 9.50 45.56 63.41
CA GLY B 201 9.50 45.52 64.87
C GLY B 201 10.59 46.36 65.48
N ARG B 202 11.79 46.31 64.90
CA ARG B 202 12.89 47.04 65.51
C ARG B 202 12.68 48.55 65.35
N LEU B 203 12.19 48.99 64.18
CA LEU B 203 12.05 50.41 63.95
C LEU B 203 11.06 51.01 64.95
N SER B 204 10.11 50.19 65.42
CA SER B 204 9.19 50.64 66.44
C SER B 204 9.85 50.61 67.81
N GLU B 205 10.69 49.60 68.06
CA GLU B 205 11.32 49.51 69.37
C GLU B 205 12.26 50.68 69.62
N THR B 206 13.04 51.06 68.59
CA THR B 206 13.96 52.18 68.74
C THR B 206 13.22 53.50 68.94
N LEU B 207 12.06 53.66 68.30
CA LEU B 207 11.18 54.79 68.60
C LEU B 207 10.68 54.75 70.03
N TYR B 208 10.30 53.57 70.51
CA TYR B 208 9.80 53.46 71.87
C TYR B 208 10.88 53.81 72.90
N TYR B 209 12.08 53.31 72.69
CA TYR B 209 13.19 53.62 73.59
C TYR B 209 13.58 55.09 73.51
N GLU B 210 13.52 55.68 72.31
CA GLU B 210 13.65 57.13 72.18
C GLU B 210 12.56 57.86 72.96
N ALA B 211 11.34 57.35 72.90
CA ALA B 211 10.21 58.02 73.55
C ALA B 211 10.33 57.95 75.07
N LEU B 212 10.98 56.91 75.59
CA LEU B 212 11.13 56.79 77.04
C LEU B 212 11.94 57.94 77.64
N ARG B 213 12.70 58.68 76.82
CA ARG B 213 13.56 59.75 77.29
C ARG B 213 13.19 61.10 76.66
N SER B 214 11.98 61.23 76.13
CA SER B 214 11.54 62.39 75.38
C SER B 214 10.49 63.17 76.16
N LYS B 215 9.96 64.23 75.54
CA LYS B 215 8.94 65.05 76.15
C LYS B 215 7.57 64.36 76.04
N LYS B 216 6.58 64.94 76.73
CA LYS B 216 5.26 64.32 76.76
C LYS B 216 4.62 64.31 75.37
N GLN B 217 4.66 65.45 74.68
CA GLN B 217 4.07 65.48 73.34
C GLN B 217 4.87 64.61 72.38
N THR B 218 6.19 64.56 72.54
CA THR B 218 6.98 63.64 71.74
C THR B 218 6.77 62.21 72.19
N LYS B 219 6.50 61.99 73.49
CA LYS B 219 6.15 60.65 73.95
C LYS B 219 4.91 60.14 73.24
N THR B 220 3.84 60.93 73.23
CA THR B 220 2.63 60.53 72.53
C THR B 220 2.84 60.42 71.02
N GLU B 221 3.58 61.36 70.42
CA GLU B 221 3.85 61.33 68.99
C GLU B 221 4.62 60.07 68.60
N LEU B 222 5.70 59.78 69.33
CA LEU B 222 6.53 58.63 69.01
C LEU B 222 5.82 57.33 69.33
N LEU B 223 5.04 57.29 70.41
CA LEU B 223 4.24 56.10 70.67
C LEU B 223 3.21 55.85 69.58
N GLU B 224 2.56 56.91 69.08
CA GLU B 224 1.60 56.76 68.00
C GLU B 224 2.27 56.28 66.71
N LYS B 225 3.43 56.84 66.40
CA LYS B 225 4.19 56.35 65.25
C LYS B 225 4.63 54.91 65.49
N ALA B 226 4.97 54.56 66.72
CA ALA B 226 5.37 53.20 67.04
C ALA B 226 4.20 52.25 66.83
N LEU B 227 3.00 52.67 67.24
CA LEU B 227 1.81 51.89 66.94
C LEU B 227 1.68 51.66 65.45
N LYS B 228 1.77 52.71 64.65
CA LYS B 228 1.55 52.52 63.22
C LYS B 228 2.67 51.72 62.54
N ASN B 229 3.87 51.71 63.11
CA ASN B 229 4.93 50.82 62.62
C ASN B 229 4.73 49.39 63.08
N ALA B 230 4.24 49.18 64.30
CA ALA B 230 3.98 47.82 64.74
C ALA B 230 2.76 47.26 64.03
N LEU B 231 1.78 48.10 63.73
CA LEU B 231 0.69 47.67 62.89
C LEU B 231 1.18 47.40 61.48
N ARG B 232 2.22 48.10 61.05
CA ARG B 232 2.79 47.79 59.75
C ARG B 232 3.48 46.44 59.77
N SER B 233 3.98 46.04 60.93
CA SER B 233 4.49 44.67 61.08
C SER B 233 3.37 43.68 60.80
N VAL B 234 2.19 43.93 61.38
CA VAL B 234 1.12 42.94 61.42
C VAL B 234 0.61 42.61 60.02
N GLU B 235 0.61 43.57 59.10
CA GLU B 235 0.10 43.27 57.77
C GLU B 235 0.98 42.23 57.06
N LEU B 236 2.26 42.14 57.42
CA LEU B 236 3.13 41.14 56.80
C LEU B 236 3.05 39.77 57.45
N SER B 237 2.36 39.62 58.58
CA SER B 237 2.31 38.30 59.19
C SER B 237 1.22 38.24 60.23
N GLU B 238 0.74 37.01 60.47
CA GLU B 238 -0.30 36.75 61.46
C GLU B 238 0.27 36.39 62.82
N LEU B 239 1.11 35.35 62.89
CA LEU B 239 1.69 34.88 64.14
C LEU B 239 3.04 35.52 64.46
N TYR B 240 3.40 36.62 63.79
CA TYR B 240 4.65 37.30 64.09
C TYR B 240 4.62 37.77 65.55
N LEU B 241 5.43 37.13 66.37
CA LEU B 241 5.42 37.37 67.81
C LEU B 241 5.77 38.80 68.18
N LYS B 242 6.71 39.41 67.46
CA LYS B 242 7.22 40.69 67.93
C LYS B 242 6.36 41.86 67.50
N GLY B 243 5.71 41.81 66.34
CA GLY B 243 4.81 42.90 65.97
C GLY B 243 3.58 42.94 66.85
N TRP B 244 2.92 41.78 67.00
CA TRP B 244 1.74 41.71 67.85
C TRP B 244 2.12 42.07 69.27
N ALA B 245 3.24 41.56 69.75
CA ALA B 245 3.62 41.84 71.12
C ALA B 245 3.87 43.33 71.31
N LEU B 246 4.54 44.00 70.36
CA LEU B 246 4.89 45.40 70.57
C LEU B 246 3.65 46.29 70.49
N VAL B 247 2.68 45.91 69.65
CA VAL B 247 1.36 46.52 69.68
C VAL B 247 0.74 46.36 71.07
N ASN B 248 0.74 45.13 71.59
CA ASN B 248 0.15 44.91 72.90
C ASN B 248 0.91 45.65 73.99
N ILE B 249 2.22 45.81 73.84
CA ILE B 249 3.03 46.48 74.85
C ILE B 249 2.65 47.95 74.94
N ILE B 250 2.65 48.65 73.80
CA ILE B 250 2.29 50.07 73.88
C ILE B 250 0.81 50.23 74.22
N SER B 251 -0.02 49.22 73.89
CA SER B 251 -1.41 49.23 74.37
C SER B 251 -1.51 49.00 75.87
N ARG B 252 -0.62 48.19 76.45
CA ARG B 252 -0.54 48.07 77.90
C ARG B 252 -0.15 49.42 78.50
N GLU B 253 0.78 50.11 77.87
CA GLU B 253 1.19 51.42 78.36
C GLU B 253 0.05 52.42 78.29
N LEU B 254 -0.70 52.42 77.18
CA LEU B 254 -1.75 53.41 76.94
C LEU B 254 -3.12 52.92 77.35
N GLY B 255 -3.56 51.78 76.83
CA GLY B 255 -4.77 51.14 77.32
C GLY B 255 -6.07 51.84 77.00
N ARG B 256 -6.07 52.75 76.04
CA ARG B 256 -7.27 53.55 75.76
C ARG B 256 -8.23 52.81 74.82
N ASN B 257 -9.51 53.17 74.96
CA ASN B 257 -10.66 52.34 74.57
C ASN B 257 -10.53 51.59 73.25
N LYS B 258 -10.09 52.25 72.17
CA LYS B 258 -10.04 51.55 70.89
C LYS B 258 -8.87 50.58 70.91
N GLN B 259 -7.78 50.98 71.54
CA GLN B 259 -6.71 50.03 71.71
C GLN B 259 -7.11 48.93 72.67
N ASN B 260 -8.09 49.13 73.56
CA ASN B 260 -8.48 48.02 74.43
C ASN B 260 -9.14 46.91 73.61
N ASP B 261 -9.90 47.28 72.58
CA ASP B 261 -10.37 46.31 71.60
C ASP B 261 -9.21 45.68 70.86
N LEU B 262 -8.24 46.48 70.43
CA LEU B 262 -7.09 45.88 69.75
C LEU B 262 -6.27 45.02 70.70
N ILE B 263 -6.30 45.29 72.00
CA ILE B 263 -5.74 44.38 72.99
C ILE B 263 -6.49 43.06 72.99
N LYS B 264 -7.82 43.09 72.92
CA LYS B 264 -8.56 41.83 72.85
C LYS B 264 -8.20 41.04 71.59
N LEU B 265 -8.14 41.72 70.45
CA LEU B 265 -7.76 41.04 69.21
C LEU B 265 -6.30 40.56 69.24
N SER B 266 -5.39 41.42 69.69
CA SER B 266 -3.99 41.05 69.82
C SER B 266 -3.82 39.95 70.84
N ALA B 267 -4.64 39.93 71.89
CA ALA B 267 -4.55 38.87 72.88
C ALA B 267 -4.96 37.53 72.28
N SER B 268 -6.03 37.54 71.47
CA SER B 268 -6.41 36.30 70.79
C SER B 268 -5.30 35.83 69.86
N LYS B 269 -4.69 36.75 69.12
CA LYS B 269 -3.59 36.38 68.22
C LYS B 269 -2.34 35.98 68.99
N LEU B 270 -2.04 36.65 70.10
CA LEU B 270 -0.85 36.37 70.88
C LEU B 270 -0.99 35.07 71.67
N LYS B 271 -2.20 34.72 72.09
CA LYS B 271 -2.43 33.41 72.68
C LYS B 271 -2.36 32.32 71.62
N GLU B 272 -2.80 32.63 70.41
CA GLU B 272 -2.58 31.72 69.29
C GLU B 272 -1.10 31.53 69.01
N ILE B 273 -0.33 32.61 69.09
CA ILE B 273 1.13 32.53 68.97
C ILE B 273 1.71 31.72 70.13
N SER B 274 1.28 32.02 71.36
CA SER B 274 1.81 31.37 72.54
C SER B 274 1.28 29.95 72.70
N ALA B 275 0.35 29.53 71.84
CA ALA B 275 0.09 28.11 71.64
C ALA B 275 1.40 27.41 71.29
N LYS B 276 1.45 26.12 71.60
CA LYS B 276 2.72 25.41 71.50
C LYS B 276 3.15 25.11 70.07
N SER B 277 2.47 25.64 69.04
CA SER B 277 2.98 25.53 67.68
C SER B 277 4.37 26.13 67.56
N ASN B 278 4.68 27.12 68.38
CA ASN B 278 5.95 27.83 68.45
C ASN B 278 6.78 27.25 69.58
N ASN B 279 8.10 27.25 69.45
CA ASN B 279 8.96 26.61 70.49
C ASN B 279 9.92 27.65 71.11
N LYS B 280 10.15 27.58 72.44
CA LYS B 280 11.09 28.49 73.16
C LYS B 280 10.64 29.95 73.09
N ASP B 281 10.34 30.47 71.90
CA ASP B 281 9.82 31.81 71.75
C ASP B 281 8.56 31.93 72.56
N LYS B 282 7.83 30.82 72.67
CA LYS B 282 6.64 30.78 73.48
C LYS B 282 6.96 31.13 74.92
N ILE B 283 8.14 30.76 75.40
CA ILE B 283 8.48 31.09 76.78
C ILE B 283 8.55 32.60 76.98
N THR B 284 9.16 33.32 76.03
CA THR B 284 9.16 34.77 76.14
C THR B 284 7.76 35.33 75.94
N ALA B 285 7.00 34.78 74.98
CA ALA B 285 5.66 35.27 74.70
C ALA B 285 4.72 35.08 75.89
N GLU B 286 4.76 33.90 76.50
CA GLU B 286 3.89 33.61 77.62
C GLU B 286 4.34 34.42 78.81
N LEU B 287 5.64 34.66 78.95
CA LEU B 287 6.14 35.36 80.12
C LEU B 287 5.53 36.74 80.18
N ILE B 288 5.51 37.44 79.06
CA ILE B 288 4.93 38.78 79.03
C ILE B 288 3.42 38.69 79.08
N LEU B 289 2.83 37.62 78.51
CA LEU B 289 1.38 37.49 78.51
C LEU B 289 0.85 37.37 79.94
N ASN B 290 1.41 36.43 80.71
CA ASN B 290 0.90 36.11 82.03
C ASN B 290 1.51 36.96 83.13
N LYS B 291 2.66 37.59 82.88
CA LYS B 291 3.24 38.47 83.88
C LYS B 291 2.33 39.68 84.11
N ILE B 292 1.94 40.34 83.02
CA ILE B 292 1.11 41.52 83.12
C ILE B 292 0.54 41.83 81.74
N LEU C 2 -4.72 0.76 3.35
CA LEU C 2 -3.30 0.53 3.14
C LEU C 2 -2.70 -0.35 4.23
N LEU C 3 -1.47 -0.79 4.00
CA LEU C 3 -0.74 -1.65 4.92
C LEU C 3 0.72 -1.19 4.92
N ASP C 4 1.08 -0.33 5.86
CA ASP C 4 2.46 0.04 6.04
C ASP C 4 3.16 -1.04 6.85
N ASP C 5 4.44 -1.21 6.61
CA ASP C 5 5.16 -2.42 7.02
C ASP C 5 6.37 -2.07 7.88
N GLN C 6 6.14 -1.97 9.19
CA GLN C 6 7.16 -2.18 10.20
C GLN C 6 8.31 -1.18 10.08
N LEU C 7 8.08 -0.04 9.42
CA LEU C 7 9.03 1.07 9.49
C LEU C 7 8.79 1.94 10.72
N LYS C 8 7.81 1.59 11.55
CA LYS C 8 7.54 2.34 12.77
C LYS C 8 8.76 2.37 13.67
N TYR C 9 9.57 1.32 13.64
CA TYR C 9 10.85 1.39 14.34
C TYR C 9 11.71 2.52 13.78
N TRP C 10 12.07 2.43 12.49
CA TRP C 10 13.13 3.28 11.96
C TRP C 10 12.75 4.72 11.66
N VAL C 11 11.49 5.15 11.81
CA VAL C 11 11.17 6.57 11.61
C VAL C 11 10.49 7.19 12.82
N LEU C 12 9.37 6.60 13.27
CA LEU C 12 8.57 7.27 14.31
C LEU C 12 9.36 7.42 15.60
N LEU C 13 10.04 6.37 16.00
CA LEU C 13 10.87 6.46 17.20
C LEU C 13 12.03 7.40 16.96
N PRO C 14 12.80 7.30 15.88
CA PRO C 14 13.87 8.29 15.68
C PRO C 14 13.37 9.71 15.63
N ILE C 15 12.17 9.96 15.11
CA ILE C 15 11.70 11.33 15.04
C ILE C 15 11.44 11.88 16.43
N SER C 16 10.70 11.14 17.26
CA SER C 16 10.53 11.63 18.63
C SER C 16 11.84 11.65 19.40
N ILE C 17 12.69 10.64 19.19
CA ILE C 17 13.93 10.56 19.93
C ILE C 17 14.84 11.73 19.59
N VAL C 18 14.98 12.03 18.31
CA VAL C 18 15.87 13.11 17.93
C VAL C 18 15.30 14.44 18.39
N MET C 19 13.97 14.61 18.36
CA MET C 19 13.44 15.87 18.89
C MET C 19 13.76 16.01 20.37
N VAL C 20 13.66 14.92 21.13
CA VAL C 20 13.96 14.98 22.57
C VAL C 20 15.43 15.34 22.78
N LEU C 21 16.33 14.62 22.11
CA LEU C 21 17.75 14.89 22.33
C LEU C 21 18.12 16.27 21.80
N THR C 22 17.57 16.66 20.64
CA THR C 22 17.99 17.91 20.02
C THR C 22 17.57 19.09 20.87
N GLY C 23 16.35 19.06 21.40
CA GLY C 23 15.95 20.12 22.31
C GLY C 23 16.73 20.15 23.61
N VAL C 24 16.95 18.98 24.22
CA VAL C 24 17.75 18.94 25.45
C VAL C 24 19.15 19.50 25.19
N LEU C 25 19.74 19.12 24.06
CA LEU C 25 20.99 19.73 23.63
C LEU C 25 20.82 21.21 23.37
N LYS C 26 19.68 21.63 22.86
CA LYS C 26 19.54 23.04 22.55
C LYS C 26 19.57 23.86 23.82
N GLN C 27 18.86 23.40 24.85
CA GLN C 27 18.89 24.12 26.13
C GLN C 27 20.29 24.13 26.73
N TYR C 28 20.98 22.99 26.69
CA TYR C 28 22.36 22.97 27.16
C TYR C 28 23.25 23.91 26.35
N ILE C 29 23.10 23.93 25.04
CA ILE C 29 23.96 24.75 24.19
C ILE C 29 23.69 26.23 24.41
N MET C 30 22.41 26.61 24.46
CA MET C 30 22.06 28.01 24.70
C MET C 30 22.55 28.45 26.07
N THR C 31 22.41 27.61 27.09
CA THR C 31 22.90 27.98 28.40
C THR C 31 24.41 28.15 28.39
N LEU C 32 25.11 27.27 27.66
CA LEU C 32 26.56 27.37 27.56
C LEU C 32 26.97 28.68 26.89
N ILE C 33 26.22 29.09 25.86
CA ILE C 33 26.66 30.21 25.03
C ILE C 33 26.60 31.52 25.82
N THR C 34 25.59 31.69 26.66
CA THR C 34 25.44 32.90 27.45
C THR C 34 26.26 32.77 28.73
N GLY C 35 27.39 33.47 28.79
CA GLY C 35 28.11 33.63 30.04
C GLY C 35 28.55 35.06 30.29
N SER C 36 28.09 35.65 31.40
CA SER C 36 28.61 36.93 31.83
C SER C 36 29.92 36.78 32.60
N SER C 37 29.87 36.06 33.72
CA SER C 37 30.98 35.78 34.63
C SER C 37 31.46 37.01 35.40
N ALA C 38 30.89 38.19 35.17
CA ALA C 38 31.20 39.41 35.90
C ALA C 38 30.25 40.47 35.36
N ASN C 39 30.25 41.64 36.01
CA ASN C 39 29.71 42.82 35.35
C ASN C 39 30.70 43.36 34.32
N GLU C 40 31.92 43.65 34.76
CA GLU C 40 33.02 44.11 33.93
C GLU C 40 34.31 43.91 34.73
N ALA C 41 35.43 44.38 34.19
CA ALA C 41 36.63 44.69 34.97
C ALA C 41 37.03 46.10 34.56
N GLN C 42 36.48 47.09 35.26
CA GLN C 42 36.69 48.50 34.98
C GLN C 42 36.93 49.17 36.33
N PRO C 43 37.25 50.47 36.39
CA PRO C 43 37.56 51.07 37.68
C PRO C 43 36.37 51.06 38.63
N ARG C 44 36.67 51.48 39.87
CA ARG C 44 35.71 51.40 40.96
C ARG C 44 34.48 52.26 40.73
N VAL C 45 34.68 53.49 40.24
CA VAL C 45 33.73 54.58 40.47
C VAL C 45 32.42 54.38 39.72
N LYS C 46 32.47 53.85 38.49
CA LYS C 46 31.30 53.94 37.63
C LYS C 46 30.20 52.98 38.07
N LEU C 47 30.57 51.77 38.49
CA LEU C 47 29.55 50.91 39.10
C LEU C 47 29.09 51.49 40.42
N THR C 48 29.96 52.22 41.12
CA THR C 48 29.61 52.73 42.44
C THR C 48 28.47 53.73 42.32
N GLU C 49 28.63 54.70 41.42
CA GLU C 49 27.53 55.64 41.26
C GLU C 49 26.38 54.99 40.49
N TRP C 50 26.64 53.90 39.76
CA TRP C 50 25.52 53.18 39.18
C TRP C 50 24.61 52.63 40.27
N GLN C 51 25.20 52.02 41.30
CA GLN C 51 24.36 51.48 42.36
C GLN C 51 23.73 52.61 43.18
N TYR C 52 24.38 53.77 43.26
CA TYR C 52 23.66 54.94 43.80
C TYR C 52 22.42 55.25 42.96
N LEU C 53 22.56 55.24 41.64
CA LEU C 53 21.41 55.44 40.77
C LEU C 53 20.35 54.37 41.00
N GLN C 54 20.76 53.12 41.18
CA GLN C 54 19.82 52.07 41.49
C GLN C 54 19.14 52.31 42.83
N TRP C 55 19.86 52.87 43.80
CA TRP C 55 19.25 53.23 45.08
C TRP C 55 18.15 54.27 44.88
N ALA C 56 18.40 55.25 44.01
CA ALA C 56 17.35 56.19 43.66
C ALA C 56 16.18 55.48 42.98
N GLN C 57 16.48 54.57 42.06
CA GLN C 57 15.42 53.90 41.33
C GLN C 57 14.55 53.09 42.28
N LEU C 58 15.16 52.36 43.19
CA LEU C 58 14.36 51.58 44.12
C LEU C 58 13.67 52.48 45.12
N LEU C 59 14.21 53.68 45.39
CA LEU C 59 13.48 54.61 46.23
C LEU C 59 12.18 55.02 45.58
N ILE C 60 12.16 55.05 44.25
CA ILE C 60 10.92 55.39 43.55
C ILE C 60 9.85 54.35 43.87
N GLY C 61 10.18 53.08 43.69
CA GLY C 61 9.26 52.00 44.00
C GLY C 61 9.17 51.65 45.46
N ASN C 62 10.30 51.25 46.06
CA ASN C 62 10.26 50.68 47.40
C ASN C 62 10.05 51.75 48.45
N GLY C 63 10.93 52.74 48.52
CA GLY C 63 10.87 53.69 49.62
C GLY C 63 9.86 54.80 49.46
N GLY C 64 9.11 54.83 48.37
CA GLY C 64 8.17 55.90 48.14
C GLY C 64 6.75 55.60 48.59
N ASN C 65 6.58 54.64 49.51
CA ASN C 65 5.27 54.17 49.92
C ASN C 65 4.99 54.41 51.39
N LEU C 66 5.93 54.09 52.28
CA LEU C 66 5.67 53.95 53.71
C LEU C 66 6.40 55.01 54.52
N SER C 67 6.65 56.17 53.92
CA SER C 67 7.57 57.17 54.45
C SER C 67 6.90 58.54 54.56
N SER C 68 5.65 58.57 55.06
CA SER C 68 4.89 59.81 55.16
C SER C 68 5.65 60.90 55.92
N ASP C 69 6.30 60.55 57.03
CA ASP C 69 7.17 61.50 57.71
C ASP C 69 8.49 61.69 56.98
N ALA C 70 9.09 60.60 56.51
CA ALA C 70 10.45 60.59 55.99
C ALA C 70 10.53 60.89 54.50
N PHE C 71 9.41 61.23 53.85
CA PHE C 71 9.46 61.52 52.42
C PHE C 71 10.41 62.67 52.11
N ALA C 72 10.18 63.82 52.75
CA ALA C 72 10.92 65.02 52.38
C ALA C 72 12.40 64.93 52.75
N ALA C 73 12.71 64.24 53.86
CA ALA C 73 14.08 64.16 54.34
C ALA C 73 15.02 63.58 53.30
N LYS C 74 14.50 62.72 52.42
CA LYS C 74 15.35 62.10 51.41
C LYS C 74 15.69 63.08 50.30
N LYS C 75 14.74 63.95 49.93
CA LYS C 75 14.87 64.65 48.65
C LYS C 75 16.02 65.63 48.63
N GLU C 76 16.32 66.25 49.77
CA GLU C 76 17.51 67.10 49.88
C GLU C 76 18.75 66.30 49.52
N PHE C 77 18.85 65.08 50.04
CA PHE C 77 20.00 64.24 49.76
C PHE C 77 20.07 63.96 48.25
N LEU C 78 18.91 63.62 47.66
CA LEU C 78 18.88 63.12 46.28
C LEU C 78 19.47 64.13 45.32
N VAL C 79 19.04 65.39 45.40
CA VAL C 79 19.49 66.36 44.43
C VAL C 79 20.96 66.64 44.64
N LYS C 80 21.41 66.68 45.90
CA LYS C 80 22.81 66.98 46.16
C LYS C 80 23.71 65.82 45.74
N ASP C 81 23.34 64.60 46.10
CA ASP C 81 24.17 63.45 45.77
C ASP C 81 24.23 63.22 44.26
N LEU C 82 23.08 63.31 43.59
CA LEU C 82 23.05 63.12 42.15
C LEU C 82 23.74 64.28 41.43
N THR C 83 23.58 65.50 41.95
CA THR C 83 24.14 66.69 41.32
C THR C 83 24.59 67.69 42.38
N GLY C 121 15.34 31.74 21.61
CA GLY C 121 16.11 32.69 20.84
C GLY C 121 15.81 32.62 19.36
N ASN C 122 15.82 33.77 18.69
CA ASN C 122 15.60 33.79 17.24
C ASN C 122 16.69 33.01 16.53
N MET C 123 17.93 33.13 17.00
CA MET C 123 18.98 32.23 16.52
C MET C 123 18.67 30.78 16.91
N ALA C 124 18.13 30.58 18.12
CA ALA C 124 17.73 29.24 18.53
C ALA C 124 16.55 28.71 17.73
N SER C 125 15.74 29.60 17.15
CA SER C 125 14.70 29.16 16.22
C SER C 125 15.31 28.78 14.87
N PHE C 126 16.15 29.66 14.33
CA PHE C 126 16.62 29.49 12.95
C PHE C 126 17.56 28.29 12.84
N ILE C 127 18.50 28.14 13.76
CA ILE C 127 19.61 27.20 13.59
C ILE C 127 19.10 25.76 13.55
N PRO C 128 18.53 25.21 14.62
CA PRO C 128 18.20 23.78 14.61
C PRO C 128 17.08 23.36 13.65
N GLN C 129 15.93 24.02 13.71
CA GLN C 129 14.73 23.40 13.14
C GLN C 129 14.69 23.57 11.63
N THR C 130 15.17 24.70 11.11
CA THR C 130 15.22 24.82 9.66
C THR C 130 16.21 23.81 9.09
N ILE C 131 17.37 23.64 9.71
CA ILE C 131 18.35 22.68 9.23
C ILE C 131 17.75 21.28 9.23
N ILE C 132 16.95 20.94 10.25
CA ILE C 132 16.48 19.56 10.27
C ILE C 132 15.24 19.39 9.40
N MET C 133 14.55 20.47 9.00
CA MET C 133 13.60 20.34 7.91
C MET C 133 14.26 19.76 6.66
N TRP C 134 15.42 20.33 6.29
CA TRP C 134 16.21 19.76 5.20
C TRP C 134 16.60 18.33 5.52
N TRP C 135 16.99 18.06 6.76
CA TRP C 135 17.48 16.72 7.10
C TRP C 135 16.39 15.69 6.88
N VAL C 136 15.19 15.95 7.40
CA VAL C 136 14.10 14.97 7.29
C VAL C 136 13.67 14.81 5.84
N ASN C 137 13.55 15.91 5.10
CA ASN C 137 13.23 15.75 3.68
C ASN C 137 14.35 15.05 2.92
N HIS C 138 15.59 15.16 3.40
CA HIS C 138 16.70 14.47 2.77
C HIS C 138 16.59 12.96 2.95
N PHE C 139 16.46 12.51 4.20
CA PHE C 139 16.58 11.09 4.49
C PHE C 139 15.24 10.38 4.46
N PHE C 140 14.17 11.04 4.93
CA PHE C 140 12.83 10.46 4.98
C PHE C 140 11.97 11.13 3.92
N ALA C 141 11.67 10.40 2.86
CA ALA C 141 10.81 10.91 1.81
C ALA C 141 10.03 9.75 1.21
N GLY C 142 8.98 10.10 0.47
CA GLY C 142 8.30 9.16 -0.40
C GLY C 142 7.67 8.01 0.33
N PHE C 143 7.16 8.24 1.53
CA PHE C 143 6.41 7.24 2.29
C PHE C 143 5.06 7.81 2.67
N ILE C 144 4.14 6.91 2.98
CA ILE C 144 2.97 7.24 3.76
C ILE C 144 3.21 6.57 5.10
N LEU C 145 3.48 7.37 6.11
CA LEU C 145 4.06 6.89 7.34
C LEU C 145 3.01 6.46 8.35
N MET C 146 1.86 7.12 8.37
CA MET C 146 0.88 6.90 9.42
C MET C 146 -0.45 7.46 8.96
N GLN C 147 -1.43 7.41 9.86
CA GLN C 147 -2.75 7.97 9.62
C GLN C 147 -3.09 8.89 10.79
N LEU C 148 -3.19 10.18 10.51
CA LEU C 148 -3.67 11.10 11.52
C LEU C 148 -5.09 10.72 11.91
N PRO C 149 -5.52 10.95 13.15
CA PRO C 149 -6.90 10.57 13.51
C PRO C 149 -7.94 11.54 13.02
N PHE C 150 -7.56 12.76 12.61
CA PHE C 150 -8.53 13.83 12.45
C PHE C 150 -8.70 14.21 10.98
N PRO C 151 -9.87 14.71 10.57
CA PRO C 151 -10.04 15.15 9.19
C PRO C 151 -9.43 16.53 8.99
N LEU C 152 -8.44 16.61 8.11
CA LEU C 152 -7.92 17.90 7.70
C LEU C 152 -8.79 18.40 6.55
N THR C 153 -8.43 19.55 5.99
CA THR C 153 -9.01 20.02 4.75
C THR C 153 -8.05 19.73 3.60
N ALA C 154 -8.55 19.91 2.37
CA ALA C 154 -7.81 19.43 1.22
C ALA C 154 -6.47 20.13 1.08
N LYS C 155 -6.42 21.44 1.31
CA LYS C 155 -5.16 22.14 1.12
C LYS C 155 -4.12 21.77 2.17
N PHE C 156 -4.52 21.29 3.35
CA PHE C 156 -3.54 20.63 4.19
C PHE C 156 -2.95 19.43 3.46
N LYS C 157 -3.80 18.65 2.81
CA LYS C 157 -3.35 17.48 2.08
C LYS C 157 -2.60 17.86 0.81
N GLU C 158 -2.61 19.14 0.43
CA GLU C 158 -1.77 19.61 -0.67
C GLU C 158 -0.29 19.58 -0.29
N MET C 159 0.05 20.20 0.84
CA MET C 159 1.45 20.44 1.17
C MET C 159 2.14 19.19 1.70
N LEU C 160 1.45 18.42 2.53
CA LEU C 160 2.11 17.51 3.45
C LEU C 160 2.74 16.29 2.77
N GLN C 161 2.22 15.89 1.61
CA GLN C 161 2.58 14.63 0.98
C GLN C 161 3.53 14.81 -0.19
N THR C 162 4.46 15.76 -0.12
CA THR C 162 5.32 16.05 -1.26
C THR C 162 6.16 14.84 -1.69
N GLY C 163 6.36 13.87 -0.80
CA GLY C 163 7.08 12.66 -1.20
C GLY C 163 6.32 11.84 -2.23
N ILE C 164 5.04 11.61 -1.99
CA ILE C 164 4.26 10.72 -2.83
C ILE C 164 3.73 11.52 -4.01
N ILE C 165 3.48 10.85 -5.12
CA ILE C 165 3.07 11.50 -6.38
C ILE C 165 1.72 10.98 -6.83
N CYS C 166 0.87 10.58 -5.89
CA CYS C 166 -0.55 10.40 -6.16
C CYS C 166 -1.26 11.72 -5.96
N GLN C 167 -2.45 11.83 -6.57
CA GLN C 167 -3.18 13.08 -6.60
C GLN C 167 -4.56 13.02 -5.98
N ASP C 168 -5.08 11.83 -5.67
CA ASP C 168 -6.40 11.67 -5.07
C ASP C 168 -6.35 10.67 -3.94
N LEU C 169 -5.24 10.62 -3.20
CA LEU C 169 -5.01 9.53 -2.27
C LEU C 169 -6.08 9.47 -1.18
N ASP C 170 -6.14 10.48 -0.32
CA ASP C 170 -7.18 10.58 0.69
C ASP C 170 -6.98 11.90 1.42
N VAL C 171 -7.93 12.22 2.31
CA VAL C 171 -7.77 13.37 3.19
C VAL C 171 -6.85 13.07 4.38
N ARG C 172 -6.86 11.84 4.89
CA ARG C 172 -6.30 11.57 6.21
C ARG C 172 -4.82 11.18 6.17
N TRP C 173 -4.46 10.23 5.31
CA TRP C 173 -3.07 9.76 5.25
C TRP C 173 -2.10 10.89 4.97
N VAL C 174 -0.88 10.73 5.47
CA VAL C 174 0.12 11.78 5.46
C VAL C 174 1.48 11.13 5.30
N SER C 175 2.44 11.92 4.82
CA SER C 175 3.79 11.44 4.59
C SER C 175 4.59 11.62 5.88
N SER C 176 5.90 11.40 5.81
CA SER C 176 6.73 11.44 7.00
C SER C 176 6.84 12.85 7.58
N ILE C 177 7.00 13.86 6.73
CA ILE C 177 7.28 15.22 7.22
C ILE C 177 6.13 15.79 8.04
N SER C 178 4.91 15.29 7.85
CA SER C 178 3.80 15.81 8.64
C SER C 178 3.97 15.47 10.10
N TRP C 179 4.47 14.26 10.41
CA TRP C 179 4.65 13.90 11.80
C TRP C 179 5.62 14.86 12.47
N TYR C 180 6.65 15.30 11.74
CA TYR C 180 7.49 16.36 12.24
C TYR C 180 6.69 17.62 12.49
N PHE C 181 5.80 17.94 11.56
CA PHE C 181 5.06 19.20 11.67
C PHE C 181 4.20 19.19 12.93
N ILE C 182 3.71 18.02 13.32
CA ILE C 182 2.97 17.89 14.57
C ILE C 182 3.92 17.92 15.77
N SER C 183 5.15 17.46 15.60
CA SER C 183 6.04 17.29 16.75
C SER C 183 6.41 18.63 17.39
N VAL C 184 6.83 19.60 16.57
CA VAL C 184 7.50 20.78 17.08
C VAL C 184 6.57 21.61 17.95
N LEU C 185 5.29 21.64 17.62
CA LEU C 185 4.34 22.43 18.39
C LEU C 185 3.76 21.71 19.60
N GLY C 186 3.85 20.38 19.64
CA GLY C 186 3.32 19.59 20.75
C GLY C 186 4.29 19.16 21.83
N LEU C 187 5.55 19.57 21.79
CA LEU C 187 6.57 18.88 22.56
C LEU C 187 6.91 19.54 23.91
N ASN C 188 6.29 20.67 24.24
CA ASN C 188 6.55 21.33 25.52
C ASN C 188 6.35 20.43 26.74
N PRO C 189 5.29 19.61 26.83
CA PRO C 189 5.18 18.72 28.00
C PRO C 189 6.36 17.81 28.12
N VAL C 190 6.95 17.38 27.01
CA VAL C 190 8.05 16.43 27.10
C VAL C 190 9.24 17.09 27.79
N TYR C 191 9.54 18.32 27.39
CA TYR C 191 10.66 19.03 28.01
C TYR C 191 10.39 19.30 29.48
N ASN C 192 9.14 19.56 29.84
CA ASN C 192 8.85 19.69 31.26
C ASN C 192 9.00 18.36 31.98
N LEU C 193 8.51 17.27 31.39
CA LEU C 193 8.39 16.00 32.10
C LEU C 193 9.74 15.32 32.27
N ILE C 194 10.61 15.36 31.26
CA ILE C 194 11.99 14.96 31.50
C ILE C 194 12.65 15.89 32.48
N GLY C 195 12.22 17.15 32.51
CA GLY C 195 12.72 18.14 33.43
C GLY C 195 13.66 19.11 32.74
N LEU C 196 13.14 20.28 32.42
CA LEU C 196 13.96 21.40 31.99
C LEU C 196 13.21 22.68 32.28
N ASN C 197 13.95 23.78 32.36
CA ASN C 197 13.39 25.06 32.75
C ASN C 197 14.17 26.16 32.03
N ASP C 198 13.59 27.36 32.04
CA ASP C 198 14.25 28.53 31.45
C ASP C 198 15.61 28.80 32.07
N PRO C 216 24.24 54.33 27.26
CA PRO C 216 23.48 55.58 27.34
C PRO C 216 24.38 56.78 27.64
N PRO C 217 23.82 58.00 27.59
CA PRO C 217 24.62 59.17 27.96
C PRO C 217 25.02 59.13 29.42
N GLN C 218 26.21 59.63 29.71
CA GLN C 218 26.79 59.43 31.04
C GLN C 218 26.27 60.43 32.06
N SER C 219 25.90 61.64 31.64
CA SER C 219 25.51 62.71 32.55
C SER C 219 24.06 63.14 32.35
N GLN C 220 23.63 63.33 31.11
CA GLN C 220 22.31 63.89 30.87
C GLN C 220 21.22 62.96 31.40
N VAL C 221 21.44 61.65 31.30
CA VAL C 221 20.45 60.71 31.84
C VAL C 221 20.40 60.82 33.36
N ASP C 222 21.55 61.10 33.99
CA ASP C 222 21.52 61.41 35.42
C ASP C 222 20.66 62.62 35.69
N LYS C 223 20.75 63.65 34.84
CA LYS C 223 19.84 64.79 34.97
C LYS C 223 18.39 64.40 34.72
N ALA C 224 18.15 63.44 33.83
CA ALA C 224 16.79 62.94 33.62
C ALA C 224 16.24 62.30 34.88
N MET C 225 17.02 61.44 35.53
CA MET C 225 16.58 60.88 36.80
C MET C 225 16.63 61.90 37.94
N HIS C 226 17.39 62.99 37.79
CA HIS C 226 17.23 64.10 38.72
C HIS C 226 15.91 64.83 38.49
N ALA C 227 15.46 64.91 37.24
CA ALA C 227 14.13 65.41 36.96
C ALA C 227 13.06 64.48 37.53
N MET C 228 13.31 63.18 37.48
CA MET C 228 12.42 62.24 38.17
C MET C 228 12.54 62.36 39.68
N ALA C 229 13.71 62.71 40.20
CA ALA C 229 13.84 63.03 41.62
C ALA C 229 12.98 64.24 41.98
N ASN C 230 12.93 65.22 41.09
CA ASN C 230 12.02 66.34 41.27
C ASN C 230 10.57 65.92 41.17
N ASP C 231 10.26 65.04 40.22
CA ASP C 231 8.87 64.61 40.04
C ASP C 231 8.38 63.84 41.25
N LEU C 232 9.20 62.93 41.78
CA LEU C 232 8.76 62.06 42.86
C LEU C 232 8.60 62.80 44.19
N THR C 233 8.82 64.12 44.22
CA THR C 233 8.57 64.88 45.44
C THR C 233 7.09 64.84 45.79
N ILE C 234 6.25 65.35 44.88
CA ILE C 234 4.81 65.43 45.12
C ILE C 234 3.99 64.83 43.97
N ILE C 235 4.61 64.03 43.11
CA ILE C 235 3.79 63.32 42.11
C ILE C 235 2.89 62.31 42.82
N GLN C 236 3.40 61.68 43.88
CA GLN C 236 2.61 60.70 44.62
C GLN C 236 3.15 60.62 46.04
N HIS C 237 2.30 60.95 47.00
CA HIS C 237 2.55 60.73 48.42
C HIS C 237 1.57 59.65 48.86
N GLU C 238 2.07 58.44 49.05
CA GLU C 238 1.20 57.27 49.13
C GLU C 238 0.61 57.12 50.53
N THR C 239 -0.66 56.75 50.57
CA THR C 239 -1.45 56.71 51.79
C THR C 239 -1.16 55.44 52.59
N CYS C 240 0.02 55.41 53.21
CA CYS C 240 0.35 54.43 54.22
C CYS C 240 1.00 55.11 55.41
N LEU C 241 0.95 54.41 56.54
CA LEU C 241 1.07 54.97 57.89
C LEU C 241 -0.10 55.87 58.25
N ASP C 242 -1.20 55.80 57.48
CA ASP C 242 -2.47 56.44 57.84
C ASP C 242 -3.63 55.45 57.91
N ASN C 243 -3.68 54.49 56.98
CA ASN C 243 -4.80 53.58 56.83
C ASN C 243 -4.51 52.18 57.36
N VAL C 244 -3.34 51.98 57.98
CA VAL C 244 -2.94 50.64 58.37
C VAL C 244 -3.87 50.12 59.46
N GLU C 245 -4.33 51.00 60.35
CA GLU C 245 -5.32 50.59 61.34
C GLU C 245 -6.63 50.21 60.67
N GLN C 246 -7.06 50.99 59.69
CA GLN C 246 -8.24 50.65 58.92
C GLN C 246 -8.05 49.35 58.16
N ARG C 247 -6.88 49.15 57.55
CA ARG C 247 -6.65 47.94 56.78
C ARG C 247 -6.56 46.72 57.69
N VAL C 248 -5.87 46.83 58.81
CA VAL C 248 -5.68 45.66 59.67
C VAL C 248 -6.99 45.29 60.35
N LEU C 249 -7.78 46.29 60.77
CA LEU C 249 -9.09 45.98 61.32
C LEU C 249 -10.05 45.45 60.27
N LYS C 250 -9.78 45.73 58.99
CA LYS C 250 -10.55 45.18 57.89
C LYS C 250 -10.25 43.71 57.65
N GLN C 251 -9.24 43.14 58.32
CA GLN C 251 -8.72 41.82 57.98
C GLN C 251 -8.25 41.13 59.26
N TYR C 252 -7.78 39.90 59.10
CA TYR C 252 -7.31 39.05 60.20
C TYR C 252 -8.41 38.72 61.22
N MET C 253 -9.69 38.92 60.90
CA MET C 253 -10.72 38.59 61.88
C MET C 253 -10.86 37.08 62.00
N GLU D 8 12.40 37.13 70.85
CA GLU D 8 12.43 38.15 71.90
C GLU D 8 12.86 37.54 73.23
N TRP D 9 13.81 36.62 73.20
CA TRP D 9 14.33 36.06 74.44
C TRP D 9 14.99 37.16 75.27
N ALA D 10 15.71 38.07 74.61
CA ALA D 10 16.38 39.18 75.26
C ALA D 10 15.68 40.51 75.00
N LYS D 11 14.95 40.62 73.89
CA LYS D 11 14.25 41.86 73.58
C LYS D 11 13.06 42.05 74.49
N HIS D 12 12.30 40.98 74.72
CA HIS D 12 11.18 41.04 75.67
C HIS D 12 11.67 41.33 77.08
N LEU D 13 12.77 40.70 77.49
CA LEU D 13 13.36 41.00 78.78
C LEU D 13 13.82 42.45 78.87
N LEU D 14 14.47 42.94 77.82
CA LEU D 14 14.88 44.34 77.79
C LEU D 14 13.68 45.29 77.79
N ASP D 15 12.53 44.85 77.30
CA ASP D 15 11.32 45.68 77.29
C ASP D 15 10.54 45.62 78.59
N THR D 16 10.51 44.47 79.25
CA THR D 16 9.69 44.32 80.45
C THR D 16 10.20 45.20 81.59
N LYS D 17 11.52 45.27 81.75
CA LYS D 17 12.12 46.14 82.75
C LYS D 17 12.22 47.56 82.17
N TYR D 18 12.88 48.45 82.90
CA TYR D 18 13.08 49.84 82.49
C TYR D 18 14.56 50.05 82.20
N ILE D 19 14.85 50.72 81.09
CA ILE D 19 16.20 50.92 80.60
C ILE D 19 16.36 52.38 80.23
N GLU D 20 17.48 52.97 80.64
CA GLU D 20 17.79 54.37 80.40
C GLU D 20 19.23 54.52 79.93
N LYS D 21 19.66 53.62 79.04
CA LYS D 21 21.04 53.57 78.56
C LYS D 21 21.11 54.32 77.24
N TYR D 22 21.77 55.48 77.25
CA TYR D 22 21.95 56.30 76.07
C TYR D 22 23.06 57.29 76.34
N ASN D 23 23.68 57.78 75.27
CA ASN D 23 24.68 58.82 75.39
C ASN D 23 24.73 59.61 74.08
N ILE D 24 25.72 60.49 73.96
CA ILE D 24 25.92 61.31 72.77
C ILE D 24 27.07 60.73 71.97
N GLN D 25 26.86 60.57 70.67
CA GLN D 25 27.91 60.13 69.76
C GLN D 25 27.77 60.91 68.44
N ASN D 26 28.87 60.96 67.70
CA ASN D 26 28.82 61.63 66.39
C ASN D 26 27.89 60.87 65.45
N SER D 27 28.11 59.56 65.29
CA SER D 27 27.19 58.68 64.58
C SER D 27 26.98 59.12 63.14
N ASN D 28 28.08 59.31 62.41
CA ASN D 28 28.12 59.72 61.01
C ASN D 28 27.78 61.20 60.82
N THR D 29 27.41 61.91 61.88
CA THR D 29 26.83 63.25 61.78
C THR D 29 25.79 63.35 60.68
N LEU D 30 24.92 62.34 60.58
CA LEU D 30 23.98 62.30 59.46
C LEU D 30 22.92 63.37 59.65
N PRO D 31 22.48 64.05 58.56
CA PRO D 31 21.44 65.06 58.81
C PRO D 31 20.07 64.45 59.10
N MET D 141 -13.82 51.04 29.02
CA MET D 141 -12.77 50.08 29.35
C MET D 141 -12.83 48.83 28.47
N PHE D 142 -13.90 48.69 27.68
CA PHE D 142 -13.97 47.63 26.67
C PHE D 142 -13.15 47.94 25.43
N MET D 143 -12.40 49.05 25.41
CA MET D 143 -11.49 49.32 24.30
C MET D 143 -10.42 48.24 24.17
N TYR D 144 -9.98 47.63 25.28
CA TYR D 144 -8.91 46.64 25.19
C TYR D 144 -9.33 45.39 24.41
N ILE D 145 -10.58 44.96 24.58
CA ILE D 145 -11.05 43.76 23.87
C ILE D 145 -11.39 44.08 22.42
N VAL D 146 -11.97 45.25 22.17
CA VAL D 146 -12.24 45.66 20.80
C VAL D 146 -10.93 45.78 20.04
N PHE D 147 -9.93 46.40 20.68
CA PHE D 147 -8.62 46.56 20.07
C PHE D 147 -8.00 45.19 19.77
N GLN D 148 -8.02 44.28 20.74
CA GLN D 148 -7.31 43.02 20.58
C GLN D 148 -7.99 42.12 19.54
N GLY D 149 -9.31 42.21 19.38
CA GLY D 149 -10.02 41.26 18.53
C GLY D 149 -9.61 41.33 17.07
N VAL D 150 -9.37 42.55 16.56
CA VAL D 150 -9.03 42.65 15.14
C VAL D 150 -7.70 41.95 14.89
N LEU D 151 -6.80 41.94 15.88
CA LEU D 151 -5.60 41.15 15.71
C LEU D 151 -5.92 39.66 15.56
N MET D 152 -7.08 39.18 16.06
CA MET D 152 -7.52 37.83 15.70
C MET D 152 -8.07 37.79 14.30
N TYR D 153 -8.62 38.92 13.85
CA TYR D 153 -9.15 38.99 12.50
C TYR D 153 -8.05 38.81 11.47
N ILE D 154 -6.90 39.44 11.69
CA ILE D 154 -5.93 39.63 10.62
C ILE D 154 -5.33 38.31 10.16
N GLY D 155 -5.01 37.41 11.09
CA GLY D 155 -4.45 36.12 10.70
C GLY D 155 -5.44 35.25 9.96
N TYR D 156 -6.68 35.17 10.47
CA TYR D 156 -7.70 34.38 9.80
C TYR D 156 -8.01 34.93 8.42
N ARG D 157 -8.08 36.26 8.30
CA ARG D 157 -8.36 36.89 7.02
C ARG D 157 -7.23 36.67 6.02
N LYS D 158 -5.98 36.91 6.43
CA LYS D 158 -4.90 37.02 5.46
C LYS D 158 -4.27 35.68 5.10
N LEU D 159 -4.10 34.76 6.06
CA LEU D 159 -3.39 33.51 5.83
C LEU D 159 -4.24 32.27 5.99
N ASN D 160 -5.09 32.17 7.01
CA ASN D 160 -5.91 30.97 7.13
C ASN D 160 -6.97 30.93 6.04
N SER D 161 -7.37 32.09 5.53
CA SER D 161 -8.19 32.16 4.34
C SER D 161 -7.37 32.15 3.06
N MET D 162 -6.11 31.71 3.12
CA MET D 162 -5.37 31.47 1.90
C MET D 162 -5.94 30.25 1.16
N GLY D 163 -5.93 29.10 1.82
CA GLY D 163 -6.57 27.91 1.27
C GLY D 163 -7.26 27.03 2.29
N LEU D 164 -7.38 27.49 3.53
CA LEU D 164 -7.63 26.63 4.68
C LEU D 164 -8.97 26.95 5.32
N ILE D 165 -9.99 27.19 4.51
CA ILE D 165 -11.31 27.56 5.00
C ILE D 165 -12.18 26.32 5.06
N PRO D 166 -12.97 26.11 6.12
CA PRO D 166 -14.09 25.18 6.02
C PRO D 166 -15.25 25.84 5.30
N ASN D 167 -16.33 25.07 5.12
CA ASN D 167 -17.64 25.53 4.69
C ASN D 167 -17.72 25.87 3.20
N ALA D 168 -16.60 25.82 2.47
CA ALA D 168 -16.60 25.87 1.02
C ALA D 168 -16.68 24.44 0.47
N LYS D 169 -17.22 24.32 -0.74
CA LYS D 169 -17.72 23.04 -1.20
C LYS D 169 -16.63 21.99 -1.36
N GLY D 170 -15.37 22.39 -1.48
CA GLY D 170 -14.32 21.40 -1.67
C GLY D 170 -13.94 20.64 -0.43
N ASP D 171 -14.44 21.04 0.74
CA ASP D 171 -14.09 20.39 1.99
C ASP D 171 -14.99 19.21 2.31
N TRP D 172 -16.10 19.04 1.58
CA TRP D 172 -17.08 18.00 1.83
C TRP D 172 -16.96 16.85 0.83
N LEU D 173 -15.90 16.85 0.02
CA LEU D 173 -15.68 15.73 -0.89
C LEU D 173 -15.52 14.41 -0.16
N PRO D 174 -14.84 14.33 0.99
CA PRO D 174 -14.87 13.07 1.72
C PRO D 174 -16.28 12.72 2.15
N TRP D 175 -17.09 13.72 2.48
CA TRP D 175 -18.45 13.50 2.96
C TRP D 175 -19.47 13.47 1.82
N GLU D 176 -19.03 13.56 0.56
CA GLU D 176 -19.98 13.59 -0.54
C GLU D 176 -20.64 12.22 -0.67
N ARG D 177 -21.94 12.22 -0.97
CA ARG D 177 -22.68 10.98 -1.03
C ARG D 177 -22.30 10.17 -2.28
N ILE D 178 -22.30 8.84 -2.12
CA ILE D 178 -22.06 7.90 -3.20
C ILE D 178 -23.29 7.75 -4.10
N ALA D 179 -23.20 8.29 -5.31
CA ALA D 179 -24.34 8.27 -6.21
C ALA D 179 -24.77 6.84 -6.53
N HIS D 180 -26.07 6.59 -6.38
CA HIS D 180 -26.66 5.29 -6.66
C HIS D 180 -27.30 5.33 -8.05
N TYR D 181 -26.78 4.53 -8.97
CA TYR D 181 -27.27 4.54 -10.34
C TYR D 181 -28.18 3.37 -10.66
N ASN D 182 -27.76 2.13 -10.37
CA ASN D 182 -28.62 1.00 -10.72
C ASN D 182 -29.47 0.64 -9.51
N ASN D 183 -28.88 0.06 -8.46
CA ASN D 183 -29.53 -0.26 -7.19
C ASN D 183 -30.48 -1.43 -7.27
N GLY D 184 -30.72 -2.01 -8.46
CA GLY D 184 -31.40 -3.28 -8.58
C GLY D 184 -30.87 -4.16 -9.69
N LEU D 185 -29.76 -3.76 -10.31
CA LEU D 185 -29.21 -4.46 -11.45
C LEU D 185 -27.74 -4.74 -11.22
N GLN D 186 -27.25 -5.75 -11.93
CA GLN D 186 -25.90 -6.26 -11.79
C GLN D 186 -25.05 -5.96 -13.02
N TRP D 187 -25.53 -6.33 -14.18
CA TRP D 187 -24.75 -6.27 -15.41
C TRP D 187 -23.44 -7.05 -15.26
N PHE D 188 -23.58 -8.34 -15.02
CA PHE D 188 -22.50 -9.25 -15.37
C PHE D 188 -22.36 -9.23 -16.89
N SER D 189 -21.16 -9.47 -17.38
CA SER D 189 -20.96 -9.60 -18.82
C SER D 189 -19.55 -10.12 -19.06
N ASP D 190 -19.20 -10.22 -20.33
CA ASP D 190 -17.84 -10.52 -20.75
C ASP D 190 -16.87 -9.52 -20.11
N SER E 2 8.51 1.57 51.77
CA SER E 2 8.30 2.08 50.42
C SER E 2 6.85 2.48 50.21
N PHE E 3 6.63 3.73 49.83
CA PHE E 3 5.28 4.22 49.58
C PHE E 3 4.84 3.88 48.17
N VAL E 4 3.56 4.14 47.89
CA VAL E 4 2.91 3.55 46.72
C VAL E 4 3.07 4.36 45.45
N SER E 5 3.53 5.61 45.52
CA SER E 5 3.47 6.50 44.34
C SER E 5 4.42 6.05 43.23
N LYS E 6 5.71 5.85 43.54
CA LYS E 6 6.63 5.40 42.49
C LYS E 6 6.38 3.95 42.11
N LEU E 7 5.92 3.13 43.06
CA LEU E 7 5.40 1.82 42.70
C LEU E 7 4.27 1.94 41.70
N LEU E 8 3.36 2.89 41.92
CA LEU E 8 2.20 2.98 41.05
C LEU E 8 2.62 3.54 39.70
N TYR E 9 3.61 4.43 39.67
CA TYR E 9 4.13 4.91 38.39
C TYR E 9 4.64 3.73 37.58
N THR E 10 5.46 2.88 38.21
CA THR E 10 6.08 1.78 37.47
C THR E 10 5.04 0.76 37.03
N VAL E 11 4.17 0.34 37.94
CA VAL E 11 3.15 -0.64 37.58
C VAL E 11 2.14 -0.06 36.60
N SER E 12 1.84 1.23 36.68
CA SER E 12 0.90 1.85 35.75
C SER E 12 1.50 1.99 34.35
N ALA E 13 2.75 2.43 34.27
CA ALA E 13 3.42 2.43 32.97
C ALA E 13 3.54 1.01 32.42
N LEU E 14 3.85 0.05 33.28
CA LEU E 14 4.05 -1.31 32.80
C LEU E 14 2.72 -2.00 32.46
N VAL E 15 1.66 -1.74 33.22
CA VAL E 15 0.36 -2.33 32.90
C VAL E 15 -0.21 -1.69 31.65
N LEU E 16 0.03 -0.40 31.43
CA LEU E 16 -0.28 0.18 30.13
C LEU E 16 0.58 -0.42 29.04
N PHE E 17 1.85 -0.69 29.33
CA PHE E 17 2.74 -1.36 28.39
C PHE E 17 2.25 -2.76 28.04
N HIS E 18 1.78 -3.50 29.04
CA HIS E 18 1.24 -4.84 28.82
C HIS E 18 -0.13 -4.81 28.15
N SER E 19 -0.98 -3.84 28.51
CA SER E 19 -2.18 -3.58 27.73
C SER E 19 -1.82 -3.21 26.30
N GLY E 20 -0.68 -2.55 26.13
CA GLY E 20 -0.18 -2.26 24.81
C GLY E 20 0.17 -3.50 24.02
N PHE E 21 0.95 -4.39 24.61
CA PHE E 21 1.26 -5.65 23.93
C PHE E 21 0.03 -6.51 23.69
N SER E 22 -0.91 -6.54 24.65
CA SER E 22 -2.18 -7.23 24.44
C SER E 22 -2.94 -6.63 23.26
N SER E 23 -3.06 -5.31 23.23
CA SER E 23 -3.74 -4.66 22.12
C SER E 23 -2.93 -4.79 20.84
N TYR E 24 -1.62 -4.95 20.96
CA TYR E 24 -0.77 -5.20 19.81
C TYR E 24 -1.24 -6.49 19.16
N GLU E 25 -1.31 -7.56 19.96
CA GLU E 25 -1.60 -8.87 19.39
C GLU E 25 -3.01 -8.90 18.83
N PHE E 26 -3.99 -8.41 19.61
CA PHE E 26 -5.38 -8.48 19.15
C PHE E 26 -5.64 -7.61 17.93
N HIS E 27 -5.12 -6.36 17.90
CA HIS E 27 -5.43 -5.42 16.83
C HIS E 27 -4.51 -5.54 15.64
N HIS E 28 -3.35 -6.18 15.78
CA HIS E 28 -2.57 -6.56 14.62
C HIS E 28 -3.18 -7.79 13.98
N LEU E 29 -3.67 -8.73 14.79
CA LEU E 29 -4.38 -9.88 14.30
C LEU E 29 -5.87 -9.59 14.08
N LEU E 30 -6.28 -8.33 14.17
CA LEU E 30 -7.63 -7.93 13.78
C LEU E 30 -7.72 -7.60 12.31
N LYS E 31 -6.64 -7.05 11.75
CA LYS E 31 -6.55 -6.68 10.33
C LYS E 31 -5.68 -7.64 9.55
N LEU E 32 -4.68 -8.26 10.21
CA LEU E 32 -3.89 -9.29 9.55
C LEU E 32 -4.69 -10.56 9.36
N ASN E 33 -5.42 -10.99 10.39
CA ASN E 33 -6.33 -12.12 10.22
C ASN E 33 -7.44 -11.78 9.24
N SER E 34 -7.83 -10.52 9.16
CA SER E 34 -8.82 -10.09 8.18
C SER E 34 -8.34 -10.35 6.75
N LEU E 35 -7.03 -10.23 6.52
CA LEU E 35 -6.48 -10.55 5.21
C LEU E 35 -6.70 -12.01 4.86
N ASN E 36 -6.69 -12.90 5.86
CA ASN E 36 -7.02 -14.30 5.61
C ASN E 36 -8.48 -14.45 5.22
N ASN E 37 -9.36 -13.61 5.78
CA ASN E 37 -10.78 -13.60 5.45
C ASN E 37 -11.09 -12.55 4.39
N ALA E 38 -10.12 -12.22 3.54
CA ALA E 38 -10.31 -11.30 2.42
C ALA E 38 -10.78 -9.93 2.90
N GLN E 39 -9.93 -9.30 3.72
CA GLN E 39 -10.26 -8.05 4.39
C GLN E 39 -11.50 -8.21 5.27
N GLY E 40 -11.55 -9.31 6.01
CA GLY E 40 -12.68 -9.63 6.86
C GLY E 40 -12.39 -9.39 8.33
N LEU E 45 -11.71 -10.11 21.85
CA LEU E 45 -12.36 -9.50 23.01
C LEU E 45 -11.83 -8.09 23.25
N PRO E 46 -12.31 -7.11 22.48
CA PRO E 46 -12.01 -5.71 22.82
C PRO E 46 -12.53 -5.29 24.18
N LYS E 47 -13.54 -5.98 24.73
CA LYS E 47 -14.25 -5.48 25.90
C LYS E 47 -13.39 -5.57 27.16
N ASP E 48 -12.86 -6.75 27.47
CA ASP E 48 -11.95 -6.87 28.61
C ASP E 48 -10.64 -6.11 28.38
N ILE E 49 -10.23 -5.93 27.12
CA ILE E 49 -9.12 -5.03 26.80
C ILE E 49 -9.45 -3.61 27.24
N MET E 50 -10.67 -3.18 26.96
CA MET E 50 -11.13 -1.87 27.40
C MET E 50 -11.23 -1.78 28.91
N TYR E 51 -11.72 -2.83 29.57
CA TYR E 51 -11.84 -2.77 31.02
C TYR E 51 -10.46 -2.67 31.68
N GLU E 52 -9.49 -3.47 31.22
CA GLU E 52 -8.15 -3.36 31.80
C GLU E 52 -7.51 -2.03 31.45
N THR E 53 -7.88 -1.46 30.29
CA THR E 53 -7.39 -0.13 29.96
C THR E 53 -7.90 0.90 30.96
N TYR E 54 -9.20 0.85 31.26
CA TYR E 54 -9.75 1.80 32.22
C TYR E 54 -9.14 1.61 33.61
N ALA E 55 -8.85 0.37 33.97
CA ALA E 55 -8.05 0.11 35.17
C ALA E 55 -6.71 0.83 35.10
N GLY E 56 -6.03 0.73 33.96
CA GLY E 56 -4.70 1.32 33.84
C GLY E 56 -4.76 2.84 33.93
N LEU E 57 -5.75 3.45 33.27
CA LEU E 57 -5.85 4.90 33.29
C LEU E 57 -6.20 5.39 34.69
N ILE E 58 -7.15 4.74 35.35
CA ILE E 58 -7.56 5.19 36.68
C ILE E 58 -6.40 5.02 37.65
N LEU E 59 -5.67 3.92 37.54
CA LEU E 59 -4.51 3.70 38.41
C LEU E 59 -3.39 4.71 38.14
N PHE E 60 -3.10 5.04 36.88
CA PHE E 60 -2.08 6.05 36.61
C PHE E 60 -2.50 7.42 37.15
N VAL E 61 -3.79 7.74 37.02
CA VAL E 61 -4.29 8.97 37.62
C VAL E 61 -4.09 8.96 39.12
N LEU E 62 -4.45 7.84 39.75
CA LEU E 62 -4.18 7.68 41.19
C LEU E 62 -2.70 7.83 41.48
N ALA E 63 -1.86 7.35 40.56
CA ALA E 63 -0.43 7.32 40.80
C ALA E 63 0.11 8.72 40.93
N VAL E 64 -0.40 9.64 40.13
CA VAL E 64 0.12 10.99 40.17
C VAL E 64 -0.16 11.65 41.52
N PHE E 65 -1.31 11.35 42.14
CA PHE E 65 -1.69 12.02 43.39
C PHE E 65 -0.71 11.74 44.53
N THR E 66 -0.29 10.49 44.69
CA THR E 66 0.51 10.14 45.85
C THR E 66 1.97 10.59 45.71
N SER E 67 2.36 11.15 44.57
CA SER E 67 3.58 11.94 44.51
C SER E 67 3.41 13.33 45.12
N PHE E 68 2.22 13.66 45.61
CA PHE E 68 1.92 14.91 46.30
C PHE E 68 1.48 14.56 47.70
N GLU E 69 2.24 15.01 48.69
CA GLU E 69 2.06 14.62 50.08
C GLU E 69 1.69 15.83 50.93
N LYS E 70 0.97 15.58 52.02
CA LYS E 70 0.74 16.64 52.98
C LYS E 70 2.08 17.10 53.55
N LEU E 71 2.32 18.40 53.52
CA LEU E 71 3.64 18.91 53.88
C LEU E 71 3.82 18.85 55.38
N GLN E 72 4.97 18.32 55.80
CA GLN E 72 5.24 18.05 57.20
C GLN E 72 6.66 18.45 57.51
N TYR E 73 6.87 19.07 58.67
CA TYR E 73 8.08 19.82 58.94
C TYR E 73 8.54 19.51 60.35
N LEU E 74 9.74 20.02 60.66
CA LEU E 74 10.35 19.81 61.99
C LEU E 74 10.74 21.22 62.49
N PRO E 75 10.97 21.47 63.80
CA PRO E 75 11.50 22.76 64.30
C PRO E 75 13.00 22.85 64.13
N ILE E 76 13.48 24.05 63.80
CA ILE E 76 14.90 24.25 63.54
C ILE E 76 15.71 24.20 64.84
N GLU E 77 15.25 24.90 65.87
CA GLU E 77 16.09 25.06 67.06
C GLU E 77 16.16 23.77 67.87
N SER E 78 15.05 23.03 67.96
CA SER E 78 15.02 21.87 68.80
C SER E 78 15.85 20.77 68.17
N ASN E 79 16.21 19.78 68.98
CA ASN E 79 16.84 18.57 68.47
C ASN E 79 16.00 17.32 68.72
N ASP E 80 14.89 17.42 69.44
CA ASP E 80 13.86 16.40 69.43
C ASP E 80 13.16 16.42 68.07
N GLY E 81 12.32 15.42 67.81
CA GLY E 81 11.55 15.44 66.59
C GLY E 81 10.54 16.58 66.55
N LYS E 82 9.53 16.56 67.42
CA LYS E 82 8.54 17.64 67.51
C LYS E 82 7.98 17.99 66.12
N ILE E 83 7.47 16.96 65.42
CA ILE E 83 7.24 17.10 63.98
C ILE E 83 6.08 18.06 63.73
N ILE E 84 6.31 19.05 62.86
CA ILE E 84 5.37 20.13 62.61
C ILE E 84 4.57 19.76 61.36
N SER E 85 3.28 19.52 61.52
CA SER E 85 2.38 19.23 60.41
C SER E 85 1.49 20.43 60.15
N GLN E 86 1.40 20.83 58.88
CA GLN E 86 0.42 21.83 58.46
C GLN E 86 -0.92 21.23 58.07
N GLY E 87 -0.99 19.92 57.83
CA GLY E 87 -2.17 19.35 57.23
C GLY E 87 -2.50 19.89 55.87
N ASN E 88 -1.48 20.32 55.11
CA ASN E 88 -1.65 20.99 53.83
C ASN E 88 -0.78 20.31 52.78
N TYR E 89 -1.27 20.31 51.54
CA TYR E 89 -0.55 19.71 50.43
C TYR E 89 0.40 20.68 49.75
N LEU E 90 -0.04 21.92 49.56
CA LEU E 90 0.64 22.91 48.74
C LEU E 90 1.17 24.04 49.62
N LYS E 91 1.75 25.04 48.95
CA LYS E 91 2.22 26.26 49.59
C LYS E 91 1.47 27.44 49.00
N GLU E 92 0.98 28.30 49.89
CA GLU E 92 0.01 29.33 49.54
C GLU E 92 0.70 30.63 49.10
N ILE E 93 -0.12 31.60 48.69
CA ILE E 93 0.35 32.77 47.95
C ILE E 93 0.30 34.05 48.78
N ALA E 94 -0.59 34.15 49.75
CA ALA E 94 -0.70 35.37 50.53
C ALA E 94 0.52 35.52 51.42
N LEU E 95 1.20 36.66 51.31
CA LEU E 95 2.49 36.81 51.99
C LEU E 95 2.35 36.76 53.50
N ASN E 96 1.23 37.20 54.04
CA ASN E 96 1.08 37.21 55.50
C ASN E 96 1.13 35.79 56.08
N LYS E 97 0.30 34.88 55.55
CA LYS E 97 0.32 33.53 56.08
C LYS E 97 1.46 32.69 55.52
N ALA E 98 1.98 33.04 54.33
CA ALA E 98 3.23 32.44 53.91
C ALA E 98 4.34 32.79 54.88
N THR E 99 4.36 34.04 55.34
CA THR E 99 5.32 34.41 56.37
C THR E 99 5.05 33.63 57.65
N ASN E 100 3.78 33.28 57.90
CA ASN E 100 3.45 32.39 59.02
C ASN E 100 4.23 31.09 58.95
N VAL E 101 4.17 30.43 57.79
CA VAL E 101 4.66 29.05 57.79
C VAL E 101 6.18 29.05 57.96
N ASP E 102 6.85 30.12 57.55
CA ASP E 102 8.23 30.34 57.98
C ASP E 102 8.34 30.62 59.47
N ASN E 103 7.44 31.43 60.04
CA ASN E 103 7.56 31.76 61.48
C ASN E 103 7.18 30.62 62.41
N LEU E 104 6.54 29.57 61.91
CA LEU E 104 6.44 28.36 62.71
C LEU E 104 7.83 27.82 63.02
N ILE E 105 8.74 27.97 62.07
CA ILE E 105 10.16 27.83 62.35
C ILE E 105 10.66 29.14 62.95
N GLY E 106 11.76 29.06 63.71
CA GLY E 106 12.38 30.25 64.27
C GLY E 106 13.31 30.96 63.29
N SER E 107 12.95 30.96 62.01
CA SER E 107 13.80 31.40 60.92
C SER E 107 13.23 32.67 60.30
N ASN E 108 14.08 33.36 59.56
CA ASN E 108 13.76 34.63 58.94
C ASN E 108 14.33 34.63 57.53
N PRO E 109 13.52 34.60 56.46
CA PRO E 109 14.09 34.53 55.11
C PRO E 109 14.82 35.78 54.72
N ASN E 110 14.70 36.87 55.46
CA ASN E 110 15.67 37.95 55.36
C ASN E 110 17.07 37.43 55.66
N GLY E 111 17.20 36.67 56.74
CA GLY E 111 18.43 36.00 57.06
C GLY E 111 19.58 36.94 57.37
N GLU E 112 20.56 36.99 56.47
CA GLU E 112 21.87 37.56 56.79
C GLU E 112 21.78 39.01 57.25
N ILE E 113 20.83 39.78 56.70
CA ILE E 113 20.69 41.18 57.09
C ILE E 113 20.42 41.29 58.57
N ILE E 114 19.61 40.38 59.09
CA ILE E 114 19.34 40.36 60.52
C ILE E 114 20.57 39.92 61.28
N PHE E 115 21.27 38.89 60.80
CA PHE E 115 22.28 38.27 61.64
C PHE E 115 23.67 38.85 61.47
N THR E 116 24.00 39.41 60.32
CA THR E 116 25.29 40.03 60.08
C THR E 116 26.43 39.04 60.31
N PRO E 117 26.57 38.00 59.48
CA PRO E 117 27.57 36.95 59.77
C PRO E 117 29.00 37.45 59.85
N SER E 118 29.32 38.51 59.11
CA SER E 118 30.71 38.94 58.95
C SER E 118 31.28 39.47 60.25
N PHE E 119 30.61 40.41 60.88
CA PHE E 119 31.17 40.97 62.10
C PHE E 119 31.13 39.94 63.22
N VAL E 120 29.99 39.28 63.39
CA VAL E 120 29.77 38.41 64.54
C VAL E 120 30.78 37.26 64.57
N ASP E 121 31.05 36.63 63.42
CA ASP E 121 31.71 35.32 63.43
C ASP E 121 33.10 35.38 64.03
N VAL E 122 33.86 36.42 63.71
CA VAL E 122 35.30 36.42 64.01
C VAL E 122 35.54 36.46 65.52
N HIS E 123 34.72 37.22 66.24
CA HIS E 123 34.69 37.14 67.71
C HIS E 123 34.00 35.87 68.19
N MET E 124 32.97 35.42 67.47
CA MET E 124 32.17 34.28 67.91
C MET E 124 33.03 33.02 68.02
N LYS E 125 33.84 32.75 67.01
CA LYS E 125 34.70 31.56 67.04
C LYS E 125 35.72 31.60 68.18
N ARG E 126 36.33 32.76 68.41
CA ARG E 126 37.30 32.87 69.50
C ARG E 126 36.62 32.68 70.85
N LYS E 127 35.56 33.43 71.08
CA LYS E 127 34.95 33.36 72.40
C LYS E 127 34.30 32.01 72.59
N ILE E 128 33.77 31.39 71.52
CA ILE E 128 33.00 30.17 71.70
C ILE E 128 33.94 29.01 72.00
N CYS E 129 35.14 29.00 71.40
CA CYS E 129 36.10 27.99 71.80
C CYS E 129 36.53 28.18 73.25
N ARG E 130 36.82 29.42 73.66
CA ARG E 130 37.11 29.67 75.08
C ARG E 130 35.92 29.29 75.97
N GLU E 131 34.72 29.62 75.53
CA GLU E 131 33.53 29.43 76.33
C GLU E 131 33.23 27.96 76.51
N TRP E 132 33.29 27.18 75.43
CA TRP E 132 32.96 25.77 75.63
C TRP E 132 34.09 25.09 76.36
N ALA E 133 35.34 25.55 76.17
CA ALA E 133 36.45 25.04 76.95
C ALA E 133 36.17 25.19 78.43
N SER E 134 35.50 26.29 78.81
CA SER E 134 34.98 26.38 80.17
C SER E 134 33.85 25.38 80.41
N ASN E 135 32.92 25.26 79.46
CA ASN E 135 31.80 24.32 79.58
C ASN E 135 32.19 22.86 79.46
N THR E 136 33.45 22.55 79.12
CA THR E 136 33.85 21.16 79.03
C THR E 136 33.60 20.39 80.33
N VAL E 137 33.70 21.06 81.47
CA VAL E 137 33.21 20.46 82.71
C VAL E 137 31.69 20.34 82.67
N LYS E 138 31.01 21.33 82.09
CA LYS E 138 29.57 21.28 81.90
C LYS E 138 29.21 20.29 80.80
N GLN F 10 -5.08 45.50 49.00
CA GLN F 10 -4.06 45.00 48.09
C GLN F 10 -3.57 43.63 48.54
N ILE F 11 -4.13 42.58 47.94
CA ILE F 11 -3.67 41.23 48.24
C ILE F 11 -2.21 41.08 47.84
N ASN F 12 -1.41 40.54 48.74
CA ASN F 12 0.01 40.37 48.50
C ASN F 12 0.27 39.13 47.66
N ALA F 13 1.20 39.24 46.72
CA ALA F 13 1.67 38.13 45.92
C ALA F 13 3.14 37.89 46.19
N THR F 14 3.56 36.63 46.04
CA THR F 14 4.89 36.19 46.45
C THR F 14 5.53 35.36 45.35
N ALA F 15 6.84 35.19 45.45
CA ALA F 15 7.56 34.22 44.63
C ALA F 15 7.26 32.78 45.01
N ASN F 16 6.62 32.56 46.16
CA ASN F 16 6.12 31.23 46.52
C ASN F 16 5.29 30.64 45.40
N VAL F 17 4.44 31.46 44.78
CA VAL F 17 3.53 30.96 43.77
C VAL F 17 4.27 30.33 42.61
N VAL F 18 5.52 30.74 42.38
CA VAL F 18 6.27 30.27 41.22
C VAL F 18 6.41 28.75 41.31
N ASP F 19 6.56 28.24 42.52
CA ASP F 19 6.64 26.80 42.66
C ASP F 19 5.29 26.16 42.39
N ASN F 20 4.27 26.52 43.18
CA ASN F 20 3.01 25.81 43.10
C ASN F 20 2.35 25.96 41.74
N LYS F 21 2.46 27.15 41.15
CA LYS F 21 2.02 27.33 39.77
C LYS F 21 2.75 26.34 38.87
N LYS F 22 4.08 26.33 38.95
CA LYS F 22 4.85 25.38 38.16
C LYS F 22 4.47 23.96 38.53
N ARG F 23 4.23 23.70 39.82
CA ARG F 23 3.84 22.37 40.26
C ARG F 23 2.58 21.92 39.54
N LEU F 24 1.60 22.82 39.42
CA LEU F 24 0.36 22.46 38.74
C LEU F 24 0.63 22.02 37.31
N LEU F 25 1.53 22.72 36.62
CA LEU F 25 1.85 22.36 35.24
C LEU F 25 2.28 20.91 35.13
N PHE F 26 3.08 20.45 36.11
CA PHE F 26 3.56 19.07 36.05
C PHE F 26 2.40 18.08 36.12
N VAL F 27 1.42 18.37 36.98
CA VAL F 27 0.28 17.47 37.06
C VAL F 27 -0.42 17.39 35.71
N GLN F 28 -0.69 18.56 35.12
CA GLN F 28 -1.49 18.55 33.89
C GLN F 28 -0.69 18.01 32.72
N ASP F 29 0.58 18.39 32.62
CA ASP F 29 1.39 17.82 31.56
C ASP F 29 1.59 16.33 31.79
N SER F 30 1.62 15.89 33.05
CA SER F 30 1.61 14.46 33.31
C SER F 30 0.28 13.83 32.95
N SER F 31 -0.80 14.62 32.94
CA SER F 31 -2.12 14.13 32.59
C SER F 31 -2.45 14.34 31.12
N ALA F 32 -1.46 14.61 30.27
CA ALA F 32 -1.70 15.04 28.91
C ALA F 32 -0.89 14.31 27.87
N LEU F 33 -0.03 13.37 28.26
CA LEU F 33 0.62 12.45 27.33
C LEU F 33 0.26 11.00 27.60
N VAL F 34 -0.42 10.69 28.71
CA VAL F 34 -1.11 9.41 28.83
C VAL F 34 -2.44 9.48 28.11
N LEU F 35 -3.11 10.63 28.17
CA LEU F 35 -4.17 10.90 27.23
C LEU F 35 -3.58 10.96 25.82
N GLY F 36 -4.41 10.66 24.84
CA GLY F 36 -3.93 10.43 23.48
C GLY F 36 -3.64 8.97 23.24
N LEU F 37 -2.82 8.38 24.12
CA LEU F 37 -2.56 6.95 24.02
C LEU F 37 -3.84 6.14 24.24
N VAL F 38 -4.61 6.50 25.27
CA VAL F 38 -5.88 5.80 25.49
C VAL F 38 -6.84 6.06 24.34
N ALA F 39 -6.80 7.26 23.77
CA ALA F 39 -7.62 7.56 22.61
C ALA F 39 -7.25 6.67 21.44
N GLY F 40 -5.94 6.52 21.19
CA GLY F 40 -5.51 5.70 20.07
C GLY F 40 -5.85 4.24 20.28
N PHE F 41 -5.74 3.77 21.52
CA PHE F 41 -6.03 2.37 21.80
C PHE F 41 -7.52 2.10 21.81
N LEU F 42 -8.36 3.12 22.01
CA LEU F 42 -9.77 2.95 21.72
C LEU F 42 -10.08 3.04 20.22
N GLN F 43 -9.08 3.36 19.39
CA GLN F 43 -9.17 3.22 17.94
C GLN F 43 -10.31 4.09 17.36
N ILE F 44 -10.21 5.37 17.66
CA ILE F 44 -11.34 6.30 17.54
C ILE F 44 -11.21 7.17 16.30
N GLU F 45 -12.35 7.72 15.88
CA GLU F 45 -12.38 8.77 14.89
C GLU F 45 -12.12 10.10 15.61
N SER F 46 -12.30 11.22 14.91
CA SER F 46 -11.79 12.50 15.39
C SER F 46 -12.70 13.14 16.43
N VAL F 47 -13.94 13.45 16.06
CA VAL F 47 -14.73 14.36 16.91
C VAL F 47 -15.17 13.66 18.18
N HIS F 48 -15.45 12.36 18.09
CA HIS F 48 -15.54 11.51 19.27
C HIS F 48 -14.30 11.67 20.13
N GLY F 49 -13.13 11.74 19.50
CA GLY F 49 -11.91 11.88 20.27
C GLY F 49 -11.81 13.21 20.96
N PHE F 50 -12.18 14.28 20.28
CA PHE F 50 -12.10 15.60 20.91
C PHE F 50 -13.04 15.69 22.11
N ILE F 51 -14.27 15.18 21.98
CA ILE F 51 -15.17 15.25 23.12
C ILE F 51 -14.68 14.35 24.25
N TRP F 52 -14.11 13.19 23.91
CA TRP F 52 -13.49 12.34 24.93
C TRP F 52 -12.38 13.08 25.65
N PHE F 53 -11.55 13.81 24.88
CA PHE F 53 -10.45 14.54 25.46
C PHE F 53 -10.97 15.58 26.44
N LEU F 54 -12.01 16.31 26.04
CA LEU F 54 -12.48 17.39 26.89
C LEU F 54 -13.04 16.83 28.19
N ILE F 55 -13.81 15.74 28.11
CA ILE F 55 -14.43 15.23 29.33
C ILE F 55 -13.37 14.69 30.30
N LEU F 56 -12.38 13.96 29.78
CA LEU F 56 -11.32 13.51 30.69
C LEU F 56 -10.50 14.68 31.21
N TYR F 57 -10.24 15.67 30.38
CA TYR F 57 -9.36 16.74 30.81
C TYR F 57 -10.01 17.56 31.91
N ASN F 58 -11.30 17.89 31.74
CA ASN F 58 -11.94 18.70 32.76
C ASN F 58 -12.27 17.89 34.01
N LEU F 59 -12.59 16.60 33.89
CA LEU F 59 -12.72 15.79 35.11
C LEU F 59 -11.41 15.74 35.89
N ILE F 60 -10.28 15.60 35.19
CA ILE F 60 -8.98 15.69 35.86
C ILE F 60 -8.78 17.06 36.50
N ASN F 61 -9.21 18.12 35.84
CA ASN F 61 -9.04 19.44 36.43
C ASN F 61 -9.84 19.59 37.71
N VAL F 62 -11.10 19.17 37.69
CA VAL F 62 -11.92 19.38 38.89
C VAL F 62 -11.45 18.48 40.02
N ILE F 63 -11.08 17.23 39.72
CA ILE F 63 -10.61 16.36 40.81
C ILE F 63 -9.27 16.86 41.33
N TYR F 64 -8.45 17.48 40.48
CA TYR F 64 -7.26 18.17 40.96
C TYR F 64 -7.61 19.29 41.93
N ILE F 65 -8.65 20.06 41.61
CA ILE F 65 -9.14 21.06 42.56
C ILE F 65 -9.69 20.41 43.82
N VAL F 66 -10.23 19.21 43.71
CA VAL F 66 -10.75 18.52 44.89
C VAL F 66 -9.61 18.13 45.82
N TRP F 67 -8.58 17.47 45.30
CA TRP F 67 -7.69 16.67 46.13
C TRP F 67 -6.37 17.37 46.45
N ILE F 68 -5.62 17.82 45.45
CA ILE F 68 -4.33 18.44 45.73
C ILE F 68 -4.54 19.82 46.32
N CYS F 69 -5.21 20.68 45.58
CA CYS F 69 -5.93 21.80 46.17
C CYS F 69 -7.08 21.27 47.02
N GLN F 70 -7.20 21.80 48.24
CA GLN F 70 -8.27 21.39 49.15
C GLN F 70 -9.52 22.26 48.94
N LEU F 71 -10.06 22.20 47.72
CA LEU F 71 -11.31 22.87 47.38
C LEU F 71 -11.20 24.39 47.56
N GLN F 72 -9.99 24.92 47.45
CA GLN F 72 -9.70 26.34 47.74
C GLN F 72 -8.78 26.85 46.65
N PRO F 73 -9.30 27.02 45.43
CA PRO F 73 -8.40 27.41 44.32
C PRO F 73 -7.74 28.77 44.54
N GLY F 74 -8.49 29.76 44.97
CA GLY F 74 -7.89 30.93 45.56
C GLY F 74 -7.18 30.57 46.86
N LYS F 75 -6.24 31.42 47.26
CA LYS F 75 -5.26 31.19 48.32
C LYS F 75 -4.15 30.22 47.87
N PHE F 76 -4.18 29.71 46.65
CA PHE F 76 -3.04 29.03 46.05
C PHE F 76 -2.60 29.62 44.74
N TYR F 77 -3.49 30.29 44.01
CA TYR F 77 -3.16 30.87 42.72
C TYR F 77 -3.94 32.17 42.56
N GLN F 78 -3.40 33.05 41.73
CA GLN F 78 -4.05 34.31 41.39
C GLN F 78 -4.79 34.11 40.07
N SER F 79 -6.03 34.59 40.03
CA SER F 79 -6.93 34.26 38.94
C SER F 79 -7.10 32.75 38.88
N PRO F 80 -7.51 32.11 39.98
CA PRO F 80 -7.51 30.64 40.00
C PRO F 80 -8.53 30.04 39.05
N LEU F 81 -9.74 30.60 39.01
CA LEU F 81 -10.74 30.09 38.08
C LEU F 81 -10.31 30.31 36.63
N HIS F 82 -9.53 31.36 36.38
CA HIS F 82 -8.95 31.55 35.06
C HIS F 82 -7.93 30.46 34.73
N ASP F 83 -7.11 30.07 35.70
CA ASP F 83 -5.89 29.35 35.39
C ASP F 83 -6.08 27.85 35.31
N ILE F 84 -6.99 27.26 36.09
CA ILE F 84 -7.12 25.82 36.07
C ILE F 84 -7.68 25.33 34.74
N PHE F 85 -8.54 26.12 34.11
CA PHE F 85 -9.25 25.68 32.91
C PHE F 85 -8.51 26.08 31.63
N PHE F 86 -8.25 27.37 31.45
CA PHE F 86 -7.84 27.90 30.16
C PHE F 86 -6.38 28.27 30.06
N GLU F 87 -5.69 28.55 31.16
CA GLU F 87 -4.24 28.69 31.08
C GLU F 87 -3.61 27.37 30.66
N SER F 88 -2.54 27.47 29.88
CA SER F 88 -1.78 26.30 29.47
C SER F 88 -2.66 25.31 28.71
N PHE F 89 -3.55 25.84 27.88
CA PHE F 89 -4.52 25.04 27.16
C PHE F 89 -4.10 24.79 25.72
N PHE F 90 -3.45 25.78 25.10
CA PHE F 90 -2.70 25.55 23.87
C PHE F 90 -1.29 25.07 24.14
N ARG F 91 -0.86 25.02 25.40
CA ARG F 91 0.43 24.43 25.73
C ARG F 91 0.40 22.92 25.74
N GLU F 92 -0.79 22.31 25.85
CA GLU F 92 -0.93 20.88 26.01
C GLU F 92 -1.91 20.23 25.06
N ILE F 93 -2.80 20.99 24.41
CA ILE F 93 -3.66 20.40 23.39
C ILE F 93 -2.81 19.83 22.26
N THR F 94 -1.71 20.50 21.92
CA THR F 94 -0.88 19.98 20.85
C THR F 94 -0.07 18.80 21.34
N GLY F 95 0.33 18.80 22.60
CA GLY F 95 0.94 17.61 23.15
C GLY F 95 -0.03 16.43 23.11
N PHE F 96 -1.30 16.71 23.40
CA PHE F 96 -2.31 15.66 23.27
C PHE F 96 -2.38 15.15 21.85
N VAL F 97 -2.23 16.04 20.87
CA VAL F 97 -2.23 15.59 19.48
C VAL F 97 -1.02 14.70 19.19
N MET F 98 0.13 15.04 19.75
CA MET F 98 1.29 14.15 19.63
C MET F 98 0.99 12.78 20.22
N ALA F 99 0.44 12.76 21.42
CA ALA F 99 0.09 11.50 22.07
C ALA F 99 -0.96 10.73 21.28
N TRP F 100 -1.91 11.45 20.68
CA TRP F 100 -3.01 10.79 20.01
C TRP F 100 -2.55 10.20 18.68
N THR F 101 -1.76 10.93 17.91
CA THR F 101 -1.21 10.39 16.69
C THR F 101 -0.33 9.18 16.97
N PHE F 102 0.57 9.31 17.95
CA PHE F 102 1.50 8.21 18.20
C PHE F 102 0.78 6.99 18.76
N GLY F 103 -0.27 7.19 19.56
CA GLY F 103 -1.03 6.05 20.07
C GLY F 103 -1.88 5.38 19.02
N TYR F 104 -2.57 6.17 18.20
CA TYR F 104 -3.47 5.60 17.21
C TYR F 104 -2.75 4.86 16.10
N ALA F 105 -1.43 5.01 15.97
CA ALA F 105 -0.65 4.19 15.07
C ALA F 105 -0.40 2.79 15.60
N LEU F 106 -1.03 2.40 16.72
CA LEU F 106 -0.96 1.05 17.25
C LEU F 106 -2.34 0.39 17.21
N ALA G 20 7.95 -2.77 -65.04
CA ALA G 20 7.87 -1.65 -64.12
C ALA G 20 9.15 -1.54 -63.31
N ARG G 21 9.55 -0.31 -63.01
CA ARG G 21 10.74 -0.05 -62.20
C ARG G 21 10.33 0.13 -60.75
N ARG G 22 11.15 -0.42 -59.86
CA ARG G 22 10.89 -0.44 -58.42
C ARG G 22 12.01 0.29 -57.70
N GLY G 23 11.75 0.59 -56.43
CA GLY G 23 12.79 1.05 -55.54
C GLY G 23 13.46 -0.08 -54.82
N THR G 24 14.55 0.23 -54.12
CA THR G 24 15.24 -0.75 -53.30
C THR G 24 16.03 0.00 -52.24
N ILE G 25 15.74 -0.28 -50.97
CA ILE G 25 16.47 0.30 -49.85
C ILE G 25 17.69 -0.57 -49.59
N LYS G 26 18.85 0.07 -49.50
CA LYS G 26 20.09 -0.52 -49.05
C LYS G 26 20.55 0.14 -47.77
N GLY G 27 21.02 -0.64 -46.80
CA GLY G 27 21.44 -0.05 -45.56
C GLY G 27 22.23 -1.04 -44.73
N ARG G 28 22.96 -0.50 -43.76
CA ARG G 28 23.84 -1.34 -42.95
C ARG G 28 24.08 -0.62 -41.62
N LEU G 29 23.59 -1.20 -40.54
CA LEU G 29 23.95 -0.76 -39.20
C LEU G 29 25.33 -1.30 -38.88
N ASP G 30 26.22 -0.44 -38.36
CA ASP G 30 27.65 -0.70 -38.46
C ASP G 30 28.13 -1.76 -37.46
N LEU G 31 27.96 -1.49 -36.16
CA LEU G 31 28.54 -2.33 -35.10
C LEU G 31 30.04 -2.56 -35.31
N ALA G 32 30.73 -1.55 -35.82
CA ALA G 32 32.18 -1.55 -35.97
C ALA G 32 32.85 -0.48 -35.14
N ALA G 33 32.30 0.73 -35.13
CA ALA G 33 32.75 1.73 -34.16
C ALA G 33 32.51 1.24 -32.75
N SER G 34 31.39 0.60 -32.52
CA SER G 34 31.20 -0.17 -31.30
C SER G 34 32.00 -1.46 -31.37
N ASN G 35 32.46 -1.90 -30.21
CA ASN G 35 33.07 -3.22 -30.06
C ASN G 35 32.05 -4.28 -29.65
N ILE G 36 30.76 -4.01 -29.80
CA ILE G 36 29.72 -4.96 -29.44
C ILE G 36 29.61 -5.99 -30.55
N THR G 37 29.97 -7.24 -30.24
CA THR G 37 29.89 -8.35 -31.17
C THR G 37 29.26 -9.59 -30.52
N GLY G 38 28.93 -9.53 -29.24
CA GLY G 38 28.12 -10.56 -28.62
C GLY G 38 26.63 -10.26 -28.70
N PHE G 39 26.25 -9.40 -29.63
CA PHE G 39 24.85 -9.11 -29.85
C PHE G 39 24.17 -10.27 -30.58
N VAL G 40 22.84 -10.20 -30.65
CA VAL G 40 22.04 -11.34 -31.07
C VAL G 40 21.46 -11.16 -32.48
N SER G 41 21.26 -9.92 -32.93
CA SER G 41 20.79 -9.57 -34.27
C SER G 41 19.33 -9.91 -34.54
N THR G 42 18.61 -10.52 -33.58
CA THR G 42 17.22 -10.89 -33.76
C THR G 42 16.26 -10.01 -32.98
N ARG G 43 16.77 -9.10 -32.16
CA ARG G 43 15.96 -8.22 -31.35
C ARG G 43 15.90 -6.80 -31.89
N THR G 44 16.44 -6.55 -33.08
CA THR G 44 16.43 -5.22 -33.70
C THR G 44 15.81 -5.34 -35.08
N SER G 45 14.86 -4.45 -35.37
CA SER G 45 13.98 -4.58 -36.53
C SER G 45 13.77 -3.22 -37.18
N PHE G 46 14.13 -3.11 -38.46
CA PHE G 46 13.78 -1.95 -39.27
C PHE G 46 12.44 -2.18 -39.97
N LYS G 47 11.67 -1.10 -40.11
CA LYS G 47 10.31 -1.15 -40.59
C LYS G 47 10.06 0.02 -41.52
N LEU G 48 9.32 -0.24 -42.61
CA LEU G 48 9.04 0.74 -43.66
C LEU G 48 7.54 0.95 -43.79
N TYR G 49 7.17 2.23 -44.01
CA TYR G 49 5.79 2.64 -44.22
C TYR G 49 5.73 3.64 -45.36
N GLN G 50 4.58 3.69 -46.04
CA GLN G 50 4.30 4.60 -47.16
C GLN G 50 3.23 5.61 -46.75
N ILE G 51 3.46 6.90 -47.05
CA ILE G 51 2.46 7.93 -46.78
C ILE G 51 1.99 8.65 -48.05
N GLY G 52 2.92 9.15 -48.87
CA GLY G 52 2.59 10.10 -49.91
C GLY G 52 2.23 9.61 -51.30
N ASN G 53 1.15 10.18 -51.85
CA ASN G 53 0.76 10.00 -53.26
C ASN G 53 0.67 8.54 -53.69
N PHE G 54 0.07 7.70 -52.86
CA PHE G 54 0.02 6.27 -53.14
C PHE G 54 -1.35 5.96 -53.71
N SER G 55 -1.38 5.20 -54.79
CA SER G 55 -2.63 4.63 -55.28
C SER G 55 -2.45 3.13 -55.23
N THR G 56 -2.71 2.55 -54.06
CA THR G 56 -2.73 1.11 -53.89
C THR G 56 -3.87 0.65 -52.98
N GLU G 57 -4.74 1.55 -52.52
CA GLU G 57 -5.81 1.34 -51.55
C GLU G 57 -5.33 0.80 -50.20
N TYR G 58 -4.02 0.77 -49.96
CA TYR G 58 -3.36 0.56 -48.68
C TYR G 58 -1.93 1.03 -48.91
N PRO G 59 -1.34 1.86 -48.06
CA PRO G 59 0.06 2.21 -48.29
C PRO G 59 0.96 0.99 -48.10
N TYR G 60 2.05 0.97 -48.87
CA TYR G 60 2.97 -0.14 -48.78
C TYR G 60 3.67 -0.12 -47.43
N THR G 61 3.98 -1.32 -46.92
CA THR G 61 4.70 -1.46 -45.67
C THR G 61 5.55 -2.71 -45.71
N SER G 62 6.56 -2.75 -44.85
CA SER G 62 7.40 -3.93 -44.78
C SER G 62 8.21 -3.91 -43.49
N THR G 63 8.84 -5.05 -43.20
CA THR G 63 9.69 -5.23 -42.03
C THR G 63 10.83 -6.16 -42.40
N THR G 64 12.06 -5.78 -42.04
CA THR G 64 13.24 -6.59 -42.35
C THR G 64 14.00 -6.94 -41.08
N MET G 65 14.83 -7.97 -41.20
CA MET G 65 15.84 -8.33 -40.22
C MET G 65 17.22 -8.10 -40.86
N PHE G 66 18.27 -8.43 -40.12
CA PHE G 66 19.61 -8.19 -40.63
C PHE G 66 19.95 -9.20 -41.73
N GLN G 67 21.07 -8.95 -42.41
CA GLN G 67 21.59 -9.83 -43.46
C GLN G 67 22.97 -10.38 -43.16
N ASP G 68 23.80 -9.65 -42.42
CA ASP G 68 25.22 -9.95 -42.32
C ASP G 68 25.71 -9.54 -40.95
N ASP G 69 26.88 -10.07 -40.59
CA ASP G 69 27.47 -9.73 -39.30
C ASP G 69 27.77 -8.23 -39.22
N GLU G 70 28.33 -7.67 -40.30
CA GLU G 70 28.51 -6.22 -40.35
C GLU G 70 27.19 -5.46 -40.48
N GLY G 71 26.08 -6.15 -40.72
CA GLY G 71 24.78 -5.60 -40.36
C GLY G 71 23.89 -5.12 -41.49
N ASN G 72 24.04 -5.69 -42.67
CA ASN G 72 23.28 -5.20 -43.81
C ASN G 72 21.80 -5.55 -43.69
N PHE G 73 20.97 -4.61 -44.13
CA PHE G 73 19.53 -4.76 -44.21
C PHE G 73 19.07 -4.07 -45.49
N GLU G 74 17.95 -4.56 -46.04
CA GLU G 74 17.64 -4.32 -47.43
C GLU G 74 16.15 -4.54 -47.64
N PHE G 75 15.49 -3.56 -48.26
CA PHE G 75 14.16 -3.74 -48.80
C PHE G 75 14.23 -3.62 -50.31
N ALA G 76 13.25 -4.22 -50.98
CA ALA G 76 13.32 -4.35 -52.42
C ALA G 76 11.91 -4.53 -52.95
N ASN G 77 11.78 -4.48 -54.28
CA ASN G 77 10.50 -4.59 -54.95
C ASN G 77 9.55 -3.48 -54.49
N LEU G 78 10.11 -2.29 -54.30
CA LEU G 78 9.34 -1.19 -53.73
C LEU G 78 8.44 -0.58 -54.80
N PRO G 79 7.13 -0.49 -54.59
CA PRO G 79 6.29 0.23 -55.57
C PRO G 79 6.70 1.68 -55.66
N LEU G 80 6.31 2.31 -56.78
CA LEU G 80 6.79 3.65 -57.10
C LEU G 80 5.74 4.38 -57.94
N ASN G 81 5.76 5.71 -57.82
CA ASN G 81 5.05 6.62 -58.69
C ASN G 81 5.95 7.05 -59.85
N ASP G 82 5.34 7.32 -61.00
CA ASP G 82 6.09 7.62 -62.22
C ASP G 82 5.47 8.74 -63.01
N GLY G 83 6.31 9.59 -63.61
CA GLY G 83 5.78 10.67 -64.46
C GLY G 83 6.49 11.99 -64.18
N VAL G 84 5.74 13.07 -64.01
CA VAL G 84 6.37 14.42 -63.80
C VAL G 84 6.84 14.54 -62.33
N ASN G 85 8.14 14.37 -62.08
CA ASN G 85 8.70 14.48 -60.71
C ASN G 85 7.74 13.79 -59.72
N GLU G 86 7.29 12.58 -60.03
CA GLU G 86 6.34 11.89 -59.16
C GLU G 86 7.02 11.32 -57.91
N THR G 87 6.58 11.79 -56.74
CA THR G 87 7.19 11.44 -55.47
C THR G 87 6.45 10.31 -54.76
N THR G 88 7.23 9.50 -54.03
CA THR G 88 6.70 8.48 -53.12
C THR G 88 7.39 8.60 -51.78
N TYR G 89 6.62 8.85 -50.72
CA TYR G 89 7.20 9.17 -49.43
C TYR G 89 7.20 7.86 -48.66
N TYR G 90 8.38 7.28 -48.47
CA TYR G 90 8.56 6.23 -47.47
C TYR G 90 9.16 6.80 -46.20
N VAL G 91 8.93 6.09 -45.10
CA VAL G 91 9.53 6.41 -43.82
C VAL G 91 10.04 5.11 -43.20
N MET G 92 11.30 5.13 -42.78
CA MET G 92 11.94 3.98 -42.15
C MET G 92 12.15 4.29 -40.68
N TYR G 93 11.91 3.28 -39.84
CA TYR G 93 11.99 3.43 -38.39
C TYR G 93 13.27 2.76 -37.88
N PRO G 94 14.40 3.47 -37.80
CA PRO G 94 15.57 2.85 -37.17
C PRO G 94 15.35 2.74 -35.67
N ALA G 95 15.44 1.52 -35.16
CA ALA G 95 15.35 1.30 -33.72
C ALA G 95 16.25 0.14 -33.34
N SER G 96 16.64 0.11 -32.07
CA SER G 96 17.23 -1.08 -31.48
C SER G 96 16.64 -1.26 -30.10
N MET G 97 16.18 -2.47 -29.80
CA MET G 97 15.71 -2.80 -28.46
C MET G 97 16.85 -3.17 -27.52
N ASP G 98 18.10 -3.15 -27.99
CA ASP G 98 19.27 -3.34 -27.15
C ASP G 98 20.18 -2.12 -27.12
N PHE G 99 20.15 -1.29 -28.15
CA PHE G 99 20.88 -0.05 -28.24
C PHE G 99 19.89 1.12 -28.31
N ASN G 100 20.43 2.32 -28.47
CA ASN G 100 19.65 3.48 -28.87
C ASN G 100 20.29 4.06 -30.12
N LEU G 101 19.55 4.06 -31.22
CA LEU G 101 20.11 4.47 -32.49
C LEU G 101 19.96 5.99 -32.62
N LYS G 102 21.05 6.65 -33.00
CA LYS G 102 21.02 8.11 -33.09
C LYS G 102 19.97 8.66 -34.05
N PRO G 103 19.74 8.13 -35.26
CA PRO G 103 18.74 8.78 -36.12
C PRO G 103 17.34 8.75 -35.55
N ASN G 104 16.84 7.55 -35.23
CA ASN G 104 15.56 7.33 -34.55
C ASN G 104 14.35 7.57 -35.46
N ARG G 105 14.55 8.06 -36.68
CA ARG G 105 13.53 8.32 -37.69
C ARG G 105 14.26 8.61 -38.99
N ILE G 106 13.75 8.08 -40.11
CA ILE G 106 14.32 8.37 -41.43
C ILE G 106 13.22 8.63 -42.44
N LEU G 107 13.39 9.70 -43.22
CA LEU G 107 12.53 9.99 -44.36
C LEU G 107 13.17 9.49 -45.63
N ILE G 108 12.34 8.98 -46.54
CA ILE G 108 12.74 8.46 -47.83
C ILE G 108 11.93 9.18 -48.91
N GLU G 109 12.63 9.75 -49.87
CA GLU G 109 12.08 10.60 -50.93
C GLU G 109 12.54 10.08 -52.28
N PHE G 110 11.58 9.80 -53.16
CA PHE G 110 11.80 9.01 -54.39
C PHE G 110 11.11 9.73 -55.54
N LYS G 111 11.83 10.64 -56.19
CA LYS G 111 11.24 11.51 -57.20
C LYS G 111 11.76 11.14 -58.58
N ASN G 112 11.02 11.54 -59.62
CA ASN G 112 11.48 11.33 -60.99
C ASN G 112 12.41 12.46 -61.41
N LEU G 113 13.51 12.11 -62.09
CA LEU G 113 14.23 13.11 -62.86
C LEU G 113 13.56 13.40 -64.19
N GLU G 114 13.66 14.64 -64.64
CA GLU G 114 13.33 14.93 -66.04
C GLU G 114 14.22 14.17 -67.00
N ASN G 115 15.44 13.80 -66.59
CA ASN G 115 16.27 12.94 -67.44
C ASN G 115 15.63 11.59 -67.65
N GLY G 116 14.90 11.08 -66.66
CA GLY G 116 14.21 9.81 -66.75
C GLY G 116 14.55 8.91 -65.58
N THR G 117 15.73 9.14 -65.00
CA THR G 117 16.15 8.38 -63.83
C THR G 117 15.30 8.80 -62.63
N LEU G 118 15.37 7.99 -61.58
CA LEU G 118 14.66 8.23 -60.32
C LEU G 118 15.67 8.68 -59.28
N GLN G 119 15.44 9.85 -58.69
CA GLN G 119 16.35 10.40 -57.71
C GLN G 119 15.98 9.93 -56.32
N LEU G 120 17.04 9.59 -55.58
CA LEU G 120 16.98 9.17 -54.19
C LEU G 120 17.37 10.35 -53.31
N ASN G 121 16.56 10.63 -52.29
CA ASN G 121 16.93 11.56 -51.25
C ASN G 121 16.36 11.01 -49.96
N ALA G 122 17.11 11.12 -48.89
CA ALA G 122 16.61 10.75 -47.58
C ALA G 122 16.89 11.90 -46.63
N PHE G 123 16.23 11.87 -45.47
CA PHE G 123 16.43 12.92 -44.49
C PHE G 123 16.36 12.34 -43.09
N LYS G 124 16.80 13.17 -42.15
CA LYS G 124 17.07 12.79 -40.77
C LYS G 124 16.12 13.60 -39.91
N ASN G 125 14.94 13.05 -39.68
CA ASN G 125 13.93 13.67 -38.85
C ASN G 125 14.17 13.21 -37.41
N PHE G 126 13.28 13.60 -36.50
CA PHE G 126 13.30 13.03 -35.16
C PHE G 126 11.86 12.95 -34.67
N PHE G 127 11.69 12.23 -33.57
CA PHE G 127 10.37 11.80 -33.13
C PHE G 127 9.53 13.01 -32.76
N GLY G 128 8.50 13.28 -33.55
CA GLY G 128 7.56 14.34 -33.26
C GLY G 128 7.89 15.68 -33.88
N ARG G 129 8.19 15.71 -35.18
CA ARG G 129 8.17 16.95 -35.95
C ARG G 129 7.58 16.64 -37.32
N GLU G 130 7.01 17.67 -37.95
CA GLU G 130 6.52 17.50 -39.30
C GLU G 130 7.68 17.21 -40.25
N TYR G 131 7.37 16.51 -41.32
CA TYR G 131 8.39 16.03 -42.25
C TYR G 131 8.66 17.05 -43.34
N PHE G 132 7.60 17.45 -44.02
CA PHE G 132 7.59 18.49 -45.05
C PHE G 132 6.86 19.71 -44.51
N PRO G 133 7.21 20.92 -44.94
CA PRO G 133 6.61 22.11 -44.32
C PRO G 133 5.13 22.22 -44.64
N SER G 134 4.48 23.19 -44.00
CA SER G 134 3.04 23.23 -43.86
C SER G 134 2.33 23.95 -45.00
N LYS G 135 2.96 24.02 -46.18
CA LYS G 135 2.40 24.47 -47.46
C LYS G 135 2.13 25.96 -47.52
N ASP G 136 2.39 26.71 -46.44
CA ASP G 136 2.15 28.15 -46.40
C ASP G 136 3.35 28.94 -45.89
N ILE G 137 4.27 28.32 -45.15
CA ILE G 137 5.46 29.02 -44.69
C ILE G 137 6.28 29.39 -45.90
N THR G 138 6.59 30.67 -46.03
CA THR G 138 7.52 31.14 -47.06
C THR G 138 8.94 30.86 -46.58
N TYR G 139 9.68 30.11 -47.39
CA TYR G 139 11.08 29.78 -47.12
C TYR G 139 11.21 29.04 -45.80
N PRO G 140 10.66 27.83 -45.67
CA PRO G 140 10.76 27.08 -44.42
C PRO G 140 12.12 26.40 -44.32
N GLU G 141 12.36 25.77 -43.16
CA GLU G 141 13.60 25.05 -42.92
C GLU G 141 13.53 23.67 -43.56
N LYS G 142 14.69 23.19 -44.02
CA LYS G 142 14.81 21.93 -44.73
C LYS G 142 15.61 20.93 -43.90
N LEU G 143 15.16 19.67 -43.90
CA LEU G 143 15.80 18.62 -43.11
C LEU G 143 17.16 18.25 -43.69
N GLN G 144 18.01 17.71 -42.82
CA GLN G 144 19.37 17.34 -43.20
C GLN G 144 19.38 16.02 -43.97
N SER G 145 20.02 16.03 -45.13
CA SER G 145 20.27 14.83 -45.92
C SER G 145 21.55 14.13 -45.44
N MET G 146 21.72 12.88 -45.88
CA MET G 146 22.82 12.02 -45.47
C MET G 146 23.37 11.29 -46.67
N LYS G 147 24.68 11.06 -46.70
CA LYS G 147 25.35 10.52 -47.87
C LYS G 147 24.98 9.04 -48.03
N VAL G 148 24.43 8.71 -49.20
CA VAL G 148 23.79 7.42 -49.45
C VAL G 148 24.41 6.72 -50.66
N HIS G 149 25.58 7.17 -51.12
CA HIS G 149 26.27 6.45 -52.18
C HIS G 149 26.56 5.00 -51.80
N PRO G 150 27.30 4.71 -50.71
CA PRO G 150 27.47 3.29 -50.35
C PRO G 150 26.18 2.63 -49.90
N TYR G 151 25.49 3.27 -48.96
CA TYR G 151 24.24 2.75 -48.41
C TYR G 151 23.71 3.78 -47.42
N ILE G 152 22.47 3.57 -46.99
CA ILE G 152 21.99 4.25 -45.79
C ILE G 152 22.71 3.69 -44.58
N THR G 153 23.38 4.56 -43.83
CA THR G 153 24.28 4.19 -42.76
C THR G 153 23.66 4.65 -41.45
N VAL G 154 23.00 3.72 -40.76
CA VAL G 154 22.41 3.97 -39.45
C VAL G 154 23.46 3.67 -38.39
N GLU G 155 23.37 4.37 -37.25
CA GLU G 155 24.38 4.31 -36.21
C GLU G 155 23.73 4.27 -34.83
N LEU G 156 24.45 3.68 -33.88
CA LEU G 156 24.08 3.81 -32.48
C LEU G 156 24.33 5.24 -32.01
N LEU G 157 23.80 5.58 -30.84
CA LEU G 157 24.19 6.84 -30.21
C LEU G 157 25.67 6.82 -29.86
N HIS G 158 26.35 7.90 -30.23
CA HIS G 158 27.73 8.11 -29.82
C HIS G 158 27.85 8.04 -28.31
N LYS G 159 27.00 8.79 -27.61
CA LYS G 159 27.22 9.10 -26.21
C LYS G 159 26.59 8.08 -25.27
N ALA G 160 25.48 7.45 -25.67
CA ALA G 160 24.86 6.37 -24.91
C ALA G 160 24.52 5.24 -25.87
N PRO G 161 25.51 4.43 -26.25
CA PRO G 161 25.22 3.31 -27.16
C PRO G 161 24.28 2.27 -26.59
N ILE G 162 24.19 2.15 -25.26
CA ILE G 162 23.44 1.08 -24.62
C ILE G 162 22.07 1.61 -24.21
N ARG G 163 21.08 0.72 -24.22
CA ARG G 163 19.73 1.15 -23.90
C ARG G 163 19.55 1.41 -22.41
N SER G 164 20.25 0.66 -21.57
CA SER G 164 20.31 0.89 -20.13
C SER G 164 18.92 0.89 -19.49
N TYR G 165 18.24 -0.26 -19.62
CA TYR G 165 16.96 -0.41 -18.96
C TYR G 165 17.09 -0.33 -17.44
N LEU G 166 18.20 -0.82 -16.90
CA LEU G 166 18.35 -1.07 -15.48
C LEU G 166 18.79 0.20 -14.77
N GLN G 167 17.84 0.85 -14.09
CA GLN G 167 18.21 1.88 -13.13
C GLN G 167 18.79 1.24 -11.88
N ALA G 168 19.87 1.80 -11.38
CA ALA G 168 20.52 1.34 -10.17
C ALA G 168 20.24 2.33 -9.03
N ARG G 169 19.97 1.78 -7.85
CA ARG G 169 20.04 2.59 -6.64
C ARG G 169 21.44 3.18 -6.53
N ASN G 170 21.56 4.28 -5.80
CA ASN G 170 22.80 5.03 -5.66
C ASN G 170 23.28 5.49 -7.03
N ASP H 19 -36.03 10.84 -48.12
CA ASP H 19 -35.63 9.81 -47.13
C ASP H 19 -36.65 9.75 -46.00
N ILE H 20 -37.60 8.81 -46.04
CA ILE H 20 -38.58 8.62 -44.99
C ILE H 20 -38.10 7.54 -44.03
N LEU H 21 -38.14 7.84 -42.74
CA LEU H 21 -38.02 6.90 -41.64
C LEU H 21 -39.40 6.63 -41.07
N GLN H 22 -39.66 5.36 -40.76
CA GLN H 22 -40.77 4.96 -39.91
C GLN H 22 -40.20 4.39 -38.62
N LEU H 23 -40.74 4.85 -37.49
CA LEU H 23 -40.38 4.37 -36.17
C LEU H 23 -41.57 3.67 -35.55
N SER H 24 -41.31 2.52 -34.93
CA SER H 24 -42.38 1.74 -34.31
C SER H 24 -41.82 0.97 -33.13
N TYR H 25 -42.54 0.96 -32.03
CA TYR H 25 -42.25 -0.01 -30.99
C TYR H 25 -42.89 -1.35 -31.37
N SER H 26 -42.32 -2.43 -30.85
CA SER H 26 -42.89 -3.76 -31.02
C SER H 26 -43.04 -4.45 -29.67
N ASP H 27 -44.05 -5.32 -29.59
CA ASP H 27 -44.11 -6.27 -28.48
C ASP H 27 -43.08 -7.38 -28.61
N ASP H 28 -42.53 -7.59 -29.80
CA ASP H 28 -41.58 -8.63 -30.18
C ASP H 28 -42.23 -9.99 -30.31
N ALA H 29 -43.51 -10.15 -30.01
CA ALA H 29 -44.26 -11.37 -30.30
C ALA H 29 -45.52 -11.12 -31.11
N LYS H 30 -46.21 -10.01 -30.86
CA LYS H 30 -47.45 -9.74 -31.58
C LYS H 30 -47.17 -9.11 -32.94
N ASP H 31 -46.53 -7.94 -32.95
CA ASP H 31 -46.24 -7.21 -34.17
C ASP H 31 -45.44 -5.98 -33.79
N ALA H 32 -44.97 -5.26 -34.81
CA ALA H 32 -44.48 -3.91 -34.66
C ALA H 32 -45.66 -2.95 -34.86
N ILE H 33 -46.09 -2.31 -33.79
CA ILE H 33 -47.23 -1.38 -33.84
C ILE H 33 -46.63 -0.01 -34.13
N PRO H 34 -47.09 0.72 -35.15
CA PRO H 34 -46.41 1.96 -35.53
C PRO H 34 -46.48 3.02 -34.45
N LEU H 35 -45.47 3.89 -34.46
CA LEU H 35 -45.33 4.95 -33.46
C LEU H 35 -45.04 6.32 -34.05
N GLY H 36 -44.52 6.42 -35.27
CA GLY H 36 -44.21 7.73 -35.81
C GLY H 36 -43.56 7.63 -37.17
N THR H 37 -43.46 8.79 -37.82
CA THR H 37 -42.92 8.91 -39.16
C THR H 37 -42.15 10.22 -39.27
N PHE H 38 -40.98 10.15 -39.90
CA PHE H 38 -40.06 11.28 -40.02
C PHE H 38 -39.41 11.22 -41.39
N GLU H 39 -38.90 12.36 -41.84
CA GLU H 39 -38.27 12.46 -43.15
C GLU H 39 -36.95 13.21 -42.99
N ILE H 40 -35.97 12.84 -43.81
CA ILE H 40 -34.61 13.38 -43.70
C ILE H 40 -34.25 14.01 -45.04
N ASP H 41 -34.04 15.33 -45.02
CA ASP H 41 -33.71 16.11 -46.21
C ASP H 41 -32.31 16.71 -46.09
N SER H 42 -31.55 16.68 -47.19
CA SER H 42 -30.23 17.32 -47.28
C SER H 42 -30.38 18.63 -48.04
N THR H 43 -30.75 19.69 -47.31
CA THR H 43 -30.98 20.98 -47.95
C THR H 43 -29.68 21.62 -48.42
N SER H 44 -28.75 21.88 -47.50
CA SER H 44 -27.57 22.68 -47.83
C SER H 44 -26.53 21.77 -48.47
N ASP H 45 -25.32 22.31 -48.66
CA ASP H 45 -24.22 21.50 -49.21
C ASP H 45 -23.92 20.32 -48.31
N GLY H 46 -23.80 20.56 -47.00
CA GLY H 46 -23.33 19.56 -46.06
C GLY H 46 -24.10 19.50 -44.76
N ASN H 47 -25.39 19.83 -44.79
CA ASN H 47 -26.21 19.89 -43.58
C ASN H 47 -27.52 19.16 -43.86
N VAL H 48 -27.68 18.00 -43.25
CA VAL H 48 -28.94 17.28 -43.28
C VAL H 48 -29.86 17.82 -42.18
N THR H 49 -31.15 17.50 -42.28
CA THR H 49 -32.10 17.86 -41.24
C THR H 49 -33.28 16.90 -41.29
N VAL H 50 -33.99 16.83 -40.16
CA VAL H 50 -35.14 15.94 -39.98
C VAL H 50 -36.40 16.79 -39.88
N THR H 51 -37.47 16.29 -40.48
CA THR H 51 -38.80 16.86 -40.37
C THR H 51 -39.76 15.78 -39.88
N THR H 52 -40.63 16.15 -38.95
CA THR H 52 -41.63 15.22 -38.41
C THR H 52 -42.88 15.31 -39.28
N VAL H 53 -42.95 14.41 -40.26
CA VAL H 53 -44.11 14.41 -41.16
C VAL H 53 -45.37 14.08 -40.37
N ASN H 54 -45.27 13.13 -39.43
CA ASN H 54 -46.35 12.90 -38.47
C ASN H 54 -45.84 11.95 -37.39
N ILE H 55 -46.37 12.14 -36.18
CA ILE H 55 -46.14 11.24 -35.06
C ILE H 55 -47.48 10.75 -34.56
N GLN H 56 -47.61 9.44 -34.35
CA GLN H 56 -48.88 8.80 -34.03
C GLN H 56 -48.73 8.25 -32.61
N ASP H 57 -49.17 9.02 -31.63
CA ASP H 57 -49.06 8.65 -30.23
C ASP H 57 -50.30 7.89 -29.78
N VAL H 58 -50.08 6.75 -29.13
CA VAL H 58 -51.12 5.98 -28.46
C VAL H 58 -50.62 5.70 -27.04
N GLU H 59 -51.43 4.96 -26.28
CA GLU H 59 -51.06 4.62 -24.91
C GLU H 59 -49.76 3.82 -24.91
N VAL H 60 -48.76 4.34 -24.20
CA VAL H 60 -47.47 3.67 -24.02
C VAL H 60 -47.13 3.70 -22.54
N SER H 61 -46.79 2.53 -21.99
CA SER H 61 -46.37 2.44 -20.60
C SER H 61 -45.61 1.13 -20.42
N GLY H 62 -44.36 1.22 -19.97
CA GLY H 62 -43.58 0.03 -19.65
C GLY H 62 -42.44 -0.23 -20.61
N GLU H 63 -41.93 -1.47 -20.56
CA GLU H 63 -40.68 -1.82 -21.22
C GLU H 63 -40.96 -2.26 -22.65
N TYR H 64 -40.31 -1.61 -23.61
CA TYR H 64 -40.53 -1.87 -25.02
C TYR H 64 -39.23 -1.82 -25.81
N CYS H 65 -39.24 -2.57 -26.92
CA CYS H 65 -38.16 -2.64 -27.89
C CYS H 65 -38.55 -1.85 -29.14
N LEU H 66 -37.60 -1.06 -29.62
CA LEU H 66 -37.84 -0.09 -30.67
C LEU H 66 -37.42 -0.65 -32.03
N ASN H 67 -38.01 -0.09 -33.08
CA ASN H 67 -37.75 -0.51 -34.45
C ASN H 67 -37.67 0.75 -35.30
N ALA H 68 -36.64 0.85 -36.14
CA ALA H 68 -36.47 2.00 -37.01
C ALA H 68 -36.13 1.53 -38.41
N GLN H 69 -36.77 2.13 -39.41
CA GLN H 69 -36.57 1.69 -40.79
C GLN H 69 -36.66 2.89 -41.70
N ILE H 70 -35.61 3.12 -42.48
CA ILE H 70 -35.64 4.02 -43.63
C ILE H 70 -35.61 3.14 -44.86
N GLU H 71 -36.71 3.16 -45.62
CA GLU H 71 -36.81 2.38 -46.84
C GLU H 71 -35.70 2.79 -47.79
N GLY H 72 -35.10 1.78 -48.43
CA GLY H 72 -33.84 2.02 -49.11
C GLY H 72 -32.71 1.67 -48.18
N LYS H 73 -32.13 2.69 -47.56
CA LYS H 73 -30.82 2.56 -46.93
C LYS H 73 -30.86 1.67 -45.70
N LEU H 74 -31.68 2.04 -44.70
CA LEU H 74 -31.47 1.57 -43.33
C LEU H 74 -32.64 0.74 -42.84
N ASP H 75 -32.32 -0.33 -42.11
CA ASP H 75 -33.34 -1.00 -41.31
C ASP H 75 -32.65 -1.54 -40.06
N MET H 76 -32.83 -0.82 -38.94
CA MET H 76 -32.35 -1.25 -37.64
C MET H 76 -33.51 -1.83 -36.86
N PRO H 77 -33.71 -3.16 -36.84
CA PRO H 77 -34.97 -3.69 -36.28
C PRO H 77 -35.04 -3.53 -34.78
N CYS H 78 -33.95 -3.78 -34.05
CA CYS H 78 -33.94 -3.63 -32.59
C CYS H 78 -32.69 -2.86 -32.24
N PHE H 79 -32.81 -1.54 -32.20
CA PHE H 79 -31.67 -0.66 -31.97
C PHE H 79 -31.59 -0.18 -30.53
N SER H 80 -32.66 -0.35 -29.76
CA SER H 80 -32.67 0.12 -28.38
C SER H 80 -33.83 -0.53 -27.65
N TYR H 81 -33.83 -0.33 -26.33
CA TYR H 81 -34.86 -0.86 -25.47
C TYR H 81 -34.99 0.08 -24.28
N MET H 82 -36.19 0.60 -24.05
CA MET H 82 -36.38 1.58 -22.97
C MET H 82 -37.69 1.31 -22.26
N LYS H 83 -37.83 1.93 -21.09
CA LYS H 83 -39.09 1.96 -20.37
C LYS H 83 -39.80 3.24 -20.77
N LEU H 84 -40.81 3.12 -21.60
CA LEU H 84 -41.44 4.24 -22.28
C LEU H 84 -42.70 4.65 -21.52
N ARG H 85 -43.12 5.90 -21.77
CA ARG H 85 -44.33 6.45 -21.19
C ARG H 85 -44.96 7.37 -22.22
N THR H 86 -46.29 7.49 -22.17
CA THR H 86 -47.02 8.21 -23.20
C THR H 86 -46.73 9.71 -23.25
N PRO H 87 -46.37 10.39 -22.14
CA PRO H 87 -45.84 11.75 -22.37
C PRO H 87 -44.40 11.66 -22.87
N LEU H 88 -44.27 11.41 -24.17
CA LEU H 88 -42.95 11.15 -24.74
C LEU H 88 -42.10 12.40 -24.59
N LYS H 89 -40.97 12.26 -23.92
CA LYS H 89 -40.13 13.39 -23.53
C LYS H 89 -38.68 13.09 -23.87
N TYR H 90 -38.47 12.58 -25.09
CA TYR H 90 -37.17 12.09 -25.53
C TYR H 90 -36.66 12.91 -26.71
N ASP H 91 -35.33 12.94 -26.82
CA ASP H 91 -34.60 13.56 -27.92
C ASP H 91 -34.00 12.43 -28.76
N LEU H 92 -34.44 12.35 -30.01
CA LEU H 92 -34.12 11.22 -30.88
C LEU H 92 -32.90 11.61 -31.72
N ILE H 93 -31.75 11.06 -31.36
CA ILE H 93 -30.50 11.33 -32.05
C ILE H 93 -30.43 10.35 -33.22
N VAL H 94 -30.68 10.86 -34.42
CA VAL H 94 -30.21 10.18 -35.63
C VAL H 94 -28.81 10.69 -35.93
N ASP H 95 -27.95 9.80 -36.39
CA ASP H 95 -26.52 10.09 -36.51
C ASP H 95 -26.10 9.84 -37.94
N VAL H 96 -25.38 10.81 -38.47
CA VAL H 96 -24.97 10.93 -39.86
C VAL H 96 -23.45 11.07 -39.86
N ASP H 97 -22.86 11.19 -41.05
CA ASP H 97 -21.42 11.26 -41.23
C ASP H 97 -21.17 12.05 -42.52
N GLU H 98 -19.90 12.13 -42.93
CA GLU H 98 -19.51 13.11 -43.95
C GLU H 98 -20.29 12.91 -45.24
N ASP H 99 -20.48 11.66 -45.66
CA ASP H 99 -21.49 11.38 -46.66
C ASP H 99 -22.86 11.49 -46.01
N ASN H 100 -23.80 12.09 -46.73
CA ASN H 100 -25.10 12.41 -46.14
C ASN H 100 -25.98 11.16 -46.16
N GLU H 101 -25.57 10.20 -45.33
CA GLU H 101 -26.22 8.90 -45.21
C GLU H 101 -26.44 8.63 -43.73
N VAL H 102 -27.64 8.15 -43.39
CA VAL H 102 -27.92 7.80 -42.01
C VAL H 102 -26.98 6.70 -41.57
N LYS H 103 -26.38 6.87 -40.39
CA LYS H 103 -25.48 5.89 -39.81
C LYS H 103 -26.07 5.18 -38.61
N GLN H 104 -26.78 5.88 -37.73
CA GLN H 104 -27.36 5.23 -36.56
C GLN H 104 -28.63 5.97 -36.14
N VAL H 105 -29.41 5.32 -35.27
CA VAL H 105 -30.60 5.89 -34.66
C VAL H 105 -30.66 5.45 -33.21
N SER H 106 -30.82 6.41 -32.31
CA SER H 106 -30.91 6.11 -30.88
C SER H 106 -31.65 7.24 -30.19
N LEU H 107 -32.04 7.01 -28.94
CA LEU H 107 -32.95 7.88 -28.22
C LEU H 107 -32.38 8.17 -26.84
N SER H 108 -32.44 9.44 -26.43
CA SER H 108 -32.09 9.85 -25.06
C SER H 108 -33.26 10.63 -24.47
N TYR H 109 -33.18 10.91 -23.17
CA TYR H 109 -34.24 11.58 -22.45
C TYR H 109 -33.90 13.06 -22.28
N ASP H 110 -34.78 13.93 -22.76
CA ASP H 110 -34.69 15.37 -22.54
C ASP H 110 -35.99 15.89 -21.95
N GLU H 111 -35.89 16.66 -20.87
CA GLU H 111 -37.07 17.01 -20.08
C GLU H 111 -38.05 17.90 -20.83
N THR H 112 -37.59 18.65 -21.82
CA THR H 112 -38.29 19.86 -22.24
C THR H 112 -39.18 19.69 -23.46
N ASN H 113 -39.35 18.48 -23.99
CA ASN H 113 -40.01 18.32 -25.29
C ASN H 113 -41.50 18.03 -25.20
N ASP H 114 -41.93 17.26 -24.20
CA ASP H 114 -43.31 16.72 -24.08
C ASP H 114 -43.79 16.08 -25.38
N ALA H 115 -42.85 15.53 -26.15
CA ALA H 115 -43.09 14.95 -27.46
C ALA H 115 -41.82 14.22 -27.86
N ILE H 116 -41.81 13.69 -29.07
CA ILE H 116 -40.59 13.22 -29.71
C ILE H 116 -40.15 14.29 -30.69
N THR H 117 -38.96 14.82 -30.45
CA THR H 117 -38.27 15.69 -31.39
C THR H 117 -36.95 15.03 -31.72
N ALA H 118 -36.52 15.18 -32.97
CA ALA H 118 -35.37 14.47 -33.51
C ALA H 118 -34.30 15.46 -33.91
N THR H 119 -33.06 15.10 -33.64
CA THR H 119 -31.91 15.87 -34.04
C THR H 119 -30.97 14.98 -34.84
N VAL H 120 -30.44 15.55 -35.91
CA VAL H 120 -29.41 14.91 -36.70
C VAL H 120 -28.07 15.31 -36.12
N ARG H 121 -27.10 14.42 -36.18
CA ARG H 121 -25.82 14.67 -35.53
C ARG H 121 -24.68 14.22 -36.42
N TYR H 122 -23.69 15.07 -36.50
CA TYR H 122 -22.41 14.87 -37.15
C TYR H 122 -21.38 14.49 -36.10
N PRO H 123 -20.28 13.85 -36.51
CA PRO H 123 -19.54 13.01 -35.57
C PRO H 123 -18.69 13.77 -34.56
N GLU H 124 -18.73 15.10 -34.55
CA GLU H 124 -18.00 15.89 -33.56
C GLU H 124 -16.51 15.58 -33.62
N ALA H 125 -15.93 15.88 -34.79
CA ALA H 125 -14.63 15.36 -35.22
C ALA H 125 -13.56 15.54 -34.15
N GLY H 126 -12.65 14.58 -34.10
CA GLY H 126 -11.65 14.52 -33.07
C GLY H 126 -10.55 15.53 -33.30
N PRO H 127 -9.68 15.69 -32.30
CA PRO H 127 -8.71 16.80 -32.35
C PRO H 127 -7.72 16.74 -33.49
N THR H 128 -7.12 15.59 -33.76
CA THR H 128 -5.89 15.54 -34.54
C THR H 128 -4.83 16.44 -33.92
N ALA H 129 -4.47 16.10 -32.68
CA ALA H 129 -3.77 17.03 -31.81
C ALA H 129 -2.37 17.34 -32.34
N PRO H 130 -1.75 18.41 -31.87
CA PRO H 130 -0.64 19.02 -32.61
C PRO H 130 0.69 18.36 -32.30
N VAL H 131 1.67 18.69 -33.15
CA VAL H 131 3.03 18.21 -33.03
C VAL H 131 3.95 19.41 -33.30
N THR H 132 5.24 19.24 -33.08
CA THR H 132 6.20 20.29 -33.39
C THR H 132 6.18 20.57 -34.88
N LYS H 133 6.25 21.86 -35.22
CA LYS H 133 6.22 22.32 -36.59
C LYS H 133 7.56 22.92 -36.99
N LEU H 134 7.80 22.97 -38.29
CA LEU H 134 8.97 23.66 -38.80
C LEU H 134 8.78 25.17 -38.66
N LYS H 135 9.86 25.85 -38.30
CA LYS H 135 9.80 27.27 -38.02
C LYS H 135 9.72 28.06 -39.32
N LYS H 136 9.60 29.38 -39.18
CA LYS H 136 9.38 30.29 -40.31
C LYS H 136 10.69 30.98 -40.63
N LYS H 137 11.30 30.59 -41.74
CA LYS H 137 12.62 31.07 -42.16
C LYS H 137 13.62 31.02 -41.01
N THR H 138 13.84 29.80 -40.52
CA THR H 138 15.09 29.47 -39.84
C THR H 138 16.09 28.91 -40.85
N LYS H 139 16.33 29.71 -41.90
CA LYS H 139 17.27 29.43 -42.97
C LYS H 139 18.41 30.43 -42.98
N THR H 140 18.08 31.73 -42.97
CA THR H 140 19.05 32.80 -42.82
C THR H 140 18.90 33.53 -41.50
N TYR H 141 18.08 33.01 -40.58
CA TYR H 141 17.85 33.63 -39.27
C TYR H 141 18.06 32.60 -38.17
N ALA I 2 -5.34 -40.65 -21.53
CA ALA I 2 -5.34 -40.43 -22.97
C ALA I 2 -5.83 -39.03 -23.29
N GLN I 3 -4.88 -38.11 -23.51
CA GLN I 3 -5.20 -36.71 -23.79
C GLN I 3 -5.19 -36.41 -25.29
N VAL I 4 -4.08 -36.70 -25.96
CA VAL I 4 -3.94 -36.37 -27.38
C VAL I 4 -4.66 -37.44 -28.18
N GLN I 5 -5.90 -37.15 -28.56
CA GLN I 5 -6.83 -38.13 -29.10
C GLN I 5 -7.50 -37.58 -30.36
N LEU I 6 -8.04 -38.48 -31.16
CA LEU I 6 -8.51 -38.18 -32.51
C LEU I 6 -10.03 -38.21 -32.55
N GLN I 7 -10.57 -37.62 -33.61
CA GLN I 7 -12.02 -37.46 -33.78
C GLN I 7 -12.38 -37.73 -35.23
N GLN I 8 -13.58 -38.22 -35.47
CA GLN I 8 -13.95 -38.79 -36.76
C GLN I 8 -15.18 -38.10 -37.30
N TRP I 9 -15.21 -37.90 -38.62
CA TRP I 9 -16.34 -37.35 -39.33
C TRP I 9 -16.75 -38.31 -40.44
N GLY I 10 -18.02 -38.19 -40.84
CA GLY I 10 -18.48 -38.91 -42.00
C GLY I 10 -19.94 -38.62 -42.27
N ALA I 11 -20.53 -39.51 -43.06
CA ALA I 11 -21.96 -39.53 -43.33
C ALA I 11 -22.47 -40.94 -43.06
N GLY I 12 -23.74 -41.03 -42.68
CA GLY I 12 -24.26 -42.28 -42.17
C GLY I 12 -24.52 -43.34 -43.21
N LEU I 13 -25.10 -42.96 -44.35
CA LEU I 13 -25.39 -43.87 -45.45
C LEU I 13 -24.62 -43.48 -46.69
N LEU I 14 -24.00 -44.47 -47.32
CA LEU I 14 -23.48 -44.38 -48.67
C LEU I 14 -23.91 -45.60 -49.44
N LYS I 15 -24.21 -45.42 -50.72
CA LYS I 15 -24.70 -46.52 -51.54
C LYS I 15 -23.60 -47.56 -51.72
N PRO I 16 -23.92 -48.72 -52.28
CA PRO I 16 -22.86 -49.65 -52.68
C PRO I 16 -21.98 -49.06 -53.77
N SER I 17 -20.70 -49.43 -53.71
CA SER I 17 -19.74 -49.14 -54.79
C SER I 17 -19.60 -47.64 -55.05
N GLU I 18 -19.20 -46.92 -54.01
CA GLU I 18 -18.59 -45.62 -54.19
C GLU I 18 -17.53 -45.45 -53.11
N THR I 19 -16.60 -44.53 -53.36
CA THR I 19 -15.56 -44.26 -52.39
C THR I 19 -16.19 -43.66 -51.14
N LEU I 20 -15.56 -43.94 -50.00
CA LEU I 20 -16.19 -43.75 -48.69
C LEU I 20 -15.43 -42.67 -47.93
N SER I 21 -16.09 -41.54 -47.69
CA SER I 21 -15.43 -40.36 -47.17
C SER I 21 -15.56 -40.33 -45.66
N LEU I 22 -14.43 -40.37 -44.97
CA LEU I 22 -14.36 -40.09 -43.54
C LEU I 22 -13.20 -39.15 -43.31
N THR I 23 -13.34 -38.25 -42.32
CA THR I 23 -12.36 -37.21 -42.07
C THR I 23 -11.97 -37.18 -40.60
N CYS I 24 -10.69 -37.40 -40.31
CA CYS I 24 -10.22 -37.33 -38.93
C CYS I 24 -10.08 -35.87 -38.49
N ALA I 25 -9.75 -35.68 -37.22
CA ALA I 25 -9.42 -34.38 -36.66
C ALA I 25 -8.51 -34.55 -35.45
N VAL I 26 -7.48 -33.69 -35.40
CA VAL I 26 -6.45 -33.68 -34.37
C VAL I 26 -6.67 -32.55 -33.37
N TYR I 27 -6.54 -32.86 -32.07
CA TYR I 27 -6.53 -31.86 -31.00
C TYR I 27 -5.29 -32.05 -30.11
N GLY I 28 -4.18 -32.47 -30.70
CA GLY I 28 -2.97 -32.69 -29.93
C GLY I 28 -1.77 -32.49 -30.82
N GLY I 29 -0.61 -32.42 -30.20
CA GLY I 29 0.59 -32.02 -30.89
C GLY I 29 1.26 -33.15 -31.64
N SER I 30 2.45 -32.82 -32.15
CA SER I 30 3.36 -33.76 -32.79
C SER I 30 2.69 -34.47 -33.96
N PHE I 31 2.26 -33.68 -34.94
CA PHE I 31 1.74 -34.27 -36.17
C PHE I 31 2.87 -34.84 -37.01
N SER I 32 3.95 -34.08 -37.17
CA SER I 32 5.06 -34.45 -38.04
C SER I 32 6.07 -35.25 -37.24
N GLY I 33 6.19 -36.53 -37.55
CA GLY I 33 6.94 -37.46 -36.72
C GLY I 33 6.18 -38.73 -36.43
N TYR I 34 4.89 -38.77 -36.78
CA TYR I 34 4.07 -39.96 -36.64
C TYR I 34 3.52 -40.38 -38.00
N TYR I 35 3.21 -41.67 -38.13
CA TYR I 35 2.44 -42.19 -39.24
C TYR I 35 0.99 -42.32 -38.83
N TRP I 36 0.10 -41.77 -39.65
CA TRP I 36 -1.33 -41.71 -39.38
C TRP I 36 -2.06 -42.64 -40.32
N SER I 37 -2.80 -43.60 -39.77
CA SER I 37 -3.50 -44.61 -40.55
C SER I 37 -4.96 -44.71 -40.12
N TRP I 38 -5.73 -45.39 -40.94
CA TRP I 38 -7.09 -45.80 -40.64
C TRP I 38 -7.14 -47.28 -40.29
N ILE I 39 -8.24 -47.72 -39.68
CA ILE I 39 -8.57 -49.14 -39.59
C ILE I 39 -10.04 -49.41 -39.89
N ARG I 40 -10.30 -50.50 -40.63
CA ARG I 40 -11.64 -51.04 -40.79
C ARG I 40 -11.78 -52.23 -39.85
N GLN I 41 -12.96 -52.34 -39.24
CA GLN I 41 -13.38 -53.48 -38.44
C GLN I 41 -14.70 -53.92 -39.02
N PRO I 42 -14.70 -54.89 -39.93
CA PRO I 42 -15.96 -55.48 -40.36
C PRO I 42 -16.61 -56.19 -39.19
N PRO I 43 -17.91 -55.98 -38.93
CA PRO I 43 -18.58 -56.88 -37.98
C PRO I 43 -18.54 -58.29 -38.55
N GLY I 44 -18.24 -59.24 -37.68
CA GLY I 44 -17.82 -60.55 -38.10
C GLY I 44 -16.43 -60.90 -37.59
N LYS I 45 -16.02 -60.24 -36.50
CA LYS I 45 -14.76 -60.56 -35.82
C LYS I 45 -13.56 -60.42 -36.75
N GLY I 46 -13.35 -59.20 -37.25
CA GLY I 46 -12.16 -58.93 -38.05
C GLY I 46 -11.86 -57.46 -38.12
N LEU I 47 -10.57 -57.16 -38.38
CA LEU I 47 -10.07 -55.80 -38.53
C LEU I 47 -8.90 -55.81 -39.51
N GLU I 48 -8.89 -54.88 -40.45
CA GLU I 48 -7.76 -54.80 -41.38
C GLU I 48 -7.70 -53.42 -42.03
N TRP I 49 -6.57 -52.74 -41.90
CA TRP I 49 -6.25 -51.66 -42.84
C TRP I 49 -4.82 -51.26 -42.60
N ILE I 50 -4.11 -50.92 -43.67
CA ILE I 50 -2.91 -50.09 -43.58
C ILE I 50 -2.95 -49.15 -44.78
N GLY I 51 -3.16 -47.86 -44.50
CA GLY I 51 -3.11 -46.79 -45.46
C GLY I 51 -2.22 -45.67 -44.97
N GLU I 52 -1.14 -46.03 -44.27
CA GLU I 52 -0.35 -45.07 -43.51
C GLU I 52 0.22 -43.97 -44.39
N ILE I 53 0.48 -42.82 -43.78
CA ILE I 53 0.80 -41.59 -44.48
C ILE I 53 1.79 -40.79 -43.63
N ASN I 54 2.41 -39.79 -44.23
CA ASN I 54 3.36 -38.90 -43.59
C ASN I 54 3.03 -37.47 -43.99
N HIS I 55 3.67 -36.49 -43.33
CA HIS I 55 3.43 -35.09 -43.67
C HIS I 55 3.76 -34.85 -45.14
N SER I 56 4.76 -35.53 -45.66
CA SER I 56 5.07 -35.55 -47.09
C SER I 56 4.39 -36.77 -47.65
N GLY I 57 4.15 -36.78 -48.96
CA GLY I 57 3.38 -37.88 -49.53
C GLY I 57 4.02 -39.22 -49.27
N SER I 58 3.30 -40.10 -48.58
CA SER I 58 3.74 -41.46 -48.30
C SER I 58 2.66 -42.50 -48.61
N THR I 59 1.69 -42.16 -49.46
CA THR I 59 0.56 -43.02 -49.79
C THR I 59 0.96 -44.47 -49.98
N ASN I 60 0.28 -45.37 -49.26
CA ASN I 60 0.56 -46.80 -49.35
C ASN I 60 -0.71 -47.54 -48.97
N TYR I 61 -1.48 -47.96 -49.97
CA TYR I 61 -2.80 -48.51 -49.73
C TYR I 61 -2.70 -50.01 -49.41
N ASN I 62 -3.85 -50.64 -49.20
CA ASN I 62 -3.93 -52.07 -48.91
C ASN I 62 -3.35 -52.90 -50.05
N VAL I 73 -6.79 -40.66 -48.91
CA VAL I 73 -5.71 -40.77 -47.95
C VAL I 73 -5.10 -39.39 -47.72
N ASP I 74 -5.91 -38.35 -47.95
CA ASP I 74 -5.38 -36.99 -47.92
C ASP I 74 -5.17 -36.53 -46.49
N THR I 75 -4.23 -35.60 -46.33
CA THR I 75 -3.92 -34.97 -45.06
C THR I 75 -4.00 -33.45 -45.19
N SER I 76 -4.25 -32.80 -44.06
CA SER I 76 -4.44 -31.35 -44.00
C SER I 76 -3.46 -30.82 -42.96
N LYS I 77 -2.25 -30.48 -43.39
CA LYS I 77 -1.25 -29.96 -42.46
C LYS I 77 -1.69 -28.64 -41.87
N ASN I 78 -2.52 -27.88 -42.58
CA ASN I 78 -3.08 -26.67 -42.01
C ASN I 78 -4.01 -26.99 -40.85
N GLN I 79 -4.92 -27.93 -41.05
CA GLN I 79 -5.95 -28.25 -40.07
C GLN I 79 -5.65 -29.50 -39.26
N PHE I 80 -4.64 -30.29 -39.64
CA PHE I 80 -4.38 -31.61 -39.06
C PHE I 80 -5.65 -32.43 -38.96
N SER I 81 -6.26 -32.65 -40.13
CA SER I 81 -7.50 -33.42 -40.25
C SER I 81 -7.26 -34.36 -41.42
N LEU I 82 -6.74 -35.55 -41.13
CA LEU I 82 -6.49 -36.47 -42.22
C LEU I 82 -7.79 -37.11 -42.70
N LYS I 83 -7.74 -37.58 -43.93
CA LYS I 83 -8.92 -37.76 -44.77
C LYS I 83 -8.68 -39.01 -45.61
N LEU I 84 -9.75 -39.73 -45.90
CA LEU I 84 -9.63 -40.83 -46.84
C LEU I 84 -10.93 -41.05 -47.59
N SER I 85 -10.81 -41.33 -48.89
CA SER I 85 -11.90 -41.85 -49.70
C SER I 85 -11.35 -43.01 -50.52
N SER I 86 -11.93 -44.19 -50.32
CA SER I 86 -11.44 -45.40 -50.96
C SER I 86 -11.53 -45.33 -52.47
N ASP I 91 -16.96 -51.74 -48.09
CA ASP I 91 -18.24 -52.23 -47.61
C ASP I 91 -18.44 -51.87 -46.15
N THR I 92 -19.59 -52.23 -45.59
CA THR I 92 -19.94 -51.85 -44.23
C THR I 92 -18.88 -52.27 -43.23
N ALA I 93 -18.57 -51.39 -42.28
CA ALA I 93 -17.60 -51.71 -41.23
C ALA I 93 -17.58 -50.56 -40.24
N VAL I 94 -16.79 -50.73 -39.18
CA VAL I 94 -16.52 -49.67 -38.22
C VAL I 94 -15.13 -49.14 -38.49
N TYR I 95 -14.99 -47.82 -38.49
CA TYR I 95 -13.88 -47.14 -39.12
C TYR I 95 -13.21 -46.29 -38.07
N TYR I 96 -11.91 -46.47 -37.91
CA TYR I 96 -11.15 -45.81 -36.86
C TYR I 96 -10.06 -44.96 -37.49
N CYS I 97 -9.80 -43.83 -36.85
CA CYS I 97 -8.56 -43.12 -37.06
C CYS I 97 -7.53 -43.72 -36.10
N ALA I 98 -6.28 -43.28 -36.21
CA ALA I 98 -5.26 -43.85 -35.34
C ALA I 98 -4.03 -42.97 -35.34
N ARG I 99 -3.02 -43.41 -34.60
CA ARG I 99 -1.76 -42.69 -34.49
C ARG I 99 -0.65 -43.73 -34.40
N GLY I 100 0.24 -43.72 -35.38
CA GLY I 100 1.29 -44.72 -35.48
C GLY I 100 2.66 -44.10 -35.44
N LEU I 101 3.59 -44.83 -34.85
CA LEU I 101 4.97 -44.39 -34.71
C LEU I 101 5.64 -44.34 -36.08
N ALA I 102 6.74 -43.60 -36.15
CA ALA I 102 7.46 -43.34 -37.40
C ALA I 102 8.93 -43.72 -37.24
N GLY I 103 9.16 -44.89 -36.67
CA GLY I 103 10.50 -45.35 -36.40
C GLY I 103 11.38 -45.49 -37.62
N ARG I 104 10.95 -46.29 -38.59
CA ARG I 104 11.75 -46.45 -39.80
C ARG I 104 11.65 -45.19 -40.65
N GLY I 105 12.49 -45.14 -41.68
CA GLY I 105 12.63 -43.93 -42.47
C GLY I 105 11.37 -43.56 -43.23
N TYR I 106 10.98 -44.39 -44.19
CA TYR I 106 9.79 -44.13 -45.01
C TYR I 106 8.75 -45.23 -44.89
N TYR I 107 8.88 -46.10 -43.88
CA TYR I 107 7.98 -47.25 -43.70
C TYR I 107 7.02 -47.08 -42.54
N GLY I 108 7.42 -46.37 -41.48
CA GLY I 108 6.69 -46.41 -40.24
C GLY I 108 7.06 -47.64 -39.41
N SER I 109 6.56 -47.64 -38.17
CA SER I 109 6.92 -48.68 -37.21
C SER I 109 5.71 -49.18 -36.44
N GLY I 110 4.52 -49.09 -37.03
CA GLY I 110 3.34 -49.69 -36.43
C GLY I 110 3.01 -49.08 -35.09
N SER I 111 2.69 -49.95 -34.13
CA SER I 111 2.52 -49.58 -32.72
C SER I 111 1.46 -48.50 -32.53
N TYR I 112 0.24 -48.84 -32.91
CA TYR I 112 -0.87 -47.89 -32.98
C TYR I 112 -1.55 -47.77 -31.62
N LEU I 113 -1.53 -46.57 -31.07
CA LEU I 113 -2.10 -46.26 -29.76
C LEU I 113 -2.93 -44.99 -29.86
N ARG I 114 -3.71 -44.74 -28.81
CA ARG I 114 -4.51 -43.51 -28.70
C ARG I 114 -5.45 -43.38 -29.90
N TRP I 115 -6.31 -44.37 -30.00
CA TRP I 115 -7.06 -44.68 -31.20
C TRP I 115 -8.17 -43.65 -31.43
N GLY I 116 -8.71 -43.67 -32.65
CA GLY I 116 -9.95 -42.97 -32.91
C GLY I 116 -11.13 -43.63 -32.25
N GLN I 117 -12.18 -42.84 -32.04
CA GLN I 117 -13.34 -43.28 -31.27
C GLN I 117 -14.44 -43.87 -32.15
N GLY I 118 -14.29 -43.87 -33.47
CA GLY I 118 -15.06 -44.77 -34.31
C GLY I 118 -16.25 -44.18 -35.04
N THR I 119 -16.33 -44.47 -36.33
CA THR I 119 -17.51 -44.25 -37.14
C THR I 119 -18.09 -45.61 -37.53
N LEU I 120 -19.41 -45.73 -37.58
CA LEU I 120 -20.06 -46.94 -38.06
C LEU I 120 -20.64 -46.66 -39.43
N VAL I 121 -20.36 -47.54 -40.39
CA VAL I 121 -20.73 -47.32 -41.78
C VAL I 121 -21.53 -48.52 -42.25
N THR I 122 -22.77 -48.26 -42.69
CA THR I 122 -23.64 -49.24 -43.32
C THR I 122 -23.68 -48.94 -44.82
N VAL I 123 -22.99 -49.75 -45.61
CA VAL I 123 -22.90 -49.52 -47.06
C VAL I 123 -24.12 -50.19 -47.67
N SER I 124 -25.21 -49.41 -47.75
CA SER I 124 -26.47 -49.87 -48.31
C SER I 124 -27.06 -48.75 -49.15
N SER I 125 -27.93 -49.15 -50.09
CA SER I 125 -28.69 -48.18 -50.86
C SER I 125 -29.85 -47.59 -50.07
N ALA I 126 -30.32 -48.28 -49.03
CA ALA I 126 -31.50 -47.82 -48.31
C ALA I 126 -31.17 -46.53 -47.56
N SER I 127 -32.22 -45.94 -46.98
CA SER I 127 -32.19 -44.62 -46.39
C SER I 127 -32.41 -44.70 -44.89
N THR I 128 -32.17 -43.57 -44.23
CA THR I 128 -32.32 -43.52 -42.78
C THR I 128 -33.80 -43.60 -42.41
N LYS I 129 -34.05 -44.17 -41.24
CA LYS I 129 -35.38 -44.23 -40.65
C LYS I 129 -35.23 -43.99 -39.16
N GLY I 130 -35.86 -42.94 -38.66
CA GLY I 130 -35.65 -42.54 -37.30
C GLY I 130 -36.14 -43.62 -36.35
N PRO I 131 -35.47 -43.82 -35.21
CA PRO I 131 -35.82 -44.98 -34.39
C PRO I 131 -37.10 -44.73 -33.63
N SER I 132 -38.13 -45.53 -33.91
CA SER I 132 -39.39 -45.41 -33.19
C SER I 132 -39.25 -46.12 -31.84
N VAL I 133 -39.68 -45.44 -30.78
CA VAL I 133 -39.26 -45.75 -29.42
C VAL I 133 -40.52 -46.10 -28.62
N PHE I 134 -40.45 -47.21 -27.86
CA PHE I 134 -41.65 -47.87 -27.36
C PHE I 134 -41.51 -48.37 -25.92
N PRO I 135 -42.30 -47.88 -24.95
CA PRO I 135 -42.08 -48.27 -23.55
C PRO I 135 -42.44 -49.71 -23.27
N LEU I 136 -41.87 -50.22 -22.17
CA LEU I 136 -42.26 -51.50 -21.59
C LEU I 136 -42.38 -51.38 -20.08
N GLY I 151 -36.37 -53.01 -20.55
CA GLY I 151 -36.89 -51.69 -20.21
C GLY I 151 -37.32 -50.92 -21.45
N CYS I 152 -36.49 -49.95 -21.82
CA CYS I 152 -36.75 -49.15 -23.00
C CYS I 152 -36.55 -50.03 -24.24
N LEU I 153 -37.49 -49.96 -25.17
CA LEU I 153 -37.37 -50.63 -26.46
C LEU I 153 -37.49 -49.64 -27.61
N VAL I 154 -36.81 -49.97 -28.71
CA VAL I 154 -36.88 -49.24 -29.97
C VAL I 154 -37.08 -50.26 -31.08
N LYS I 155 -38.11 -50.05 -31.88
CA LYS I 155 -38.52 -50.97 -32.93
C LYS I 155 -37.52 -50.90 -34.10
N ASP I 156 -37.76 -51.75 -35.11
CA ASP I 156 -36.95 -51.80 -36.33
C ASP I 156 -36.68 -50.42 -36.89
N TYR I 157 -35.41 -50.07 -37.00
CA TYR I 157 -34.98 -48.77 -37.48
C TYR I 157 -33.74 -48.94 -38.33
N PHE I 158 -33.38 -47.88 -39.03
CA PHE I 158 -32.27 -47.90 -39.96
C PHE I 158 -31.64 -46.50 -39.94
N PRO I 159 -30.31 -46.37 -39.94
CA PRO I 159 -29.24 -47.35 -39.78
C PRO I 159 -29.03 -47.60 -38.30
N GLU I 160 -27.96 -48.30 -37.93
CA GLU I 160 -27.48 -48.32 -36.56
C GLU I 160 -26.51 -47.16 -36.34
N PRO I 161 -26.19 -46.82 -35.07
CA PRO I 161 -26.73 -47.23 -33.77
C PRO I 161 -27.54 -46.12 -33.10
N VAL I 162 -28.32 -46.48 -32.07
CA VAL I 162 -29.03 -45.53 -31.23
C VAL I 162 -28.42 -45.57 -29.84
N THR I 163 -28.16 -44.39 -29.26
CA THR I 163 -27.37 -44.25 -28.04
C THR I 163 -28.28 -43.80 -26.90
N VAL I 164 -28.43 -44.67 -25.89
CA VAL I 164 -29.24 -44.41 -24.70
C VAL I 164 -28.35 -43.87 -23.59
N SER I 165 -28.93 -43.04 -22.73
CA SER I 165 -28.24 -42.52 -21.55
C SER I 165 -29.24 -42.48 -20.40
N TRP I 166 -28.85 -41.84 -19.30
CA TRP I 166 -29.65 -41.89 -18.08
C TRP I 166 -30.83 -40.95 -18.13
N HIS I 176 -26.21 -53.75 -20.20
CA HIS I 176 -27.49 -53.05 -20.16
C HIS I 176 -28.16 -53.04 -21.53
N THR I 177 -27.36 -52.86 -22.58
CA THR I 177 -27.84 -52.80 -23.95
C THR I 177 -27.10 -53.83 -24.81
N PHE I 178 -27.85 -54.62 -25.56
CA PHE I 178 -27.29 -55.64 -26.43
C PHE I 178 -27.11 -55.09 -27.84
N PRO I 179 -26.36 -55.79 -28.71
CA PRO I 179 -26.27 -55.35 -30.11
C PRO I 179 -27.62 -55.41 -30.80
N ALA I 180 -27.84 -54.46 -31.71
CA ALA I 180 -29.05 -54.46 -32.51
C ALA I 180 -29.04 -55.64 -33.49
N VAL I 181 -30.24 -56.08 -33.88
CA VAL I 181 -30.43 -57.35 -34.56
C VAL I 181 -31.11 -57.08 -35.90
N LEU I 182 -30.61 -57.74 -36.94
CA LEU I 182 -31.12 -57.56 -38.29
C LEU I 182 -32.50 -58.22 -38.42
N LEU I 187 -33.08 -54.46 -41.08
CA LEU I 187 -33.78 -53.64 -40.11
C LEU I 187 -33.27 -53.91 -38.70
N TYR I 188 -33.03 -52.84 -37.95
CA TYR I 188 -32.35 -52.90 -36.67
C TYR I 188 -33.28 -52.45 -35.55
N SER I 189 -33.34 -53.24 -34.48
CA SER I 189 -34.17 -52.96 -33.32
C SER I 189 -33.30 -53.10 -32.08
N LEU I 190 -33.48 -52.19 -31.12
CA LEU I 190 -32.53 -52.09 -30.02
C LEU I 190 -33.24 -51.69 -28.73
N SER I 191 -32.88 -52.38 -27.65
CA SER I 191 -33.46 -52.16 -26.33
C SER I 191 -32.37 -51.93 -25.31
N SER I 192 -32.76 -51.30 -24.20
CA SER I 192 -31.89 -51.05 -23.06
C SER I 192 -32.67 -51.33 -21.78
N VAL I 193 -32.02 -52.00 -20.83
CA VAL I 193 -32.65 -52.35 -19.57
C VAL I 193 -32.26 -51.32 -18.52
N VAL I 194 -33.11 -51.18 -17.51
CA VAL I 194 -32.84 -50.29 -16.39
C VAL I 194 -32.15 -51.09 -15.30
N THR I 195 -30.97 -50.63 -14.89
CA THR I 195 -30.23 -51.28 -13.81
C THR I 195 -29.23 -50.30 -13.20
N ILE I 207 -35.74 -41.94 -18.35
CA ILE I 207 -34.64 -42.84 -18.02
C ILE I 207 -33.83 -43.16 -19.29
N CYS I 208 -34.49 -43.13 -20.44
CA CYS I 208 -33.99 -43.72 -21.68
C CYS I 208 -33.84 -42.61 -22.73
N ASN I 209 -32.62 -42.07 -22.83
CA ASN I 209 -32.30 -40.99 -23.77
C ASN I 209 -31.76 -41.58 -25.07
N VAL I 210 -32.61 -42.31 -25.78
CA VAL I 210 -32.19 -42.88 -27.07
C VAL I 210 -32.04 -41.77 -28.10
N ASN I 211 -30.93 -41.80 -28.82
CA ASN I 211 -30.51 -40.68 -29.66
C ASN I 211 -29.75 -41.24 -30.86
N HIS I 212 -30.07 -40.73 -32.06
CA HIS I 212 -29.65 -41.34 -33.32
C HIS I 212 -29.11 -40.25 -34.25
N LYS I 213 -27.78 -40.15 -34.30
CA LYS I 213 -27.13 -39.13 -35.13
C LYS I 213 -27.38 -39.27 -36.63
N PRO I 214 -27.35 -40.46 -37.24
CA PRO I 214 -27.66 -40.53 -38.67
C PRO I 214 -29.07 -40.06 -39.00
N SER I 215 -30.02 -40.26 -38.08
CA SER I 215 -31.36 -39.72 -38.21
C SER I 215 -31.53 -38.39 -37.50
N ASN I 216 -30.65 -38.06 -36.55
CA ASN I 216 -30.82 -36.91 -35.68
C ASN I 216 -32.18 -36.97 -35.01
N THR I 217 -32.49 -38.14 -34.46
CA THR I 217 -33.73 -38.40 -33.75
C THR I 217 -33.40 -38.57 -32.28
N LYS I 218 -33.96 -37.69 -31.44
CA LYS I 218 -33.45 -37.43 -30.09
C LYS I 218 -34.65 -37.65 -29.17
N VAL I 219 -34.84 -38.89 -28.69
CA VAL I 219 -36.10 -39.30 -28.08
C VAL I 219 -35.82 -39.79 -26.66
N ASP I 220 -36.61 -39.28 -25.71
CA ASP I 220 -36.46 -39.53 -24.29
C ASP I 220 -37.73 -40.18 -23.76
N LYS I 221 -37.57 -41.17 -22.89
CA LYS I 221 -38.72 -41.95 -22.44
C LYS I 221 -38.43 -42.61 -21.10
N LYS I 222 -39.50 -42.86 -20.33
CA LYS I 222 -39.43 -43.56 -19.06
C LYS I 222 -39.76 -45.03 -19.27
N VAL I 223 -39.16 -45.88 -18.43
CA VAL I 223 -39.38 -47.32 -18.50
C VAL I 223 -40.81 -47.65 -18.12
N ASP J 17 1.89 -59.42 -47.23
CA ASP J 17 2.02 -60.80 -47.67
C ASP J 17 2.28 -61.74 -46.49
N VAL J 18 2.69 -61.18 -45.35
CA VAL J 18 2.86 -61.98 -44.15
C VAL J 18 1.48 -62.30 -43.59
N VAL J 19 1.26 -63.59 -43.28
CA VAL J 19 0.02 -64.05 -42.68
C VAL J 19 0.32 -64.50 -41.25
N MET J 20 -0.48 -64.00 -40.31
CA MET J 20 -0.26 -64.14 -38.89
C MET J 20 -1.42 -64.94 -38.31
N THR J 21 -1.11 -65.93 -37.48
CA THR J 21 -2.06 -66.86 -36.92
C THR J 21 -1.96 -66.86 -35.40
N GLN J 22 -3.10 -66.79 -34.72
CA GLN J 22 -3.12 -66.87 -33.27
C GLN J 22 -3.50 -68.28 -32.86
N SER J 23 -2.66 -68.88 -31.99
CA SER J 23 -2.82 -70.30 -31.68
C SER J 23 -4.13 -70.58 -30.95
N PRO J 24 -4.39 -70.02 -29.76
CA PRO J 24 -5.69 -70.28 -29.14
C PRO J 24 -6.74 -69.35 -29.72
N LEU J 25 -7.82 -69.93 -30.25
CA LEU J 25 -8.97 -69.13 -30.64
C LEU J 25 -9.84 -68.81 -29.42
N SER J 26 -9.79 -69.65 -28.39
CA SER J 26 -10.47 -69.38 -27.14
C SER J 26 -9.65 -70.00 -26.03
N LEU J 27 -9.46 -69.25 -24.95
CA LEU J 27 -8.57 -69.63 -23.85
C LEU J 27 -9.29 -69.38 -22.54
N PRO J 28 -10.15 -70.31 -22.11
CA PRO J 28 -10.78 -70.15 -20.79
C PRO J 28 -9.77 -70.42 -19.69
N VAL J 29 -9.58 -69.42 -18.83
CA VAL J 29 -8.60 -69.46 -17.74
C VAL J 29 -9.26 -68.90 -16.50
N THR J 30 -9.00 -69.52 -15.36
CA THR J 30 -9.57 -69.05 -14.12
C THR J 30 -8.98 -67.69 -13.78
N PRO J 31 -9.70 -66.86 -13.01
CA PRO J 31 -9.07 -65.64 -12.50
C PRO J 31 -7.88 -65.95 -11.61
N GLY J 32 -6.85 -65.13 -11.72
CA GLY J 32 -5.72 -65.17 -10.81
C GLY J 32 -4.43 -65.66 -11.43
N GLU J 33 -4.49 -66.67 -12.28
CA GLU J 33 -3.32 -67.45 -12.61
C GLU J 33 -2.50 -66.79 -13.72
N PRO J 34 -1.21 -67.13 -13.84
CA PRO J 34 -0.47 -66.74 -15.03
C PRO J 34 -0.97 -67.50 -16.25
N ALA J 35 -0.79 -66.89 -17.42
CA ALA J 35 -1.19 -67.53 -18.67
C ALA J 35 -0.33 -67.00 -19.80
N SER J 36 -0.42 -67.66 -20.96
CA SER J 36 0.28 -67.22 -22.15
C SER J 36 -0.55 -67.54 -23.39
N ILE J 37 -0.47 -66.64 -24.37
CA ILE J 37 -1.12 -66.81 -25.67
C ILE J 37 -0.06 -66.73 -26.75
N SER J 38 -0.09 -67.66 -27.70
CA SER J 38 0.94 -67.73 -28.72
C SER J 38 0.43 -67.17 -30.04
N CYS J 39 1.37 -66.89 -30.94
CA CYS J 39 1.09 -66.32 -32.24
C CYS J 39 2.24 -66.72 -33.16
N ARG J 40 1.93 -66.97 -34.42
CA ARG J 40 2.92 -67.38 -35.40
C ARG J 40 2.73 -66.57 -36.68
N SER J 41 3.79 -66.52 -37.49
CA SER J 41 3.77 -65.80 -38.74
C SER J 41 4.36 -66.68 -39.84
N SER J 42 4.02 -66.35 -41.08
CA SER J 42 4.63 -67.03 -42.22
C SER J 42 6.12 -66.71 -42.30
N GLN J 43 6.46 -65.43 -42.43
CA GLN J 43 7.83 -65.00 -42.60
C GLN J 43 8.49 -64.81 -41.25
N THR J 44 9.77 -64.43 -41.28
CA THR J 44 10.51 -64.06 -40.09
C THR J 44 10.40 -62.56 -39.86
N LEU J 45 10.48 -62.17 -38.59
CA LEU J 45 10.13 -60.84 -38.15
C LEU J 45 11.33 -59.98 -37.77
N MET J 46 12.54 -60.48 -37.95
CA MET J 46 13.69 -60.00 -37.19
C MET J 46 14.38 -58.89 -37.97
N ASN J 47 14.40 -57.69 -37.39
CA ASN J 47 15.07 -56.57 -37.99
C ASN J 47 16.58 -56.77 -37.95
N ARG J 48 17.25 -56.03 -38.84
CA ARG J 48 18.71 -56.01 -38.84
C ARG J 48 19.24 -55.52 -37.50
N ASN J 49 18.66 -54.48 -36.93
CA ASN J 49 19.11 -54.01 -35.61
C ASN J 49 18.86 -55.05 -34.53
N GLY J 50 17.79 -55.85 -34.67
CA GLY J 50 17.38 -56.81 -33.66
C GLY J 50 15.97 -56.59 -33.13
N ASN J 51 15.25 -55.64 -33.72
CA ASN J 51 13.84 -55.43 -33.45
C ASN J 51 13.00 -56.44 -34.23
N ASN J 52 11.93 -56.92 -33.61
CA ASN J 52 11.03 -57.86 -34.27
C ASN J 52 9.81 -57.23 -34.92
N PHE J 53 9.36 -56.05 -34.48
CA PHE J 53 8.23 -55.37 -35.11
C PHE J 53 6.94 -56.19 -35.05
N LEU J 54 6.62 -56.69 -33.86
CA LEU J 54 5.33 -57.35 -33.65
C LEU J 54 4.69 -56.86 -32.36
N ASP J 55 3.42 -56.47 -32.47
CA ASP J 55 2.68 -55.77 -31.45
C ASP J 55 1.45 -56.58 -31.04
N TRP J 56 1.05 -56.40 -29.79
CA TRP J 56 -0.06 -57.11 -29.17
C TRP J 56 -1.09 -56.10 -28.66
N TYR J 57 -2.36 -56.40 -28.90
CA TYR J 57 -3.43 -55.44 -28.62
C TYR J 57 -4.54 -56.14 -27.86
N LEU J 58 -5.34 -55.30 -27.19
CA LEU J 58 -6.51 -55.65 -26.41
C LEU J 58 -7.67 -54.82 -26.91
N GLN J 59 -8.85 -55.42 -26.98
CA GLN J 59 -10.07 -54.66 -27.22
C GLN J 59 -11.16 -55.18 -26.30
N LYS J 60 -11.53 -54.34 -25.33
CA LYS J 60 -12.75 -54.55 -24.56
C LYS J 60 -13.93 -54.07 -25.39
N PRO J 61 -15.11 -54.67 -25.23
CA PRO J 61 -16.23 -54.28 -26.08
C PRO J 61 -16.68 -52.86 -25.79
N GLY J 62 -17.20 -52.21 -26.82
CA GLY J 62 -17.55 -50.80 -26.71
C GLY J 62 -16.39 -49.85 -26.60
N GLN J 63 -15.23 -50.21 -27.17
CA GLN J 63 -14.04 -49.35 -26.97
C GLN J 63 -13.13 -49.42 -28.20
N SER J 64 -12.31 -48.39 -28.37
CA SER J 64 -11.31 -48.42 -29.46
C SER J 64 -10.23 -49.41 -29.05
N PRO J 65 -9.45 -50.00 -29.99
CA PRO J 65 -8.34 -50.87 -29.61
C PRO J 65 -7.40 -50.22 -28.59
N GLN J 66 -6.66 -51.04 -27.83
CA GLN J 66 -5.70 -50.55 -26.85
C GLN J 66 -4.42 -51.34 -27.00
N LEU J 67 -3.29 -50.67 -27.04
CA LEU J 67 -2.01 -51.32 -27.29
C LEU J 67 -1.44 -51.83 -25.97
N LEU J 68 -0.89 -53.05 -26.01
CA LEU J 68 -0.33 -53.70 -24.83
C LEU J 68 1.18 -53.87 -24.92
N ILE J 69 1.68 -54.46 -26.00
CA ILE J 69 3.11 -54.67 -26.23
C ILE J 69 3.45 -54.23 -27.64
N TYR J 70 4.61 -53.62 -27.81
CA TYR J 70 5.01 -52.97 -29.04
C TYR J 70 6.21 -53.60 -29.73
N LEU J 71 6.89 -54.56 -29.10
CA LEU J 71 7.98 -55.25 -29.79
C LEU J 71 7.94 -56.75 -29.48
N GLY J 72 6.75 -57.28 -29.24
CA GLY J 72 6.62 -58.70 -28.97
C GLY J 72 6.87 -59.10 -27.53
N SER J 73 7.86 -58.46 -26.88
CA SER J 73 8.19 -58.77 -25.49
C SER J 73 8.35 -57.56 -24.59
N ASN J 74 8.46 -56.35 -25.14
CA ASN J 74 8.63 -55.15 -24.35
C ASN J 74 7.25 -54.73 -23.84
N ARG J 75 7.13 -53.54 -23.26
CA ARG J 75 5.82 -52.98 -22.95
C ARG J 75 5.75 -51.52 -23.37
N ALA J 76 4.61 -51.15 -23.95
CA ALA J 76 4.35 -49.77 -24.32
C ALA J 76 3.92 -48.96 -23.11
N PRO J 77 4.00 -47.63 -23.19
CA PRO J 77 3.67 -46.81 -22.01
C PRO J 77 2.20 -46.91 -21.66
N GLY J 78 1.92 -46.65 -20.38
CA GLY J 78 0.55 -46.66 -19.90
C GLY J 78 -0.08 -48.03 -20.01
N VAL J 79 0.65 -49.05 -19.60
CA VAL J 79 0.14 -50.42 -19.55
C VAL J 79 0.51 -50.96 -18.17
N PRO J 80 -0.30 -51.82 -17.53
CA PRO J 80 0.10 -52.32 -16.22
C PRO J 80 1.36 -53.17 -16.30
N ASP J 81 1.87 -53.51 -15.12
CA ASP J 81 3.09 -54.31 -15.01
C ASP J 81 2.85 -55.78 -15.25
N ARG J 82 1.60 -56.24 -15.19
CA ARG J 82 1.32 -57.67 -15.18
C ARG J 82 1.70 -58.33 -16.50
N PHE J 83 1.62 -57.59 -17.60
CA PHE J 83 1.73 -58.16 -18.93
C PHE J 83 3.19 -58.16 -19.37
N SER J 84 3.55 -59.15 -20.16
CA SER J 84 4.87 -59.25 -20.76
C SER J 84 4.74 -60.15 -21.99
N GLY J 85 5.83 -60.26 -22.75
CA GLY J 85 5.83 -61.07 -23.94
C GLY J 85 7.16 -61.79 -24.10
N SER J 86 7.24 -62.57 -25.17
CA SER J 86 8.47 -63.28 -25.52
C SER J 86 8.36 -63.77 -26.96
N GLY J 87 9.49 -64.21 -27.50
CA GLY J 87 9.55 -64.87 -28.78
C GLY J 87 10.34 -64.08 -29.81
N SER J 88 10.51 -64.71 -30.97
CA SER J 88 11.36 -64.20 -32.03
C SER J 88 11.10 -65.04 -33.28
N GLY J 89 11.85 -64.74 -34.34
CA GLY J 89 11.72 -65.48 -35.59
C GLY J 89 10.34 -65.36 -36.19
N THR J 90 9.62 -66.47 -36.21
CA THR J 90 8.27 -66.53 -36.74
C THR J 90 7.22 -66.70 -35.66
N ASP J 91 7.61 -66.89 -34.39
CA ASP J 91 6.64 -67.17 -33.32
C ASP J 91 6.85 -66.19 -32.18
N PHE J 92 5.74 -65.82 -31.54
CA PHE J 92 5.75 -64.79 -30.52
C PHE J 92 4.66 -65.13 -29.52
N THR J 93 4.74 -64.52 -28.34
CA THR J 93 3.92 -64.94 -27.22
C THR J 93 3.62 -63.75 -26.33
N LEU J 94 2.35 -63.60 -25.96
CA LEU J 94 1.95 -62.78 -24.84
C LEU J 94 1.96 -63.66 -23.60
N ARG J 95 2.13 -63.02 -22.45
CA ARG J 95 2.12 -63.76 -21.20
C ARG J 95 1.76 -62.84 -20.05
N ILE J 96 0.76 -63.24 -19.28
CA ILE J 96 0.23 -62.49 -18.16
C ILE J 96 0.73 -63.15 -16.88
N SER J 97 1.26 -62.32 -15.98
CA SER J 97 1.68 -62.81 -14.67
C SER J 97 0.48 -63.32 -13.88
N ARG J 98 -0.56 -62.50 -13.75
CA ARG J 98 -1.75 -62.84 -12.99
C ARG J 98 -2.96 -62.46 -13.85
N VAL J 99 -3.86 -63.42 -14.06
CA VAL J 99 -5.09 -63.13 -14.79
C VAL J 99 -6.09 -62.52 -13.84
N GLU J 100 -6.82 -61.52 -14.31
CA GLU J 100 -7.90 -60.90 -13.57
C GLU J 100 -9.09 -60.75 -14.50
N PRO J 101 -10.31 -60.65 -13.95
CA PRO J 101 -11.49 -60.62 -14.82
C PRO J 101 -11.66 -59.34 -15.63
N GLU J 102 -10.89 -58.28 -15.35
CA GLU J 102 -11.10 -57.05 -16.09
C GLU J 102 -10.62 -57.16 -17.53
N ASP J 103 -9.60 -57.97 -17.78
CA ASP J 103 -8.97 -58.04 -19.10
C ASP J 103 -9.72 -59.05 -19.97
N VAL J 104 -10.95 -58.67 -20.29
CA VAL J 104 -11.91 -59.52 -21.00
C VAL J 104 -12.20 -58.85 -22.34
N GLY J 105 -11.97 -59.57 -23.42
CA GLY J 105 -12.13 -59.03 -24.74
C GLY J 105 -11.17 -59.71 -25.68
N VAL J 106 -11.14 -59.24 -26.92
CA VAL J 106 -10.39 -59.95 -27.94
C VAL J 106 -8.97 -59.39 -27.98
N TYR J 107 -8.01 -60.27 -28.26
CA TYR J 107 -6.59 -59.95 -28.25
C TYR J 107 -6.02 -60.24 -29.63
N TYR J 108 -5.20 -59.30 -30.11
CA TYR J 108 -4.79 -59.26 -31.52
C TYR J 108 -3.29 -59.17 -31.67
N CYS J 109 -2.78 -59.86 -32.69
CA CYS J 109 -1.41 -59.74 -33.17
C CYS J 109 -1.32 -58.67 -34.25
N MET J 110 -0.10 -58.19 -34.50
CA MET J 110 0.13 -57.31 -35.64
C MET J 110 1.62 -57.27 -35.95
N GLN J 111 1.97 -57.33 -37.24
CA GLN J 111 3.35 -57.22 -37.70
C GLN J 111 3.52 -55.94 -38.50
N ALA J 112 4.65 -55.27 -38.31
CA ALA J 112 4.91 -53.97 -38.93
C ALA J 112 6.05 -53.99 -39.92
N LEU J 113 6.53 -55.16 -40.34
CA LEU J 113 7.57 -55.20 -41.37
C LEU J 113 7.02 -54.69 -42.70
N GLN J 114 5.85 -55.19 -43.08
CA GLN J 114 5.18 -54.72 -44.30
C GLN J 114 3.74 -55.20 -44.28
N THR J 115 2.82 -54.31 -44.61
CA THR J 115 1.39 -54.57 -44.72
C THR J 115 0.83 -55.27 -43.48
N PRO J 116 0.75 -54.60 -42.34
CA PRO J 116 -0.02 -55.14 -41.21
C PRO J 116 -1.45 -55.45 -41.61
N SER J 117 -1.95 -56.60 -41.12
CA SER J 117 -3.30 -57.07 -41.39
C SER J 117 -4.17 -57.30 -40.15
N PHE J 118 -3.59 -57.37 -38.95
CA PHE J 118 -4.34 -57.71 -37.73
C PHE J 118 -4.97 -59.09 -37.84
N GLY J 119 -4.14 -60.10 -38.11
CA GLY J 119 -4.61 -61.46 -38.04
C GLY J 119 -4.55 -61.90 -36.58
N GLY J 120 -5.64 -62.46 -36.10
CA GLY J 120 -5.67 -62.86 -34.71
C GLY J 120 -7.05 -63.32 -34.29
N GLY J 121 -7.46 -62.92 -33.09
CA GLY J 121 -8.78 -63.24 -32.60
C GLY J 121 -8.74 -64.11 -31.37
N THR J 122 -7.67 -64.02 -30.57
CA THR J 122 -7.71 -64.72 -29.30
C THR J 122 -8.82 -64.14 -28.44
N LYS J 123 -9.74 -64.99 -28.01
CA LYS J 123 -10.96 -64.56 -27.33
C LYS J 123 -10.86 -65.18 -25.95
N VAL J 124 -10.27 -64.43 -25.02
CA VAL J 124 -10.13 -64.92 -23.66
C VAL J 124 -11.51 -65.14 -23.07
N GLU J 125 -11.70 -66.32 -22.49
CA GLU J 125 -13.01 -66.88 -22.19
C GLU J 125 -13.03 -67.32 -20.73
N ILE J 126 -12.57 -66.42 -19.86
CA ILE J 126 -12.23 -66.70 -18.46
C ILE J 126 -13.34 -67.44 -17.71
N ARG J 127 -14.57 -67.30 -18.20
CA ARG J 127 -15.65 -68.19 -17.81
C ARG J 127 -15.38 -69.58 -18.39
N ARG J 128 -15.00 -70.52 -17.53
CA ARG J 128 -14.71 -71.88 -17.95
C ARG J 128 -15.97 -72.53 -18.53
N PRO J 133 -27.37 -65.99 -13.38
CA PRO J 133 -28.30 -65.94 -14.52
C PRO J 133 -29.63 -65.26 -14.19
N SER J 134 -29.64 -63.93 -14.26
CA SER J 134 -30.86 -63.17 -14.02
C SER J 134 -31.80 -63.28 -15.21
N VAL J 135 -33.07 -63.51 -14.92
CA VAL J 135 -34.14 -63.60 -15.91
C VAL J 135 -35.03 -62.38 -15.75
N PHE J 136 -35.17 -61.59 -16.82
CA PHE J 136 -36.03 -60.42 -16.82
C PHE J 136 -37.01 -60.50 -17.99
N ILE J 137 -38.26 -60.17 -17.73
CA ILE J 137 -39.27 -60.01 -18.78
C ILE J 137 -40.12 -58.81 -18.43
N PHE J 138 -40.30 -57.91 -19.41
CA PHE J 138 -41.16 -56.75 -19.30
C PHE J 138 -42.26 -56.81 -20.36
N PRO J 139 -43.40 -56.15 -20.14
CA PRO J 139 -44.57 -56.42 -20.97
C PRO J 139 -44.45 -55.75 -22.32
N PRO J 140 -45.37 -56.06 -23.24
CA PRO J 140 -45.32 -55.45 -24.58
C PRO J 140 -45.60 -53.96 -24.54
N SER J 141 -45.17 -53.30 -25.60
CA SER J 141 -45.40 -51.88 -25.77
C SER J 141 -46.79 -51.65 -26.35
N ASP J 142 -47.25 -50.39 -26.26
CA ASP J 142 -48.50 -50.02 -26.90
C ASP J 142 -48.45 -50.34 -28.39
N GLU J 143 -47.31 -50.12 -29.02
CA GLU J 143 -47.12 -50.37 -30.45
C GLU J 143 -45.64 -50.64 -30.71
N THR J 149 -47.06 -52.69 -34.46
CA THR J 149 -46.64 -54.04 -34.16
C THR J 149 -46.17 -54.13 -32.70
N ALA J 150 -45.56 -55.26 -32.34
CA ALA J 150 -45.40 -55.67 -30.95
C ALA J 150 -44.06 -56.34 -30.76
N SER J 151 -43.50 -56.13 -29.56
CA SER J 151 -42.22 -56.70 -29.15
C SER J 151 -42.22 -56.90 -27.64
N VAL J 152 -42.06 -58.15 -27.20
CA VAL J 152 -41.79 -58.47 -25.82
C VAL J 152 -40.30 -58.79 -25.70
N VAL J 153 -39.70 -58.39 -24.58
CA VAL J 153 -38.27 -58.54 -24.35
C VAL J 153 -38.05 -59.59 -23.27
N CYS J 154 -37.21 -60.58 -23.57
CA CYS J 154 -36.69 -61.51 -22.58
C CYS J 154 -35.19 -61.32 -22.47
N LEU J 155 -34.72 -60.95 -21.28
CA LEU J 155 -33.31 -60.66 -21.07
C LEU J 155 -32.73 -61.66 -20.08
N LEU J 156 -31.76 -62.44 -20.53
CA LEU J 156 -30.96 -63.31 -19.69
C LEU J 156 -29.68 -62.54 -19.44
N ASN J 157 -29.64 -61.80 -18.34
CA ASN J 157 -28.54 -60.92 -18.02
C ASN J 157 -27.71 -61.51 -16.90
N ASN J 158 -26.40 -61.44 -17.05
CA ASN J 158 -25.46 -61.91 -16.04
C ASN J 158 -25.68 -63.40 -15.75
N PHE J 159 -25.52 -64.21 -16.80
CA PHE J 159 -25.43 -65.66 -16.63
C PHE J 159 -23.99 -66.08 -16.88
N TYR J 160 -23.42 -66.76 -15.89
CA TYR J 160 -22.08 -67.32 -16.04
C TYR J 160 -22.02 -68.51 -17.00
N PRO J 161 -22.92 -69.54 -16.91
CA PRO J 161 -22.60 -70.84 -17.54
C PRO J 161 -22.43 -70.84 -19.06
N ARG J 162 -22.66 -69.72 -19.74
CA ARG J 162 -22.38 -69.52 -21.16
C ARG J 162 -23.40 -70.23 -22.06
N GLU J 163 -24.32 -71.01 -21.50
CA GLU J 163 -25.19 -71.88 -22.27
C GLU J 163 -26.63 -71.63 -21.87
N ALA J 164 -27.35 -70.91 -22.72
CA ALA J 164 -28.79 -70.72 -22.54
C ALA J 164 -29.46 -70.64 -23.89
N LYS J 165 -30.68 -71.18 -23.97
CA LYS J 165 -31.51 -71.04 -25.15
C LYS J 165 -32.86 -70.52 -24.69
N VAL J 166 -33.33 -69.48 -25.39
CA VAL J 166 -34.58 -68.77 -25.09
C VAL J 166 -35.61 -69.10 -26.15
N GLN J 167 -36.77 -69.56 -25.71
CA GLN J 167 -37.94 -69.75 -26.55
C GLN J 167 -39.14 -69.15 -25.82
N TRP J 168 -40.30 -69.12 -26.49
CA TRP J 168 -41.47 -68.43 -25.98
C TRP J 168 -42.63 -69.41 -25.91
N LYS J 169 -43.54 -69.15 -24.97
CA LYS J 169 -44.62 -70.08 -24.65
C LYS J 169 -45.89 -69.30 -24.38
N VAL J 170 -46.97 -69.72 -25.06
CA VAL J 170 -48.28 -69.11 -24.93
C VAL J 170 -49.35 -70.19 -25.04
N ASP J 171 -50.15 -70.34 -23.97
CA ASP J 171 -51.22 -71.36 -23.91
C ASP J 171 -50.66 -72.74 -24.19
N ASN J 172 -49.51 -73.05 -23.60
CA ASN J 172 -48.87 -74.36 -23.66
C ASN J 172 -48.30 -74.66 -25.05
N ALA J 173 -48.33 -73.70 -25.97
CA ALA J 173 -47.74 -73.88 -27.29
C ALA J 173 -46.43 -73.11 -27.36
N LEU J 174 -45.39 -73.77 -27.86
CA LEU J 174 -44.11 -73.11 -28.07
C LEU J 174 -44.16 -72.20 -29.29
N GLN J 175 -43.31 -71.19 -29.26
CA GLN J 175 -43.01 -70.38 -30.45
C GLN J 175 -41.53 -70.02 -30.38
N SER J 176 -40.73 -70.79 -31.10
CA SER J 176 -39.29 -70.58 -31.21
C SER J 176 -38.92 -69.82 -32.47
N GLY J 177 -39.76 -69.89 -33.51
CA GLY J 177 -39.55 -69.11 -34.71
C GLY J 177 -39.79 -67.62 -34.50
N ASN J 178 -39.21 -66.83 -35.41
CA ASN J 178 -39.30 -65.37 -35.36
C ASN J 178 -38.75 -64.83 -34.04
N SER J 179 -37.77 -65.51 -33.46
CA SER J 179 -37.14 -65.11 -32.21
C SER J 179 -35.79 -64.50 -32.54
N GLN J 180 -35.74 -63.17 -32.58
CA GLN J 180 -34.52 -62.46 -32.92
C GLN J 180 -33.68 -62.30 -31.66
N GLU J 181 -32.49 -62.88 -31.66
CA GLU J 181 -31.68 -63.04 -30.47
C GLU J 181 -30.36 -62.31 -30.63
N SER J 182 -29.84 -61.83 -29.51
CA SER J 182 -28.58 -61.09 -29.47
C SER J 182 -27.83 -61.52 -28.23
N VAL J 183 -26.67 -62.13 -28.42
CA VAL J 183 -25.82 -62.61 -27.34
C VAL J 183 -24.61 -61.70 -27.26
N THR J 184 -24.44 -61.01 -26.14
CA THR J 184 -23.21 -60.31 -25.85
C THR J 184 -22.30 -61.19 -24.99
N GLU J 185 -21.04 -60.80 -24.93
CA GLU J 185 -20.02 -61.63 -24.30
C GLU J 185 -20.05 -61.44 -22.79
N GLN J 186 -19.04 -62.00 -22.11
CA GLN J 186 -18.91 -61.91 -20.68
C GLN J 186 -18.74 -60.45 -20.24
N ASP J 187 -19.02 -60.20 -18.97
CA ASP J 187 -18.71 -58.95 -18.33
C ASP J 187 -17.22 -58.89 -18.00
N SER J 188 -16.75 -57.70 -17.64
CA SER J 188 -15.40 -57.53 -17.15
C SER J 188 -15.28 -57.69 -15.64
N LYS J 189 -16.39 -57.72 -14.90
CA LYS J 189 -16.37 -57.78 -13.45
C LYS J 189 -16.73 -59.15 -12.91
N ASP J 190 -17.87 -59.72 -13.33
CA ASP J 190 -18.29 -61.05 -12.89
C ASP J 190 -18.10 -62.11 -13.98
N SER J 191 -17.67 -61.71 -15.18
CA SER J 191 -17.37 -62.64 -16.27
C SER J 191 -18.61 -63.37 -16.76
N THR J 192 -19.79 -62.80 -16.54
CA THR J 192 -21.04 -63.48 -16.83
C THR J 192 -21.49 -63.13 -18.25
N TYR J 193 -21.81 -64.15 -19.03
CA TYR J 193 -22.40 -63.93 -20.33
C TYR J 193 -23.80 -63.35 -20.17
N SER J 194 -24.25 -62.65 -21.23
CA SER J 194 -25.61 -62.13 -21.28
C SER J 194 -26.16 -62.28 -22.70
N LEU J 195 -27.48 -62.38 -22.79
CA LEU J 195 -28.17 -62.37 -24.06
C LEU J 195 -29.58 -61.82 -23.88
N SER J 196 -30.19 -61.46 -25.01
CA SER J 196 -31.57 -61.01 -25.06
C SER J 196 -32.24 -61.66 -26.25
N SER J 197 -33.55 -61.88 -26.11
CA SER J 197 -34.38 -62.41 -27.16
C SER J 197 -35.62 -61.54 -27.28
N THR J 198 -36.03 -61.31 -28.53
CA THR J 198 -37.22 -60.53 -28.82
C THR J 198 -38.08 -61.34 -29.78
N LEU J 199 -39.36 -61.46 -29.47
CA LEU J 199 -40.34 -62.12 -30.31
C LEU J 199 -41.28 -61.03 -30.81
N THR J 200 -41.27 -60.80 -32.12
CA THR J 200 -41.96 -59.65 -32.72
C THR J 200 -43.18 -60.16 -33.47
N LEU J 201 -44.36 -59.69 -33.06
CA LEU J 201 -45.62 -60.00 -33.73
C LEU J 201 -46.40 -58.71 -33.96
N SER J 202 -47.23 -58.71 -34.99
CA SER J 202 -48.21 -57.64 -35.15
C SER J 202 -49.22 -57.68 -34.01
N LYS J 203 -49.88 -56.53 -33.77
CA LYS J 203 -50.97 -56.49 -32.79
C LYS J 203 -52.08 -57.47 -33.14
N ALA J 204 -52.41 -57.59 -34.43
CA ALA J 204 -53.32 -58.64 -34.84
C ALA J 204 -52.74 -60.01 -34.50
N ASP J 205 -51.47 -60.23 -34.82
CA ASP J 205 -50.80 -61.47 -34.45
C ASP J 205 -50.64 -61.61 -32.93
N TYR J 206 -50.30 -60.51 -32.26
CA TYR J 206 -49.76 -60.60 -30.91
C TYR J 206 -50.84 -60.71 -29.85
N GLU J 207 -51.93 -59.95 -30.00
CA GLU J 207 -52.84 -59.67 -28.90
C GLU J 207 -53.95 -60.71 -28.74
N LYS J 208 -54.08 -61.65 -29.69
CA LYS J 208 -55.14 -62.65 -29.60
C LYS J 208 -55.03 -63.52 -28.35
N HIS J 209 -53.84 -63.62 -27.76
CA HIS J 209 -53.62 -64.36 -26.51
C HIS J 209 -53.35 -63.38 -25.38
N LYS J 210 -53.61 -63.85 -24.15
CA LYS J 210 -53.64 -63.00 -22.96
C LYS J 210 -52.33 -63.01 -22.20
N VAL J 211 -51.86 -64.19 -21.81
CA VAL J 211 -50.70 -64.35 -20.94
C VAL J 211 -49.57 -64.93 -21.78
N TYR J 212 -48.39 -64.35 -21.64
CA TYR J 212 -47.21 -64.76 -22.39
C TYR J 212 -46.08 -65.13 -21.44
N ALA J 213 -45.14 -65.94 -21.94
CA ALA J 213 -44.08 -66.44 -21.06
C ALA J 213 -42.83 -66.68 -21.86
N CYS J 214 -41.70 -66.20 -21.33
CA CYS J 214 -40.38 -66.54 -21.84
C CYS J 214 -39.81 -67.66 -21.00
N GLU J 215 -39.45 -68.78 -21.65
CA GLU J 215 -38.95 -69.94 -20.94
C GLU J 215 -37.58 -70.31 -21.49
N VAL J 216 -36.68 -70.68 -20.58
CA VAL J 216 -35.25 -70.74 -20.84
C VAL J 216 -34.74 -72.09 -20.37
N THR J 217 -33.89 -72.70 -21.21
CA THR J 217 -33.12 -73.88 -20.85
C THR J 217 -31.67 -73.47 -20.67
N HIS J 218 -31.07 -73.87 -19.54
CA HIS J 218 -29.82 -73.30 -19.07
C HIS J 218 -29.01 -74.36 -18.34
N GLN J 219 -27.69 -74.16 -18.31
CA GLN J 219 -26.75 -75.14 -17.75
C GLN J 219 -26.45 -74.92 -16.27
N GLY J 220 -26.37 -73.67 -15.82
CA GLY J 220 -25.97 -73.42 -14.45
C GLY J 220 -26.98 -73.91 -13.45
N LEU J 221 -28.26 -73.67 -13.71
CA LEU J 221 -29.35 -74.18 -12.91
C LEU J 221 -29.62 -75.63 -13.31
N SER J 222 -30.72 -76.19 -12.79
CA SER J 222 -31.09 -77.58 -12.99
C SER J 222 -32.33 -77.75 -13.85
N SER J 223 -33.43 -77.05 -13.52
CA SER J 223 -34.73 -77.22 -14.16
C SER J 223 -35.09 -75.97 -14.96
N PRO J 224 -35.73 -76.09 -16.13
CA PRO J 224 -35.93 -74.91 -16.98
C PRO J 224 -36.76 -73.86 -16.28
N VAL J 225 -36.42 -72.58 -16.51
CA VAL J 225 -37.04 -71.47 -15.80
C VAL J 225 -37.83 -70.63 -16.78
N THR J 226 -39.05 -70.27 -16.38
CA THR J 226 -39.93 -69.44 -17.19
C THR J 226 -40.41 -68.26 -16.36
N LYS J 227 -40.50 -67.10 -17.00
CA LYS J 227 -41.12 -65.92 -16.42
C LYS J 227 -42.28 -65.50 -17.32
N SER J 228 -43.47 -65.44 -16.73
CA SER J 228 -44.71 -65.23 -17.44
C SER J 228 -45.42 -64.01 -16.89
N PHE J 229 -46.13 -63.32 -17.77
CA PHE J 229 -46.82 -62.09 -17.43
C PHE J 229 -48.18 -62.01 -18.12
N ASN J 230 -49.16 -61.57 -17.35
CA ASN J 230 -50.42 -61.04 -17.85
C ASN J 230 -50.26 -59.52 -17.99
N ARG J 231 -51.37 -58.82 -18.26
CA ARG J 231 -51.33 -57.36 -18.37
C ARG J 231 -50.88 -56.72 -17.06
N GLY J 232 -51.62 -56.96 -15.98
CA GLY J 232 -51.31 -56.38 -14.69
C GLY J 232 -51.20 -54.87 -14.71
N GLU J 233 -50.00 -54.33 -14.50
CA GLU J 233 -49.81 -52.89 -14.61
C GLU J 233 -49.85 -52.43 -16.06
N CYS J 234 -49.20 -53.17 -16.95
CA CYS J 234 -49.16 -52.82 -18.36
C CYS J 234 -48.70 -54.02 -19.19
N UNK K 1 -9.94 38.60 30.23
CA UNK K 1 -8.50 38.22 30.30
C UNK K 1 -8.25 36.88 29.62
N UNK K 2 -9.26 36.01 29.64
CA UNK K 2 -9.14 34.71 28.99
C UNK K 2 -9.12 34.85 27.48
N UNK K 3 -9.91 35.79 26.94
CA UNK K 3 -9.86 36.02 25.51
C UNK K 3 -8.49 36.51 25.09
N UNK K 4 -7.76 37.19 25.99
CA UNK K 4 -6.41 37.64 25.64
C UNK K 4 -5.50 36.44 25.38
N UNK K 5 -5.60 35.41 26.24
CA UNK K 5 -4.88 34.17 26.01
C UNK K 5 -5.34 33.49 24.72
N UNK K 6 -6.63 33.57 24.42
CA UNK K 6 -7.12 33.04 23.14
C UNK K 6 -6.51 33.77 21.96
N UNK K 7 -6.38 35.09 22.07
CA UNK K 7 -5.73 35.90 21.05
C UNK K 7 -4.26 35.52 20.89
N UNK K 8 -3.57 35.30 22.00
CA UNK K 8 -2.20 34.79 21.90
C UNK K 8 -2.16 33.43 21.22
N UNK K 9 -3.08 32.53 21.56
CA UNK K 9 -2.98 31.17 21.04
C UNK K 9 -3.27 31.12 19.54
N UNK K 10 -4.40 31.69 19.11
CA UNK K 10 -4.82 31.51 17.73
C UNK K 10 -3.83 32.19 16.79
N UNK K 11 -3.30 33.33 17.22
CA UNK K 11 -2.33 34.05 16.40
C UNK K 11 -1.08 33.21 16.26
N UNK K 12 -0.67 32.53 17.33
CA UNK K 12 0.54 31.72 17.28
C UNK K 12 0.36 30.56 16.31
N UNK K 13 -0.82 29.93 16.33
CA UNK K 13 -1.09 28.83 15.41
C UNK K 13 -1.10 29.29 13.96
N UNK K 14 -1.74 30.44 13.70
CA UNK K 14 -1.67 31.01 12.35
C UNK K 14 -0.23 31.37 11.99
N UNK K 15 0.51 31.92 12.94
CA UNK K 15 1.85 32.40 12.64
C UNK K 15 2.74 31.23 12.27
N UNK K 16 2.65 30.14 13.04
CA UNK K 16 3.50 28.99 12.77
C UNK K 16 3.15 28.36 11.42
N UNK K 17 1.85 28.24 11.12
CA UNK K 17 1.47 27.70 9.81
C UNK K 17 1.89 28.63 8.67
N UNK K 18 2.03 29.93 8.94
CA UNK K 18 2.61 30.86 7.97
C UNK K 18 4.13 30.74 7.84
N UNK K 19 4.83 30.51 8.95
CA UNK K 19 6.29 30.49 8.93
C UNK K 19 6.86 29.20 8.36
N UNK K 20 6.16 28.08 8.49
CA UNK K 20 6.74 26.81 8.07
C UNK K 20 6.84 26.69 6.56
N UNK K 21 6.03 27.42 5.81
CA UNK K 21 6.04 27.34 4.35
C UNK K 21 7.39 27.78 3.78
N UNK L 1 -6.75 51.71 30.17
CA UNK L 1 -5.51 52.54 30.32
C UNK L 1 -4.73 52.58 29.02
N UNK L 2 -3.84 53.56 28.91
CA UNK L 2 -3.02 53.77 27.73
C UNK L 2 -1.58 53.27 27.90
N UNK L 3 -1.29 52.51 28.95
CA UNK L 3 0.05 51.95 29.15
C UNK L 3 0.13 50.55 28.53
N UNK L 4 -0.75 49.65 28.96
CA UNK L 4 -0.77 48.30 28.40
C UNK L 4 -1.17 48.34 26.94
N UNK L 5 -2.09 49.25 26.61
CA UNK L 5 -2.62 49.32 25.26
C UNK L 5 -1.53 49.66 24.26
N UNK L 6 -0.61 50.56 24.60
CA UNK L 6 0.40 50.96 23.63
C UNK L 6 1.37 49.81 23.31
N UNK L 7 1.78 49.05 24.32
CA UNK L 7 2.61 47.87 24.08
C UNK L 7 1.86 46.81 23.27
N UNK L 8 0.59 46.57 23.61
CA UNK L 8 -0.19 45.65 22.80
C UNK L 8 -0.39 46.18 21.39
N UNK L 9 -0.53 47.48 21.22
CA UNK L 9 -0.68 48.07 19.89
C UNK L 9 0.61 47.91 19.10
N UNK L 10 1.76 48.02 19.75
CA UNK L 10 3.03 47.82 19.06
C UNK L 10 3.13 46.39 18.55
N UNK L 11 2.73 45.43 19.38
CA UNK L 11 2.62 44.06 18.89
C UNK L 11 1.56 43.95 17.79
N UNK L 12 0.47 44.70 17.89
CA UNK L 12 -0.60 44.64 16.88
C UNK L 12 -0.10 45.13 15.53
N UNK L 13 0.65 46.24 15.54
CA UNK L 13 1.22 46.79 14.31
C UNK L 13 2.24 45.81 13.72
N UNK L 14 3.13 45.27 14.56
CA UNK L 14 4.16 44.40 14.02
C UNK L 14 3.55 43.11 13.50
N UNK L 15 2.57 42.55 14.23
CA UNK L 15 1.94 41.31 13.77
C UNK L 15 1.11 41.54 12.51
N UNK L 16 0.44 42.69 12.39
CA UNK L 16 -0.29 42.98 11.16
C UNK L 16 0.67 43.10 9.98
N UNK L 17 1.85 43.68 10.22
CA UNK L 17 2.89 43.66 9.20
C UNK L 17 3.32 42.24 8.90
N UNK L 18 3.42 41.41 9.94
CA UNK L 18 3.95 40.06 9.74
C UNK L 18 2.97 39.22 8.93
N UNK L 19 1.68 39.37 9.18
CA UNK L 19 0.67 38.70 8.39
C UNK L 19 0.68 39.17 6.94
N UNK L 20 0.79 40.48 6.73
CA UNK L 20 0.84 40.99 5.35
C UNK L 20 2.08 40.49 4.62
N UNK L 21 3.24 40.54 5.26
CA UNK L 21 4.47 40.05 4.64
C UNK L 21 4.46 38.53 4.47
N UNK L 22 3.83 37.80 5.39
CA UNK L 22 3.72 36.36 5.20
C UNK L 22 2.82 36.04 4.02
N UNK L 23 1.81 36.88 3.77
CA UNK L 23 1.03 36.78 2.54
C UNK L 23 1.72 37.48 1.38
N UNK L 24 2.57 38.46 1.66
CA UNK L 24 3.28 39.22 0.61
C UNK L 24 4.78 39.03 0.75
C1 NAG M . 4.74 -39.72 -17.92
C2 NAG M . 5.60 -38.76 -17.08
C3 NAG M . 4.92 -38.47 -15.75
C4 NAG M . 4.75 -39.75 -14.94
C5 NAG M . 4.42 -40.92 -15.84
C6 NAG M . 3.42 -41.87 -15.25
C7 NAG M . 8.03 -38.83 -17.44
C8 NAG M . 9.31 -39.52 -17.09
N2 NAG M . 6.92 -39.31 -16.87
O3 NAG M . 3.64 -37.88 -15.98
O4 NAG M . 5.95 -40.03 -14.23
O5 NAG M . 3.83 -40.43 -17.06
O6 NAG M . 2.22 -41.20 -14.87
O7 NAG M . 8.00 -37.88 -18.22
C1 NAG N . 1.81 -15.35 -49.43
C2 NAG N . 1.18 -15.78 -48.09
C3 NAG N . -0.31 -15.42 -48.05
C4 NAG N . -0.52 -13.96 -48.43
C5 NAG N . 0.14 -13.67 -49.77
C6 NAG N . 0.03 -12.23 -50.19
C7 NAG N . 1.17 -17.78 -46.67
C8 NAG N . 1.38 -19.26 -46.61
N2 NAG N . 1.36 -17.21 -47.87
O3 NAG N . -0.82 -15.65 -46.75
O4 NAG N . -1.92 -13.70 -48.53
O5 NAG N . 1.54 -13.98 -49.67
O6 NAG N . -0.67 -11.47 -49.22
O7 NAG N . 0.85 -17.13 -45.68
C1 NAG O . 26.04 -24.15 -25.87
C2 NAG O . 27.07 -23.18 -25.28
C3 NAG O . 27.93 -23.92 -24.26
C4 NAG O . 27.07 -24.59 -23.21
C5 NAG O . 26.02 -25.48 -23.89
C6 NAG O . 25.07 -26.11 -22.91
C7 NAG O . 28.55 -21.41 -26.09
C8 NAG O . 29.35 -20.91 -27.25
N2 NAG O . 27.90 -22.56 -26.29
O3 NAG O . 28.83 -23.01 -23.63
O4 NAG O . 27.86 -25.37 -22.35
O5 NAG O . 25.25 -24.72 -24.82
O6 NAG O . 24.88 -25.31 -21.75
O7 NAG O . 28.49 -20.81 -25.03
C1 NAG P . 20.65 12.66 -66.29
C2 NAG P . 20.67 14.17 -66.00
C3 NAG P . 21.72 14.49 -64.96
C4 NAG P . 21.55 13.60 -63.73
C5 NAG P . 21.50 12.14 -64.15
C6 NAG P . 21.30 11.18 -62.99
C7 NAG P . 20.60 16.20 -67.37
C8 NAG P . 20.92 16.82 -68.70
N2 NAG P . 20.91 14.92 -67.22
O3 NAG P . 21.63 15.86 -64.58
O4 NAG P . 22.62 13.79 -62.82
O5 NAG P . 20.42 11.94 -65.07
O6 NAG P . 21.01 9.87 -63.45
O7 NAG P . 20.08 16.85 -66.46
C1 NAG Q . -0.12 14.11 -53.92
C2 NAG Q . 0.97 15.15 -53.78
C3 NAG Q . 0.35 16.54 -53.82
C4 NAG Q . -0.46 16.70 -55.10
C5 NAG Q . -1.46 15.55 -55.24
C6 NAG Q . -2.18 15.56 -56.56
C7 NAG Q . 1.17 14.90 -51.33
C8 NAG Q . 2.10 14.65 -50.19
N2 NAG Q . 1.73 14.94 -52.55
O3 NAG Q . 1.37 17.52 -53.75
O4 NAG Q . -1.15 17.94 -55.09
O5 NAG Q . -0.79 14.29 -55.15
O6 NAG Q . -3.17 14.54 -56.60
O7 NAG Q . -0.04 15.06 -51.16
C1 NAG R . 10.64 17.15 -63.55
C2 NAG R . 9.60 17.16 -64.70
C3 NAG R . 9.94 18.24 -65.74
C4 NAG R . 10.22 19.59 -65.08
C5 NAG R . 11.29 19.41 -64.02
C6 NAG R . 11.59 20.70 -63.29
C7 NAG R . 9.96 14.67 -65.04
C8 NAG R . 9.62 13.56 -65.98
N2 NAG R . 9.44 15.87 -65.37
O3 NAG R . 8.86 18.36 -66.65
O4 NAG R . 10.68 20.51 -66.06
O5 NAG R . 10.82 18.48 -63.05
O6 NAG R . 12.06 21.71 -64.16
O7 NAG R . 10.62 14.47 -64.02
#